data_2YTC
#
_entry.id   2YTC
#
_entity_poly.entity_id   1
_entity_poly.type   'polypeptide(L)'
_entity_poly.pdbx_seq_one_letter_code
;GSSGSSGEDKTITTLYVGGLGDTITETDLRNHFYQFGEIRTITVVQRQQCAFIQFATRQAAEVAAEKSFNKLIVNGRRLN
VKWGR
;
_entity_poly.pdbx_strand_id   A
#
# COMPACT_ATOMS: atom_id res chain seq x y z
N GLY A 1 11.54 22.76 -2.91
CA GLY A 1 11.37 21.57 -3.72
C GLY A 1 11.29 20.32 -2.88
N SER A 2 11.74 19.20 -3.44
CA SER A 2 11.72 17.92 -2.74
C SER A 2 13.13 17.45 -2.43
N SER A 3 13.27 16.69 -1.34
CA SER A 3 14.57 16.17 -0.92
C SER A 3 15.11 15.18 -1.95
N GLY A 4 14.25 14.27 -2.39
CA GLY A 4 14.67 13.28 -3.38
C GLY A 4 15.29 12.06 -2.73
N SER A 5 14.61 10.92 -2.83
CA SER A 5 15.10 9.68 -2.25
C SER A 5 14.95 8.52 -3.23
N SER A 6 15.76 7.49 -3.04
CA SER A 6 15.72 6.31 -3.92
C SER A 6 15.66 5.03 -3.10
N GLY A 7 14.44 4.56 -2.83
CA GLY A 7 14.27 3.34 -2.06
C GLY A 7 14.84 2.12 -2.77
N GLU A 8 14.43 0.93 -2.32
CA GLU A 8 14.91 -0.31 -2.91
C GLU A 8 13.79 -1.00 -3.69
N ASP A 9 13.03 -0.21 -4.44
CA ASP A 9 11.92 -0.75 -5.23
C ASP A 9 12.20 -0.57 -6.72
N LYS A 10 12.64 -1.64 -7.37
CA LYS A 10 12.93 -1.59 -8.80
C LYS A 10 11.73 -2.05 -9.62
N THR A 11 11.37 -3.32 -9.49
CA THR A 11 10.24 -3.88 -10.22
C THR A 11 9.19 -4.45 -9.26
N ILE A 12 9.13 -3.87 -8.06
CA ILE A 12 8.17 -4.32 -7.06
C ILE A 12 6.80 -3.69 -7.28
N THR A 13 5.78 -4.54 -7.37
CA THR A 13 4.41 -4.07 -7.58
C THR A 13 3.61 -4.10 -6.29
N THR A 14 4.17 -4.75 -5.27
CA THR A 14 3.50 -4.85 -3.97
C THR A 14 3.79 -3.62 -3.12
N LEU A 15 2.78 -3.18 -2.37
CA LEU A 15 2.92 -2.02 -1.51
C LEU A 15 2.40 -2.32 -0.10
N TYR A 16 3.25 -2.12 0.90
CA TYR A 16 2.88 -2.37 2.28
C TYR A 16 2.09 -1.19 2.86
N VAL A 17 1.07 -1.50 3.66
CA VAL A 17 0.25 -0.47 4.28
C VAL A 17 -0.01 -0.78 5.75
N GLY A 18 0.47 0.10 6.63
CA GLY A 18 0.28 -0.10 8.05
C GLY A 18 -0.69 0.90 8.65
N GLY A 19 -0.96 0.76 9.94
CA GLY A 19 -1.88 1.67 10.61
C GLY A 19 -3.31 1.50 10.14
N LEU A 20 -3.71 0.26 9.89
CA LEU A 20 -5.06 -0.03 9.43
C LEU A 20 -6.06 0.07 10.58
N GLY A 21 -5.86 -0.75 11.61
CA GLY A 21 -6.74 -0.74 12.76
C GLY A 21 -8.15 -1.17 12.41
N ASP A 22 -8.84 -1.78 13.37
CA ASP A 22 -10.21 -2.25 13.15
C ASP A 22 -11.01 -1.23 12.34
N THR A 23 -10.75 0.06 12.59
CA THR A 23 -11.45 1.12 11.90
C THR A 23 -11.38 0.93 10.39
N ILE A 24 -10.20 0.57 9.90
CA ILE A 24 -9.99 0.35 8.47
C ILE A 24 -10.11 -1.13 8.12
N THR A 25 -10.69 -1.40 6.95
CA THR A 25 -10.86 -2.78 6.50
C THR A 25 -10.17 -3.00 5.16
N GLU A 26 -10.29 -4.22 4.63
CA GLU A 26 -9.69 -4.57 3.35
C GLU A 26 -10.38 -3.83 2.21
N THR A 27 -11.68 -4.02 2.09
CA THR A 27 -12.46 -3.38 1.03
C THR A 27 -12.07 -1.91 0.88
N ASP A 28 -12.06 -1.19 2.00
CA ASP A 28 -11.70 0.23 1.98
C ASP A 28 -10.42 0.45 1.18
N LEU A 29 -9.49 -0.47 1.30
CA LEU A 29 -8.21 -0.38 0.59
C LEU A 29 -8.36 -0.83 -0.87
N ARG A 30 -8.92 -2.03 -1.05
CA ARG A 30 -9.11 -2.58 -2.38
C ARG A 30 -9.67 -1.52 -3.33
N ASN A 31 -10.64 -0.75 -2.84
CA ASN A 31 -11.25 0.31 -3.64
C ASN A 31 -10.34 1.52 -3.76
N HIS A 32 -9.74 1.91 -2.63
CA HIS A 32 -8.85 3.06 -2.59
C HIS A 32 -7.69 2.87 -3.57
N PHE A 33 -7.27 1.61 -3.75
CA PHE A 33 -6.17 1.30 -4.65
C PHE A 33 -6.69 0.91 -6.04
N TYR A 34 -7.77 0.13 -6.05
CA TYR A 34 -8.37 -0.32 -7.30
C TYR A 34 -8.44 0.83 -8.31
N GLN A 35 -8.69 2.03 -7.81
CA GLN A 35 -8.78 3.20 -8.67
C GLN A 35 -7.53 3.35 -9.53
N PHE A 36 -6.38 3.10 -8.93
CA PHE A 36 -5.10 3.21 -9.63
C PHE A 36 -5.03 2.19 -10.77
N GLY A 37 -5.41 0.95 -10.47
CA GLY A 37 -5.37 -0.10 -11.47
C GLY A 37 -5.71 -1.46 -10.89
N GLU A 38 -5.74 -2.48 -11.75
CA GLU A 38 -6.05 -3.83 -11.32
C GLU A 38 -5.24 -4.21 -10.09
N ILE A 39 -5.86 -4.99 -9.21
CA ILE A 39 -5.19 -5.42 -7.97
C ILE A 39 -5.00 -6.93 -7.97
N ARG A 40 -3.75 -7.37 -8.10
CA ARG A 40 -3.43 -8.79 -8.09
C ARG A 40 -4.03 -9.48 -6.87
N THR A 41 -3.77 -8.92 -5.70
CA THR A 41 -4.29 -9.47 -4.45
C THR A 41 -4.12 -8.49 -3.30
N ILE A 42 -4.75 -8.79 -2.17
CA ILE A 42 -4.68 -7.94 -1.00
C ILE A 42 -4.66 -8.76 0.29
N THR A 43 -3.50 -8.80 0.94
CA THR A 43 -3.36 -9.56 2.18
C THR A 43 -3.37 -8.63 3.39
N VAL A 44 -4.53 -8.52 4.04
CA VAL A 44 -4.67 -7.68 5.22
C VAL A 44 -4.40 -8.45 6.50
N VAL A 45 -3.28 -8.13 7.15
CA VAL A 45 -2.91 -8.80 8.40
C VAL A 45 -3.39 -8.01 9.61
N GLN A 46 -4.49 -8.45 10.19
CA GLN A 46 -5.07 -7.79 11.36
C GLN A 46 -4.07 -7.80 12.52
N ARG A 47 -3.43 -8.95 12.73
CA ARG A 47 -2.46 -9.09 13.80
C ARG A 47 -1.38 -8.01 13.71
N GLN A 48 -1.15 -7.52 12.50
CA GLN A 48 -0.14 -6.49 12.28
C GLN A 48 -0.78 -5.21 11.75
N GLN A 49 -2.10 -5.10 11.91
CA GLN A 49 -2.82 -3.92 11.45
C GLN A 49 -2.22 -3.38 10.16
N CYS A 50 -1.89 -4.29 9.24
CA CYS A 50 -1.31 -3.89 7.96
C CYS A 50 -1.94 -4.66 6.81
N ALA A 51 -1.59 -4.29 5.58
CA ALA A 51 -2.12 -4.96 4.40
C ALA A 51 -1.19 -4.77 3.20
N PHE A 52 -1.02 -5.84 2.43
CA PHE A 52 -0.15 -5.80 1.25
C PHE A 52 -0.98 -5.76 -0.02
N ILE A 53 -0.88 -4.65 -0.75
CA ILE A 53 -1.61 -4.47 -1.99
C ILE A 53 -0.74 -4.80 -3.21
N GLN A 54 -1.14 -5.82 -3.96
CA GLN A 54 -0.39 -6.22 -5.15
C GLN A 54 -1.09 -5.76 -6.42
N PHE A 55 -0.29 -5.31 -7.39
CA PHE A 55 -0.83 -4.84 -8.66
C PHE A 55 -0.31 -5.68 -9.83
N ALA A 56 -1.14 -5.86 -10.84
CA ALA A 56 -0.76 -6.63 -12.01
C ALA A 56 0.30 -5.91 -12.83
N THR A 57 0.22 -4.59 -12.86
CA THR A 57 1.17 -3.78 -13.61
C THR A 57 1.78 -2.69 -12.72
N ARG A 58 3.10 -2.75 -12.55
CA ARG A 58 3.79 -1.77 -11.73
C ARG A 58 3.18 -0.38 -11.89
N GLN A 59 2.76 -0.06 -13.11
CA GLN A 59 2.16 1.23 -13.39
C GLN A 59 1.30 1.70 -12.23
N ALA A 60 0.22 0.98 -11.97
CA ALA A 60 -0.69 1.32 -10.88
C ALA A 60 0.05 1.33 -9.54
N ALA A 61 1.00 0.42 -9.39
CA ALA A 61 1.78 0.33 -8.16
C ALA A 61 2.49 1.65 -7.85
N GLU A 62 3.30 2.11 -8.79
CA GLU A 62 4.03 3.35 -8.61
C GLU A 62 3.09 4.49 -8.23
N VAL A 63 2.12 4.76 -9.09
CA VAL A 63 1.15 5.83 -8.84
C VAL A 63 0.65 5.78 -7.40
N ALA A 64 0.02 4.68 -7.04
CA ALA A 64 -0.51 4.51 -5.69
C ALA A 64 0.59 4.66 -4.65
N ALA A 65 1.78 4.14 -4.96
CA ALA A 65 2.92 4.22 -4.05
C ALA A 65 3.11 5.63 -3.55
N GLU A 66 3.55 6.52 -4.44
CA GLU A 66 3.78 7.91 -4.09
C GLU A 66 2.55 8.52 -3.44
N LYS A 67 1.38 8.24 -4.01
CA LYS A 67 0.13 8.77 -3.49
C LYS A 67 -0.24 8.09 -2.17
N SER A 68 0.57 7.12 -1.77
CA SER A 68 0.34 6.40 -0.52
C SER A 68 1.42 6.72 0.51
N PHE A 69 2.62 7.02 0.03
CA PHE A 69 3.74 7.33 0.89
C PHE A 69 3.33 8.35 1.95
N ASN A 70 2.99 7.86 3.15
CA ASN A 70 2.58 8.73 4.24
C ASN A 70 1.59 9.78 3.76
N LYS A 71 0.88 9.47 2.68
CA LYS A 71 -0.10 10.39 2.12
C LYS A 71 -1.49 9.76 2.11
N LEU A 72 -1.53 8.44 2.07
CA LEU A 72 -2.80 7.71 2.05
C LEU A 72 -3.48 7.78 3.42
N ILE A 73 -4.46 8.67 3.55
CA ILE A 73 -5.18 8.83 4.80
C ILE A 73 -6.64 8.41 4.64
N VAL A 74 -6.94 7.17 5.02
CA VAL A 74 -8.30 6.64 4.92
C VAL A 74 -8.99 6.68 6.28
N ASN A 75 -10.26 7.07 6.28
CA ASN A 75 -11.05 7.14 7.50
C ASN A 75 -10.39 8.09 8.51
N GLY A 76 -10.04 9.28 8.05
CA GLY A 76 -9.41 10.25 8.93
C GLY A 76 -8.30 9.65 9.76
N ARG A 77 -7.59 8.69 9.19
CA ARG A 77 -6.49 8.02 9.89
C ARG A 77 -5.31 7.80 8.95
N ARG A 78 -4.26 8.61 9.12
CA ARG A 78 -3.07 8.50 8.29
C ARG A 78 -2.56 7.06 8.27
N LEU A 79 -1.94 6.67 7.15
CA LEU A 79 -1.40 5.33 7.00
C LEU A 79 0.02 5.37 6.44
N ASN A 80 0.90 4.58 7.03
CA ASN A 80 2.30 4.53 6.59
C ASN A 80 2.48 3.46 5.51
N VAL A 81 2.56 3.89 4.26
CA VAL A 81 2.74 2.97 3.15
C VAL A 81 4.19 2.93 2.69
N LYS A 82 4.69 1.72 2.43
CA LYS A 82 6.07 1.54 1.99
C LYS A 82 6.19 0.37 1.03
N TRP A 83 7.11 0.47 0.09
CA TRP A 83 7.32 -0.59 -0.90
C TRP A 83 7.59 -1.92 -0.22
N GLY A 84 7.06 -3.00 -0.79
CA GLY A 84 7.26 -4.32 -0.22
C GLY A 84 8.46 -5.04 -0.81
N ARG A 85 8.28 -6.32 -1.14
CA ARG A 85 9.36 -7.11 -1.70
C ARG A 85 8.98 -7.64 -3.08
N GLY A 1 11.37 17.00 7.10
CA GLY A 1 11.95 15.74 7.56
C GLY A 1 13.01 15.21 6.62
N SER A 2 13.29 13.92 6.71
CA SER A 2 14.30 13.29 5.87
C SER A 2 13.65 12.49 4.75
N SER A 3 12.61 11.74 5.09
CA SER A 3 11.90 10.91 4.10
C SER A 3 12.88 10.29 3.11
N GLY A 4 14.01 9.81 3.63
CA GLY A 4 15.01 9.19 2.78
C GLY A 4 14.60 7.81 2.31
N SER A 5 15.51 6.85 2.45
CA SER A 5 15.23 5.48 2.03
C SER A 5 14.80 5.43 0.57
N SER A 6 15.47 6.22 -0.26
CA SER A 6 15.15 6.28 -1.69
C SER A 6 16.05 5.32 -2.49
N GLY A 7 15.62 5.02 -3.70
CA GLY A 7 16.40 4.11 -4.54
C GLY A 7 15.60 3.60 -5.72
N GLU A 8 15.27 2.30 -5.69
CA GLU A 8 14.51 1.69 -6.77
C GLU A 8 13.78 0.44 -6.27
N ASP A 9 12.86 -0.06 -7.08
CA ASP A 9 12.08 -1.24 -6.73
C ASP A 9 12.11 -2.27 -7.86
N LYS A 10 12.68 -3.44 -7.58
CA LYS A 10 12.76 -4.51 -8.57
C LYS A 10 11.37 -4.97 -8.99
N THR A 11 10.82 -4.34 -10.02
CA THR A 11 9.50 -4.69 -10.52
C THR A 11 8.56 -5.03 -9.37
N ILE A 12 8.76 -4.40 -8.22
CA ILE A 12 7.93 -4.64 -7.06
C ILE A 12 6.55 -4.02 -7.22
N THR A 13 5.59 -4.83 -7.67
CA THR A 13 4.23 -4.36 -7.87
C THR A 13 3.39 -4.52 -6.61
N THR A 14 4.05 -4.51 -5.46
CA THR A 14 3.36 -4.66 -4.18
C THR A 14 3.65 -3.49 -3.26
N LEU A 15 2.64 -3.06 -2.53
CA LEU A 15 2.78 -1.93 -1.60
C LEU A 15 2.36 -2.33 -0.20
N TYR A 16 3.11 -1.86 0.79
CA TYR A 16 2.83 -2.16 2.19
C TYR A 16 2.07 -1.01 2.86
N VAL A 17 1.18 -1.36 3.79
CA VAL A 17 0.40 -0.37 4.50
C VAL A 17 0.26 -0.72 5.97
N GLY A 18 0.45 0.27 6.84
CA GLY A 18 0.35 0.03 8.27
C GLY A 18 -0.63 0.98 8.94
N GLY A 19 -0.97 0.69 10.19
CA GLY A 19 -1.90 1.52 10.92
C GLY A 19 -3.32 1.42 10.39
N LEU A 20 -3.76 0.19 10.14
CA LEU A 20 -5.11 -0.05 9.63
C LEU A 20 -6.13 0.00 10.76
N GLY A 21 -5.96 -0.88 11.75
CA GLY A 21 -6.88 -0.92 12.87
C GLY A 21 -8.27 -1.35 12.46
N ASP A 22 -9.07 -1.75 13.45
CA ASP A 22 -10.43 -2.19 13.19
C ASP A 22 -11.17 -1.17 12.32
N THR A 23 -10.92 0.11 12.57
CA THR A 23 -11.57 1.18 11.82
C THR A 23 -11.43 0.95 10.32
N ILE A 24 -10.22 0.59 9.89
CA ILE A 24 -9.96 0.35 8.47
C ILE A 24 -10.08 -1.14 8.15
N THR A 25 -10.60 -1.44 6.96
CA THR A 25 -10.77 -2.82 6.53
C THR A 25 -10.03 -3.09 5.22
N GLU A 26 -10.20 -4.29 4.68
CA GLU A 26 -9.54 -4.66 3.43
C GLU A 26 -10.15 -3.92 2.24
N THR A 27 -11.45 -4.09 2.07
CA THR A 27 -12.17 -3.44 0.97
C THR A 27 -11.77 -1.98 0.85
N ASP A 28 -11.75 -1.27 1.97
CA ASP A 28 -11.37 0.13 1.99
C ASP A 28 -10.14 0.38 1.13
N LEU A 29 -9.10 -0.41 1.37
CA LEU A 29 -7.85 -0.28 0.62
C LEU A 29 -8.02 -0.77 -0.81
N ARG A 30 -8.67 -1.92 -0.96
CA ARG A 30 -8.90 -2.51 -2.27
C ARG A 30 -9.49 -1.49 -3.23
N ASN A 31 -10.49 -0.75 -2.76
CA ASN A 31 -11.14 0.27 -3.58
C ASN A 31 -10.27 1.51 -3.69
N HIS A 32 -9.64 1.89 -2.59
CA HIS A 32 -8.78 3.06 -2.57
C HIS A 32 -7.61 2.90 -3.55
N PHE A 33 -7.15 1.66 -3.71
CA PHE A 33 -6.04 1.37 -4.61
C PHE A 33 -6.57 0.95 -6.00
N TYR A 34 -7.64 0.19 -6.01
CA TYR A 34 -8.24 -0.28 -7.25
C TYR A 34 -8.37 0.87 -8.25
N GLN A 35 -8.71 2.04 -7.75
CA GLN A 35 -8.86 3.22 -8.60
C GLN A 35 -7.63 3.44 -9.46
N PHE A 36 -6.46 3.18 -8.89
CA PHE A 36 -5.20 3.36 -9.60
C PHE A 36 -5.11 2.37 -10.77
N GLY A 37 -5.48 1.13 -10.52
CA GLY A 37 -5.43 0.12 -11.55
C GLY A 37 -5.92 -1.23 -11.07
N GLU A 38 -5.42 -2.30 -11.69
CA GLU A 38 -5.82 -3.65 -11.32
C GLU A 38 -5.02 -4.15 -10.11
N ILE A 39 -5.71 -4.78 -9.17
CA ILE A 39 -5.07 -5.30 -7.97
C ILE A 39 -4.92 -6.82 -8.03
N ARG A 40 -3.69 -7.28 -8.11
CA ARG A 40 -3.42 -8.72 -8.18
C ARG A 40 -3.95 -9.43 -6.93
N THR A 41 -3.61 -8.89 -5.77
CA THR A 41 -4.04 -9.46 -4.51
C THR A 41 -3.85 -8.48 -3.35
N ILE A 42 -4.57 -8.70 -2.26
CA ILE A 42 -4.49 -7.84 -1.09
C ILE A 42 -4.52 -8.66 0.20
N THR A 43 -3.37 -8.74 0.86
CA THR A 43 -3.26 -9.48 2.11
C THR A 43 -3.28 -8.54 3.32
N VAL A 44 -4.45 -8.44 3.96
CA VAL A 44 -4.60 -7.59 5.12
C VAL A 44 -4.37 -8.36 6.41
N VAL A 45 -3.20 -8.18 7.02
CA VAL A 45 -2.86 -8.86 8.25
C VAL A 45 -3.37 -8.10 9.47
N GLN A 46 -4.50 -8.53 10.01
CA GLN A 46 -5.10 -7.87 11.17
C GLN A 46 -4.15 -7.93 12.36
N ARG A 47 -3.62 -9.11 12.64
CA ARG A 47 -2.70 -9.30 13.75
C ARG A 47 -1.48 -8.38 13.61
N GLN A 48 -1.34 -7.78 12.44
CA GLN A 48 -0.22 -6.88 12.18
C GLN A 48 -0.71 -5.53 11.69
N GLN A 49 -2.00 -5.27 11.86
CA GLN A 49 -2.60 -4.01 11.42
C GLN A 49 -1.91 -3.48 10.17
N CYS A 50 -1.79 -4.34 9.16
CA CYS A 50 -1.14 -3.96 7.91
C CYS A 50 -1.75 -4.71 6.73
N ALA A 51 -1.47 -4.23 5.52
CA ALA A 51 -1.98 -4.86 4.32
C ALA A 51 -1.02 -4.70 3.15
N PHE A 52 -1.00 -5.68 2.26
CA PHE A 52 -0.12 -5.65 1.11
C PHE A 52 -0.93 -5.65 -0.19
N ILE A 53 -0.93 -4.51 -0.88
CA ILE A 53 -1.66 -4.39 -2.14
C ILE A 53 -0.76 -4.69 -3.33
N GLN A 54 -1.16 -5.67 -4.12
CA GLN A 54 -0.39 -6.06 -5.30
C GLN A 54 -1.07 -5.58 -6.58
N PHE A 55 -0.26 -5.27 -7.59
CA PHE A 55 -0.77 -4.80 -8.86
C PHE A 55 -0.23 -5.62 -10.01
N ALA A 56 -1.09 -5.92 -10.99
CA ALA A 56 -0.68 -6.71 -12.14
C ALA A 56 0.39 -5.99 -12.95
N THR A 57 0.31 -4.67 -13.00
CA THR A 57 1.28 -3.87 -13.73
C THR A 57 1.88 -2.78 -12.84
N ARG A 58 3.19 -2.85 -12.64
CA ARG A 58 3.88 -1.87 -11.81
C ARG A 58 3.28 -0.49 -11.98
N GLN A 59 2.84 -0.18 -13.19
CA GLN A 59 2.23 1.12 -13.48
C GLN A 59 1.40 1.61 -12.31
N ALA A 60 0.29 0.93 -12.05
CA ALA A 60 -0.59 1.28 -10.94
C ALA A 60 0.18 1.36 -9.63
N ALA A 61 0.96 0.32 -9.35
CA ALA A 61 1.75 0.26 -8.13
C ALA A 61 2.48 1.58 -7.88
N GLU A 62 3.33 1.96 -8.83
CA GLU A 62 4.09 3.20 -8.70
C GLU A 62 3.18 4.38 -8.37
N VAL A 63 2.14 4.57 -9.17
CA VAL A 63 1.20 5.65 -8.95
C VAL A 63 0.68 5.66 -7.51
N ALA A 64 0.05 4.55 -7.11
CA ALA A 64 -0.49 4.43 -5.76
C ALA A 64 0.61 4.64 -4.72
N ALA A 65 1.82 4.17 -5.03
CA ALA A 65 2.95 4.30 -4.12
C ALA A 65 3.17 5.76 -3.73
N GLU A 66 3.29 6.62 -4.74
CA GLU A 66 3.51 8.04 -4.50
C GLU A 66 2.26 8.69 -3.90
N LYS A 67 1.10 8.13 -4.22
CA LYS A 67 -0.16 8.66 -3.71
C LYS A 67 -0.56 7.95 -2.42
N SER A 68 0.34 7.10 -1.91
CA SER A 68 0.07 6.36 -0.69
C SER A 68 1.11 6.71 0.38
N PHE A 69 2.33 7.00 -0.06
CA PHE A 69 3.41 7.34 0.86
C PHE A 69 3.01 8.50 1.75
N ASN A 70 2.80 8.21 3.03
CA ASN A 70 2.42 9.24 4.00
C ASN A 70 1.40 10.19 3.40
N LYS A 71 0.54 9.67 2.53
CA LYS A 71 -0.49 10.47 1.88
C LYS A 71 -1.86 9.80 2.00
N LEU A 72 -1.87 8.47 1.87
CA LEU A 72 -3.11 7.71 1.95
C LEU A 72 -3.71 7.80 3.36
N ILE A 73 -4.72 8.65 3.51
CA ILE A 73 -5.37 8.84 4.80
C ILE A 73 -6.84 8.45 4.72
N VAL A 74 -7.14 7.19 5.06
CA VAL A 74 -8.51 6.70 5.02
C VAL A 74 -9.13 6.74 6.41
N ASN A 75 -10.41 7.11 6.46
CA ASN A 75 -11.13 7.19 7.73
C ASN A 75 -10.43 8.15 8.70
N GLY A 76 -9.99 9.29 8.17
CA GLY A 76 -9.32 10.28 8.99
C GLY A 76 -8.24 9.67 9.86
N ARG A 77 -7.58 8.64 9.35
CA ARG A 77 -6.52 7.96 10.09
C ARG A 77 -5.29 7.73 9.20
N ARG A 78 -4.31 8.61 9.34
CA ARG A 78 -3.08 8.50 8.55
C ARG A 78 -2.59 7.05 8.50
N LEU A 79 -1.96 6.69 7.39
CA LEU A 79 -1.45 5.33 7.20
C LEU A 79 -0.01 5.36 6.69
N ASN A 80 0.85 4.54 7.28
CA ASN A 80 2.25 4.46 6.88
C ASN A 80 2.44 3.43 5.77
N VAL A 81 2.49 3.91 4.53
CA VAL A 81 2.68 3.03 3.38
C VAL A 81 4.12 3.06 2.89
N LYS A 82 4.63 1.88 2.52
CA LYS A 82 6.00 1.77 2.03
C LYS A 82 6.12 0.67 1.00
N TRP A 83 7.06 0.83 0.08
CA TRP A 83 7.28 -0.16 -0.99
C TRP A 83 7.45 -1.55 -0.39
N GLY A 84 6.78 -2.53 -0.99
CA GLY A 84 6.87 -3.90 -0.51
C GLY A 84 8.29 -4.43 -0.53
N ARG A 85 8.51 -5.51 -1.29
CA ARG A 85 9.83 -6.11 -1.39
C ARG A 85 10.92 -5.04 -1.37
N GLY A 1 25.44 8.70 9.10
CA GLY A 1 24.80 7.40 9.06
C GLY A 1 23.72 7.25 10.12
N SER A 2 22.48 7.51 9.72
CA SER A 2 21.35 7.41 10.65
C SER A 2 20.53 6.16 10.36
N SER A 3 20.00 6.06 9.14
CA SER A 3 19.20 4.92 8.75
C SER A 3 19.95 4.04 7.75
N GLY A 4 19.90 2.73 7.97
CA GLY A 4 20.58 1.79 7.10
C GLY A 4 19.66 0.72 6.57
N SER A 5 18.94 1.03 5.49
CA SER A 5 18.01 0.08 4.89
C SER A 5 18.11 0.11 3.37
N SER A 6 18.52 -1.02 2.78
CA SER A 6 18.66 -1.12 1.33
C SER A 6 18.41 -2.55 0.87
N GLY A 7 17.56 -2.70 -0.15
CA GLY A 7 17.26 -4.01 -0.68
C GLY A 7 17.28 -4.05 -2.19
N GLU A 8 16.39 -4.86 -2.77
CA GLU A 8 16.31 -4.98 -4.22
C GLU A 8 14.92 -4.64 -4.73
N ASP A 9 14.69 -3.35 -4.99
CA ASP A 9 13.40 -2.89 -5.47
C ASP A 9 13.51 -2.37 -6.90
N LYS A 10 13.12 -3.19 -7.87
CA LYS A 10 13.17 -2.83 -9.27
C LYS A 10 11.77 -2.79 -9.89
N THR A 11 11.14 -3.96 -9.97
CA THR A 11 9.79 -4.07 -10.52
C THR A 11 8.81 -4.59 -9.49
N ILE A 12 8.95 -4.14 -8.25
CA ILE A 12 8.08 -4.57 -7.17
C ILE A 12 6.68 -3.98 -7.34
N THR A 13 5.71 -4.84 -7.66
CA THR A 13 4.33 -4.40 -7.84
C THR A 13 3.52 -4.59 -6.57
N THR A 14 4.20 -4.48 -5.42
CA THR A 14 3.54 -4.64 -4.14
C THR A 14 3.84 -3.45 -3.22
N LEU A 15 2.84 -3.04 -2.44
CA LEU A 15 3.00 -1.92 -1.53
C LEU A 15 2.43 -2.25 -0.16
N TYR A 16 3.25 -2.12 0.88
CA TYR A 16 2.83 -2.41 2.24
C TYR A 16 2.10 -1.23 2.85
N VAL A 17 1.07 -1.51 3.65
CA VAL A 17 0.29 -0.46 4.29
C VAL A 17 0.02 -0.79 5.76
N GLY A 18 0.34 0.14 6.65
CA GLY A 18 0.12 -0.07 8.06
C GLY A 18 -0.84 0.92 8.66
N GLY A 19 -1.16 0.75 9.94
CA GLY A 19 -2.09 1.64 10.61
C GLY A 19 -3.52 1.43 10.16
N LEU A 20 -3.89 0.18 9.91
CA LEU A 20 -5.23 -0.15 9.47
C LEU A 20 -6.20 -0.21 10.65
N GLY A 21 -5.88 -1.06 11.62
CA GLY A 21 -6.73 -1.20 12.79
C GLY A 21 -8.13 -1.67 12.44
N ASP A 22 -8.85 -2.16 13.44
CA ASP A 22 -10.21 -2.65 13.24
C ASP A 22 -11.06 -1.60 12.51
N THR A 23 -10.80 -0.34 12.80
CA THR A 23 -11.53 0.75 12.18
C THR A 23 -11.53 0.62 10.66
N ILE A 24 -10.34 0.39 10.09
CA ILE A 24 -10.21 0.24 8.65
C ILE A 24 -10.26 -1.23 8.25
N THR A 25 -10.88 -1.50 7.11
CA THR A 25 -10.99 -2.87 6.60
C THR A 25 -10.24 -3.03 5.28
N GLU A 26 -10.35 -4.22 4.69
CA GLU A 26 -9.68 -4.50 3.43
C GLU A 26 -10.33 -3.72 2.28
N THR A 27 -11.64 -3.92 2.11
CA THR A 27 -12.37 -3.25 1.04
C THR A 27 -12.01 -1.76 0.99
N ASP A 28 -12.06 -1.10 2.13
CA ASP A 28 -11.73 0.33 2.21
C ASP A 28 -10.48 0.64 1.39
N LEU A 29 -9.49 -0.24 1.48
CA LEU A 29 -8.24 -0.06 0.75
C LEU A 29 -8.39 -0.52 -0.70
N ARG A 30 -8.81 -1.76 -0.89
CA ARG A 30 -8.99 -2.31 -2.22
C ARG A 30 -9.60 -1.27 -3.17
N ASN A 31 -10.52 -0.48 -2.65
CA ASN A 31 -11.18 0.55 -3.44
C ASN A 31 -10.26 1.74 -3.66
N HIS A 32 -9.59 2.16 -2.59
CA HIS A 32 -8.67 3.30 -2.65
C HIS A 32 -7.56 3.04 -3.67
N PHE A 33 -7.14 1.78 -3.78
CA PHE A 33 -6.09 1.41 -4.72
C PHE A 33 -6.68 0.98 -6.06
N TYR A 34 -7.80 0.27 -6.01
CA TYR A 34 -8.47 -0.20 -7.22
C TYR A 34 -8.54 0.91 -8.27
N GLN A 35 -8.57 2.16 -7.80
CA GLN A 35 -8.65 3.30 -8.70
C GLN A 35 -7.37 3.41 -9.54
N PHE A 36 -6.23 3.19 -8.91
CA PHE A 36 -4.95 3.27 -9.61
C PHE A 36 -4.90 2.25 -10.74
N GLY A 37 -5.26 1.01 -10.44
CA GLY A 37 -5.25 -0.04 -11.45
C GLY A 37 -5.59 -1.40 -10.88
N GLU A 38 -5.62 -2.41 -11.74
CA GLU A 38 -5.94 -3.77 -11.31
C GLU A 38 -5.12 -4.16 -10.08
N ILE A 39 -5.76 -4.87 -9.16
CA ILE A 39 -5.09 -5.31 -7.94
C ILE A 39 -4.89 -6.82 -7.93
N ARG A 40 -3.64 -7.25 -8.04
CA ARG A 40 -3.31 -8.66 -8.05
C ARG A 40 -3.92 -9.37 -6.84
N THR A 41 -3.63 -8.83 -5.65
CA THR A 41 -4.15 -9.42 -4.41
C THR A 41 -3.99 -8.44 -3.25
N ILE A 42 -4.62 -8.76 -2.13
CA ILE A 42 -4.55 -7.92 -0.93
C ILE A 42 -4.51 -8.76 0.33
N THR A 43 -3.36 -8.74 1.01
CA THR A 43 -3.19 -9.50 2.25
C THR A 43 -3.26 -8.59 3.47
N VAL A 44 -4.43 -8.55 4.11
CA VAL A 44 -4.62 -7.72 5.29
C VAL A 44 -4.30 -8.50 6.56
N VAL A 45 -3.15 -8.19 7.16
CA VAL A 45 -2.73 -8.86 8.38
C VAL A 45 -3.22 -8.10 9.61
N GLN A 46 -4.29 -8.60 10.23
CA GLN A 46 -4.86 -7.97 11.41
C GLN A 46 -3.83 -7.94 12.54
N ARG A 47 -3.15 -9.06 12.75
CA ARG A 47 -2.15 -9.14 13.80
C ARG A 47 -1.09 -8.06 13.64
N GLN A 48 -1.00 -7.50 12.44
CA GLN A 48 -0.02 -6.46 12.16
C GLN A 48 -0.71 -5.19 11.65
N GLN A 49 -2.03 -5.14 11.82
CA GLN A 49 -2.81 -3.99 11.39
C GLN A 49 -2.23 -3.39 10.10
N CYS A 50 -1.94 -4.26 9.14
CA CYS A 50 -1.37 -3.83 7.86
C CYS A 50 -2.03 -4.56 6.70
N ALA A 51 -1.67 -4.16 5.48
CA ALA A 51 -2.23 -4.79 4.28
C ALA A 51 -1.28 -4.64 3.10
N PHE A 52 -1.05 -5.74 2.39
CA PHE A 52 -0.16 -5.74 1.24
C PHE A 52 -0.96 -5.67 -0.06
N ILE A 53 -0.84 -4.54 -0.75
CA ILE A 53 -1.56 -4.34 -2.00
C ILE A 53 -0.68 -4.72 -3.20
N GLN A 54 -1.10 -5.75 -3.93
CA GLN A 54 -0.35 -6.20 -5.10
C GLN A 54 -1.05 -5.79 -6.39
N PHE A 55 -0.26 -5.36 -7.37
CA PHE A 55 -0.81 -4.93 -8.65
C PHE A 55 -0.27 -5.80 -9.79
N ALA A 56 -1.04 -5.91 -10.86
CA ALA A 56 -0.63 -6.70 -12.02
C ALA A 56 0.42 -5.98 -12.83
N THR A 57 0.33 -4.65 -12.89
CA THR A 57 1.27 -3.84 -13.64
C THR A 57 1.89 -2.76 -12.77
N ARG A 58 3.20 -2.85 -12.56
CA ARG A 58 3.92 -1.86 -11.75
C ARG A 58 3.33 -0.47 -11.94
N GLN A 59 2.89 -0.18 -13.15
CA GLN A 59 2.32 1.12 -13.47
C GLN A 59 1.47 1.64 -12.31
N ALA A 60 0.42 0.90 -11.98
CA ALA A 60 -0.47 1.27 -10.89
C ALA A 60 0.28 1.33 -9.56
N ALA A 61 1.15 0.35 -9.35
CA ALA A 61 1.93 0.29 -8.12
C ALA A 61 2.66 1.60 -7.85
N GLU A 62 3.52 1.99 -8.80
CA GLU A 62 4.28 3.23 -8.66
C GLU A 62 3.36 4.39 -8.27
N VAL A 63 2.33 4.61 -9.07
CA VAL A 63 1.38 5.69 -8.82
C VAL A 63 0.90 5.66 -7.37
N ALA A 64 0.24 4.57 -6.99
CA ALA A 64 -0.27 4.40 -5.64
C ALA A 64 0.83 4.64 -4.61
N ALA A 65 2.01 4.14 -4.89
CA ALA A 65 3.15 4.29 -3.98
C ALA A 65 3.38 5.76 -3.65
N GLU A 66 3.50 6.59 -4.69
CA GLU A 66 3.73 8.01 -4.50
C GLU A 66 2.48 8.69 -3.92
N LYS A 67 1.33 8.09 -4.15
CA LYS A 67 0.06 8.63 -3.66
C LYS A 67 -0.35 7.93 -2.36
N SER A 68 0.52 7.07 -1.86
CA SER A 68 0.25 6.35 -0.61
C SER A 68 1.26 6.70 0.46
N PHE A 69 2.44 7.15 0.04
CA PHE A 69 3.50 7.53 0.97
C PHE A 69 3.05 8.69 1.86
N ASN A 70 2.90 8.41 3.15
CA ASN A 70 2.48 9.43 4.10
C ASN A 70 1.39 10.32 3.50
N LYS A 71 0.67 9.78 2.53
CA LYS A 71 -0.40 10.53 1.88
C LYS A 71 -1.73 9.77 1.98
N LEU A 72 -1.67 8.45 1.90
CA LEU A 72 -2.87 7.63 1.98
C LEU A 72 -3.54 7.79 3.33
N ILE A 73 -4.55 8.65 3.38
CA ILE A 73 -5.29 8.90 4.61
C ILE A 73 -6.77 8.56 4.44
N VAL A 74 -7.15 7.35 4.84
CA VAL A 74 -8.54 6.92 4.74
C VAL A 74 -9.23 6.96 6.09
N ASN A 75 -10.44 7.50 6.12
CA ASN A 75 -11.21 7.60 7.35
C ASN A 75 -10.44 8.37 8.42
N GLY A 76 -10.02 9.58 8.07
CA GLY A 76 -9.28 10.40 9.00
C GLY A 76 -8.24 9.61 9.78
N ARG A 77 -7.67 8.59 9.14
CA ARG A 77 -6.66 7.76 9.76
C ARG A 77 -5.43 7.62 8.87
N ARG A 78 -4.40 8.40 9.17
CA ARG A 78 -3.17 8.36 8.38
C ARG A 78 -2.59 6.94 8.35
N LEU A 79 -2.16 6.52 7.17
CA LEU A 79 -1.59 5.18 7.00
C LEU A 79 -0.17 5.27 6.47
N ASN A 80 0.73 4.47 7.07
CA ASN A 80 2.13 4.45 6.66
C ASN A 80 2.36 3.39 5.59
N VAL A 81 2.41 3.82 4.33
CA VAL A 81 2.63 2.90 3.22
C VAL A 81 4.11 2.85 2.84
N LYS A 82 4.61 1.65 2.60
CA LYS A 82 6.00 1.47 2.22
C LYS A 82 6.16 0.31 1.24
N TRP A 83 7.11 0.45 0.31
CA TRP A 83 7.34 -0.58 -0.69
C TRP A 83 7.59 -1.94 -0.03
N GLY A 84 7.07 -2.99 -0.63
CA GLY A 84 7.24 -4.32 -0.09
C GLY A 84 8.51 -5.00 -0.60
N ARG A 85 8.36 -6.24 -1.06
CA ARG A 85 9.50 -7.00 -1.57
C ARG A 85 9.53 -6.94 -3.10
N GLY A 1 18.74 18.74 0.91
CA GLY A 1 17.63 17.84 1.18
C GLY A 1 18.06 16.39 1.17
N SER A 2 17.96 15.73 2.33
CA SER A 2 18.35 14.34 2.46
C SER A 2 17.40 13.44 1.65
N SER A 3 17.68 13.32 0.36
CA SER A 3 16.86 12.50 -0.53
C SER A 3 17.70 11.41 -1.20
N GLY A 4 17.72 10.23 -0.60
CA GLY A 4 18.49 9.14 -1.16
C GLY A 4 17.61 8.03 -1.72
N SER A 5 18.22 7.10 -2.45
CA SER A 5 17.48 5.99 -3.05
C SER A 5 17.89 4.67 -2.42
N SER A 6 17.11 4.21 -1.45
CA SER A 6 17.40 2.95 -0.77
C SER A 6 16.30 1.92 -1.04
N GLY A 7 16.51 0.71 -0.54
CA GLY A 7 15.52 -0.35 -0.74
C GLY A 7 15.54 -0.90 -2.16
N GLU A 8 15.91 -2.17 -2.28
CA GLU A 8 15.95 -2.82 -3.60
C GLU A 8 14.57 -2.87 -4.23
N ASP A 9 14.23 -1.84 -4.99
CA ASP A 9 12.93 -1.77 -5.65
C ASP A 9 13.10 -1.48 -7.14
N LYS A 10 12.96 -2.51 -7.97
CA LYS A 10 13.09 -2.36 -9.41
C LYS A 10 11.75 -2.57 -10.11
N THR A 11 11.25 -3.81 -10.04
CA THR A 11 9.99 -4.15 -10.66
C THR A 11 8.98 -4.66 -9.64
N ILE A 12 9.05 -4.11 -8.42
CA ILE A 12 8.15 -4.51 -7.35
C ILE A 12 6.75 -3.96 -7.58
N THR A 13 5.79 -4.85 -7.78
CA THR A 13 4.41 -4.46 -8.01
C THR A 13 3.56 -4.65 -6.76
N THR A 14 4.20 -4.50 -5.59
CA THR A 14 3.51 -4.66 -4.32
C THR A 14 3.81 -3.50 -3.39
N LEU A 15 2.85 -3.16 -2.54
CA LEU A 15 3.01 -2.06 -1.59
C LEU A 15 2.56 -2.48 -0.20
N TYR A 16 3.08 -1.81 0.82
CA TYR A 16 2.72 -2.11 2.20
C TYR A 16 1.89 -0.98 2.80
N VAL A 17 0.98 -1.34 3.71
CA VAL A 17 0.12 -0.37 4.36
C VAL A 17 -0.08 -0.72 5.84
N GLY A 18 0.31 0.20 6.71
CA GLY A 18 0.16 -0.02 8.14
C GLY A 18 -0.83 0.93 8.77
N GLY A 19 -1.20 0.66 10.02
CA GLY A 19 -2.15 1.50 10.72
C GLY A 19 -3.57 1.32 10.22
N LEU A 20 -3.97 0.06 10.03
CA LEU A 20 -5.31 -0.25 9.54
C LEU A 20 -6.34 -0.12 10.67
N GLY A 21 -6.16 -0.92 11.72
CA GLY A 21 -7.07 -0.88 12.84
C GLY A 21 -8.48 -1.31 12.46
N ASP A 22 -9.24 -1.76 13.45
CA ASP A 22 -10.61 -2.21 13.22
C ASP A 22 -11.39 -1.18 12.42
N THR A 23 -11.01 0.09 12.56
CA THR A 23 -11.68 1.17 11.86
C THR A 23 -11.58 0.99 10.36
N ILE A 24 -10.40 0.61 9.88
CA ILE A 24 -10.18 0.39 8.45
C ILE A 24 -10.30 -1.08 8.10
N THR A 25 -10.86 -1.35 6.92
CA THR A 25 -11.04 -2.73 6.46
C THR A 25 -10.39 -2.94 5.09
N GLU A 26 -10.38 -4.18 4.63
CA GLU A 26 -9.80 -4.52 3.34
C GLU A 26 -10.47 -3.73 2.22
N THR A 27 -11.78 -3.92 2.08
CA THR A 27 -12.55 -3.23 1.04
C THR A 27 -12.11 -1.78 0.92
N ASP A 28 -12.18 -1.04 2.02
CA ASP A 28 -11.79 0.36 2.03
C ASP A 28 -10.51 0.58 1.25
N LEU A 29 -9.55 -0.32 1.44
CA LEU A 29 -8.27 -0.23 0.75
C LEU A 29 -8.39 -0.69 -0.70
N ARG A 30 -8.85 -1.93 -0.87
CA ARG A 30 -9.01 -2.50 -2.21
C ARG A 30 -9.55 -1.45 -3.18
N ASN A 31 -10.54 -0.69 -2.73
CA ASN A 31 -11.15 0.34 -3.57
C ASN A 31 -10.24 1.56 -3.66
N HIS A 32 -9.58 1.90 -2.55
CA HIS A 32 -8.68 3.04 -2.51
C HIS A 32 -7.54 2.87 -3.52
N PHE A 33 -7.10 1.63 -3.70
CA PHE A 33 -6.01 1.34 -4.63
C PHE A 33 -6.57 0.94 -6.00
N TYR A 34 -7.60 0.11 -5.99
CA TYR A 34 -8.22 -0.35 -7.23
C TYR A 34 -8.31 0.79 -8.25
N GLN A 35 -8.57 1.99 -7.75
CA GLN A 35 -8.69 3.16 -8.62
C GLN A 35 -7.46 3.29 -9.52
N PHE A 36 -6.28 3.14 -8.93
CA PHE A 36 -5.04 3.25 -9.69
C PHE A 36 -5.02 2.26 -10.86
N GLY A 37 -5.36 1.01 -10.56
CA GLY A 37 -5.38 -0.01 -11.60
C GLY A 37 -5.94 -1.33 -11.11
N GLU A 38 -5.37 -2.43 -11.59
CA GLU A 38 -5.82 -3.76 -11.19
C GLU A 38 -5.00 -4.28 -10.01
N ILE A 39 -5.69 -4.73 -8.97
CA ILE A 39 -5.02 -5.26 -7.79
C ILE A 39 -4.88 -6.77 -7.87
N ARG A 40 -3.64 -7.24 -7.94
CA ARG A 40 -3.35 -8.66 -8.02
C ARG A 40 -3.89 -9.40 -6.80
N THR A 41 -3.58 -8.87 -5.62
CA THR A 41 -4.03 -9.48 -4.37
C THR A 41 -3.90 -8.49 -3.21
N ILE A 42 -4.51 -8.85 -2.08
CA ILE A 42 -4.48 -7.99 -0.90
C ILE A 42 -4.45 -8.82 0.38
N THR A 43 -3.32 -8.80 1.07
CA THR A 43 -3.16 -9.55 2.31
C THR A 43 -3.23 -8.63 3.52
N VAL A 44 -4.39 -8.60 4.17
CA VAL A 44 -4.59 -7.75 5.35
C VAL A 44 -4.29 -8.53 6.63
N VAL A 45 -3.17 -8.21 7.26
CA VAL A 45 -2.77 -8.86 8.50
C VAL A 45 -3.29 -8.10 9.71
N GLN A 46 -4.38 -8.60 10.29
CA GLN A 46 -4.98 -7.98 11.47
C GLN A 46 -3.98 -7.91 12.62
N ARG A 47 -3.33 -9.03 12.90
CA ARG A 47 -2.34 -9.10 13.97
C ARG A 47 -1.25 -8.05 13.78
N GLN A 48 -1.03 -7.65 12.53
CA GLN A 48 -0.02 -6.65 12.22
C GLN A 48 -0.66 -5.36 11.75
N GLN A 49 -1.97 -5.26 11.92
CA GLN A 49 -2.71 -4.07 11.51
C GLN A 49 -2.12 -3.47 10.24
N CYS A 50 -1.88 -4.31 9.25
CA CYS A 50 -1.31 -3.87 7.99
C CYS A 50 -1.97 -4.60 6.81
N ALA A 51 -1.56 -4.23 5.60
CA ALA A 51 -2.11 -4.85 4.39
C ALA A 51 -1.15 -4.71 3.22
N PHE A 52 -1.00 -5.79 2.46
CA PHE A 52 -0.11 -5.79 1.30
C PHE A 52 -0.90 -5.74 0.00
N ILE A 53 -0.81 -4.61 -0.70
CA ILE A 53 -1.52 -4.44 -1.96
C ILE A 53 -0.63 -4.80 -3.15
N GLN A 54 -1.13 -5.68 -4.01
CA GLN A 54 -0.38 -6.10 -5.19
C GLN A 54 -1.07 -5.65 -6.48
N PHE A 55 -0.27 -5.30 -7.48
CA PHE A 55 -0.80 -4.85 -8.75
C PHE A 55 -0.27 -5.70 -9.90
N ALA A 56 -1.09 -5.88 -10.93
CA ALA A 56 -0.71 -6.67 -12.09
C ALA A 56 0.39 -5.98 -12.89
N THR A 57 0.30 -4.66 -12.97
CA THR A 57 1.29 -3.87 -13.71
C THR A 57 1.90 -2.79 -12.83
N ARG A 58 3.22 -2.83 -12.69
CA ARG A 58 3.93 -1.85 -11.87
C ARG A 58 3.31 -0.47 -12.03
N GLN A 59 2.86 -0.16 -13.24
CA GLN A 59 2.25 1.14 -13.53
C GLN A 59 1.42 1.62 -12.34
N ALA A 60 0.33 0.92 -12.07
CA ALA A 60 -0.54 1.29 -10.95
C ALA A 60 0.22 1.29 -9.63
N ALA A 61 1.10 0.32 -9.46
CA ALA A 61 1.90 0.21 -8.24
C ALA A 61 2.58 1.54 -7.92
N GLU A 62 3.39 2.03 -8.85
CA GLU A 62 4.10 3.29 -8.65
C GLU A 62 3.13 4.40 -8.24
N VAL A 63 2.18 4.71 -9.12
CA VAL A 63 1.20 5.75 -8.85
C VAL A 63 0.70 5.67 -7.41
N ALA A 64 0.18 4.51 -7.04
CA ALA A 64 -0.34 4.30 -5.69
C ALA A 64 0.74 4.57 -4.64
N ALA A 65 1.96 4.11 -4.93
CA ALA A 65 3.08 4.29 -4.02
C ALA A 65 3.19 5.75 -3.57
N GLU A 66 3.49 6.63 -4.52
CA GLU A 66 3.64 8.05 -4.24
C GLU A 66 2.38 8.59 -3.58
N LYS A 67 1.21 8.14 -4.05
CA LYS A 67 -0.07 8.58 -3.51
C LYS A 67 -0.37 7.87 -2.20
N SER A 68 0.55 7.02 -1.76
CA SER A 68 0.37 6.27 -0.52
C SER A 68 1.44 6.64 0.50
N PHE A 69 2.59 7.08 -0.01
CA PHE A 69 3.70 7.48 0.88
C PHE A 69 3.26 8.57 1.84
N ASN A 70 3.03 8.17 3.09
CA ASN A 70 2.61 9.11 4.13
C ASN A 70 1.57 10.08 3.58
N LYS A 71 0.81 9.64 2.58
CA LYS A 71 -0.22 10.46 1.97
C LYS A 71 -1.58 9.76 2.02
N LEU A 72 -1.55 8.44 2.06
CA LEU A 72 -2.77 7.65 2.11
C LEU A 72 -3.43 7.75 3.48
N ILE A 73 -4.42 8.63 3.60
CA ILE A 73 -5.14 8.82 4.85
C ILE A 73 -6.60 8.41 4.72
N VAL A 74 -6.89 7.16 5.04
CA VAL A 74 -8.26 6.65 4.96
C VAL A 74 -8.96 6.74 6.32
N ASN A 75 -10.26 6.96 6.29
CA ASN A 75 -11.05 7.07 7.51
C ASN A 75 -10.42 8.07 8.48
N GLY A 76 -10.04 9.23 7.96
CA GLY A 76 -9.43 10.25 8.79
C GLY A 76 -8.34 9.69 9.68
N ARG A 77 -7.67 8.65 9.22
CA ARG A 77 -6.60 8.03 9.98
C ARG A 77 -5.38 7.79 9.10
N ARG A 78 -4.36 8.62 9.27
CA ARG A 78 -3.14 8.51 8.48
C ARG A 78 -2.63 7.06 8.48
N LEU A 79 -2.06 6.65 7.35
CA LEU A 79 -1.54 5.29 7.22
C LEU A 79 -0.12 5.30 6.67
N ASN A 80 0.75 4.47 7.25
CA ASN A 80 2.14 4.39 6.83
C ASN A 80 2.31 3.36 5.72
N VAL A 81 2.61 3.84 4.52
CA VAL A 81 2.80 2.96 3.37
C VAL A 81 4.27 2.94 2.94
N LYS A 82 4.73 1.78 2.46
CA LYS A 82 6.11 1.62 2.01
C LYS A 82 6.19 0.58 0.91
N TRP A 83 7.32 0.58 0.19
CA TRP A 83 7.53 -0.37 -0.89
C TRP A 83 7.72 -1.78 -0.35
N GLY A 84 6.90 -2.71 -0.83
CA GLY A 84 6.99 -4.08 -0.38
C GLY A 84 8.27 -4.75 -0.83
N ARG A 85 8.14 -5.98 -1.35
CA ARG A 85 9.30 -6.72 -1.83
C ARG A 85 8.90 -7.72 -2.92
N GLY A 1 14.70 14.05 -5.80
CA GLY A 1 14.89 14.57 -4.45
C GLY A 1 15.14 13.47 -3.44
N SER A 2 16.41 13.19 -3.18
CA SER A 2 16.78 12.15 -2.23
C SER A 2 17.51 12.74 -1.03
N SER A 3 17.40 12.08 0.11
CA SER A 3 18.03 12.55 1.34
C SER A 3 19.26 11.69 1.66
N GLY A 4 20.04 11.36 0.64
CA GLY A 4 21.22 10.55 0.85
C GLY A 4 20.89 9.08 1.02
N SER A 5 20.08 8.55 0.11
CA SER A 5 19.68 7.15 0.18
C SER A 5 19.07 6.69 -1.15
N SER A 6 19.35 5.45 -1.52
CA SER A 6 18.83 4.89 -2.78
C SER A 6 17.98 3.66 -2.51
N GLY A 7 16.71 3.73 -2.90
CA GLY A 7 15.81 2.61 -2.69
C GLY A 7 16.26 1.37 -3.43
N GLU A 8 15.81 0.20 -2.96
CA GLU A 8 16.17 -1.06 -3.59
C GLU A 8 14.92 -1.78 -4.11
N ASP A 9 14.04 -1.03 -4.75
CA ASP A 9 12.81 -1.60 -5.29
C ASP A 9 13.02 -2.08 -6.72
N LYS A 10 12.95 -3.39 -6.92
CA LYS A 10 13.14 -3.98 -8.23
C LYS A 10 11.80 -4.36 -8.86
N THR A 11 11.35 -3.54 -9.81
CA THR A 11 10.07 -3.79 -10.48
C THR A 11 9.03 -4.34 -9.51
N ILE A 12 9.06 -3.85 -8.28
CA ILE A 12 8.12 -4.29 -7.26
C ILE A 12 6.73 -3.72 -7.50
N THR A 13 5.76 -4.61 -7.72
CA THR A 13 4.39 -4.18 -7.98
C THR A 13 3.52 -4.38 -6.74
N THR A 14 4.12 -4.19 -5.56
CA THR A 14 3.40 -4.35 -4.30
C THR A 14 3.73 -3.21 -3.35
N LEU A 15 2.73 -2.74 -2.61
CA LEU A 15 2.91 -1.66 -1.65
C LEU A 15 2.35 -2.05 -0.28
N TYR A 16 3.19 -1.93 0.75
CA TYR A 16 2.79 -2.28 2.10
C TYR A 16 1.99 -1.13 2.73
N VAL A 17 1.08 -1.48 3.64
CA VAL A 17 0.26 -0.48 4.31
C VAL A 17 0.10 -0.81 5.80
N GLY A 18 0.21 0.21 6.63
CA GLY A 18 0.08 0.01 8.07
C GLY A 18 -0.95 0.94 8.69
N GLY A 19 -1.11 0.84 10.01
CA GLY A 19 -2.07 1.67 10.71
C GLY A 19 -3.49 1.48 10.21
N LEU A 20 -3.87 0.23 10.02
CA LEU A 20 -5.22 -0.09 9.54
C LEU A 20 -6.25 0.05 10.67
N GLY A 21 -6.07 -0.75 11.72
CA GLY A 21 -6.97 -0.71 12.84
C GLY A 21 -8.38 -1.12 12.46
N ASP A 22 -9.11 -1.68 13.42
CA ASP A 22 -10.48 -2.12 13.18
C ASP A 22 -11.25 -1.09 12.35
N THR A 23 -10.89 0.18 12.53
CA THR A 23 -11.55 1.25 11.79
C THR A 23 -11.47 1.03 10.29
N ILE A 24 -10.31 0.59 9.83
CA ILE A 24 -10.11 0.32 8.40
C ILE A 24 -10.24 -1.16 8.10
N THR A 25 -10.67 -1.47 6.87
CA THR A 25 -10.84 -2.85 6.45
C THR A 25 -10.18 -3.10 5.09
N GLU A 26 -10.24 -4.34 4.63
CA GLU A 26 -9.65 -4.71 3.35
C GLU A 26 -10.36 -3.97 2.20
N THR A 27 -11.67 -4.16 2.11
CA THR A 27 -12.46 -3.53 1.07
C THR A 27 -12.07 -2.06 0.90
N ASP A 28 -12.15 -1.31 1.99
CA ASP A 28 -11.81 0.11 1.97
C ASP A 28 -10.53 0.34 1.18
N LEU A 29 -9.53 -0.50 1.40
CA LEU A 29 -8.25 -0.37 0.70
C LEU A 29 -8.38 -0.83 -0.75
N ARG A 30 -8.98 -2.00 -0.94
CA ARG A 30 -9.17 -2.54 -2.29
C ARG A 30 -9.70 -1.48 -3.24
N ASN A 31 -10.70 -0.72 -2.78
CA ASN A 31 -11.30 0.32 -3.60
C ASN A 31 -10.40 1.56 -3.63
N HIS A 32 -9.77 1.86 -2.50
CA HIS A 32 -8.88 3.01 -2.39
C HIS A 32 -7.71 2.89 -3.37
N PHE A 33 -7.26 1.67 -3.58
CA PHE A 33 -6.15 1.41 -4.49
C PHE A 33 -6.65 1.05 -5.88
N TYR A 34 -7.70 0.24 -5.93
CA TYR A 34 -8.28 -0.18 -7.21
C TYR A 34 -8.35 0.99 -8.19
N GLN A 35 -8.68 2.17 -7.67
CA GLN A 35 -8.78 3.36 -8.49
C GLN A 35 -7.55 3.51 -9.39
N PHE A 36 -6.38 3.25 -8.82
CA PHE A 36 -5.13 3.36 -9.57
C PHE A 36 -5.10 2.35 -10.72
N GLY A 37 -5.50 1.12 -10.43
CA GLY A 37 -5.51 0.09 -11.45
C GLY A 37 -5.98 -1.24 -10.92
N GLU A 38 -5.56 -2.33 -11.57
CA GLU A 38 -5.93 -3.67 -11.16
C GLU A 38 -5.11 -4.13 -9.96
N ILE A 39 -5.74 -4.89 -9.07
CA ILE A 39 -5.06 -5.39 -7.89
C ILE A 39 -4.86 -6.91 -7.97
N ARG A 40 -3.60 -7.33 -7.94
CA ARG A 40 -3.27 -8.75 -8.01
C ARG A 40 -3.79 -9.49 -6.79
N THR A 41 -3.45 -8.98 -5.60
CA THR A 41 -3.87 -9.59 -4.35
C THR A 41 -3.68 -8.64 -3.18
N ILE A 42 -4.54 -8.77 -2.16
CA ILE A 42 -4.46 -7.92 -0.99
C ILE A 42 -4.46 -8.76 0.29
N THR A 43 -3.31 -8.77 0.96
CA THR A 43 -3.17 -9.53 2.20
C THR A 43 -3.22 -8.61 3.42
N VAL A 44 -4.39 -8.54 4.05
CA VAL A 44 -4.57 -7.70 5.22
C VAL A 44 -4.32 -8.48 6.50
N VAL A 45 -3.19 -8.20 7.16
CA VAL A 45 -2.84 -8.88 8.40
C VAL A 45 -3.30 -8.09 9.61
N GLN A 46 -4.43 -8.51 10.19
CA GLN A 46 -4.98 -7.83 11.37
C GLN A 46 -3.98 -7.86 12.53
N ARG A 47 -3.34 -9.01 12.72
CA ARG A 47 -2.38 -9.16 13.80
C ARG A 47 -1.23 -8.17 13.65
N GLN A 48 -1.10 -7.60 12.45
CA GLN A 48 -0.04 -6.63 12.18
C GLN A 48 -0.64 -5.32 11.67
N GLN A 49 -1.94 -5.15 11.86
CA GLN A 49 -2.63 -3.95 11.40
C GLN A 49 -1.99 -3.40 10.13
N CYS A 50 -1.78 -4.29 9.16
CA CYS A 50 -1.17 -3.90 7.89
C CYS A 50 -1.83 -4.64 6.73
N ALA A 51 -1.52 -4.23 5.51
CA ALA A 51 -2.08 -4.86 4.32
C ALA A 51 -1.14 -4.69 3.12
N PHE A 52 -0.94 -5.79 2.39
CA PHE A 52 -0.07 -5.76 1.22
C PHE A 52 -0.89 -5.69 -0.07
N ILE A 53 -0.86 -4.53 -0.72
CA ILE A 53 -1.59 -4.33 -1.97
C ILE A 53 -0.72 -4.64 -3.17
N GLN A 54 -1.05 -5.71 -3.89
CA GLN A 54 -0.30 -6.11 -5.07
C GLN A 54 -1.04 -5.72 -6.35
N PHE A 55 -0.29 -5.31 -7.36
CA PHE A 55 -0.88 -4.91 -8.64
C PHE A 55 -0.34 -5.78 -9.78
N ALA A 56 -1.11 -5.85 -10.86
CA ALA A 56 -0.71 -6.64 -12.02
C ALA A 56 0.34 -5.92 -12.85
N THR A 57 0.21 -4.60 -12.94
CA THR A 57 1.16 -3.80 -13.70
C THR A 57 1.76 -2.69 -12.84
N ARG A 58 3.08 -2.72 -12.69
CA ARG A 58 3.78 -1.73 -11.89
C ARG A 58 3.13 -0.36 -12.02
N GLN A 59 2.72 -0.02 -13.24
CA GLN A 59 2.07 1.26 -13.50
C GLN A 59 1.23 1.69 -12.32
N ALA A 60 0.19 0.92 -12.01
CA ALA A 60 -0.69 1.22 -10.90
C ALA A 60 0.08 1.27 -9.58
N ALA A 61 1.00 0.33 -9.40
CA ALA A 61 1.80 0.28 -8.18
C ALA A 61 2.52 1.59 -7.94
N GLU A 62 3.38 1.99 -8.88
CA GLU A 62 4.13 3.23 -8.76
C GLU A 62 3.21 4.39 -8.39
N VAL A 63 2.19 4.61 -9.22
CA VAL A 63 1.25 5.69 -8.97
C VAL A 63 0.80 5.72 -7.52
N ALA A 64 0.12 4.65 -7.10
CA ALA A 64 -0.37 4.54 -5.73
C ALA A 64 0.77 4.73 -4.73
N ALA A 65 1.95 4.24 -5.09
CA ALA A 65 3.13 4.36 -4.22
C ALA A 65 3.37 5.81 -3.82
N GLU A 66 3.37 6.70 -4.82
CA GLU A 66 3.60 8.12 -4.58
C GLU A 66 2.37 8.77 -3.94
N LYS A 67 1.20 8.18 -4.18
CA LYS A 67 -0.05 8.69 -3.64
C LYS A 67 -0.37 8.02 -2.30
N SER A 68 0.55 7.20 -1.81
CA SER A 68 0.36 6.50 -0.56
C SER A 68 1.38 6.96 0.48
N PHE A 69 2.59 7.25 0.01
CA PHE A 69 3.67 7.69 0.90
C PHE A 69 3.20 8.84 1.79
N ASN A 70 3.03 8.57 3.08
CA ASN A 70 2.59 9.58 4.03
C ASN A 70 1.50 10.46 3.41
N LYS A 71 0.66 9.85 2.58
CA LYS A 71 -0.42 10.58 1.93
C LYS A 71 -1.73 9.79 2.02
N LEU A 72 -1.63 8.47 1.98
CA LEU A 72 -2.80 7.61 2.07
C LEU A 72 -3.45 7.69 3.44
N ILE A 73 -4.49 8.51 3.56
CA ILE A 73 -5.20 8.67 4.82
C ILE A 73 -6.65 8.22 4.70
N VAL A 74 -6.91 6.96 5.04
CA VAL A 74 -8.26 6.41 4.98
C VAL A 74 -8.98 6.58 6.31
N ASN A 75 -10.25 6.98 6.24
CA ASN A 75 -11.06 7.17 7.44
C ASN A 75 -10.38 8.16 8.39
N GLY A 76 -9.91 9.27 7.84
CA GLY A 76 -9.25 10.29 8.65
C GLY A 76 -8.18 9.70 9.56
N ARG A 77 -7.57 8.61 9.11
CA ARG A 77 -6.53 7.95 9.88
C ARG A 77 -5.29 7.69 9.02
N ARG A 78 -4.29 8.53 9.18
CA ARG A 78 -3.05 8.39 8.41
C ARG A 78 -2.59 6.94 8.39
N LEU A 79 -2.02 6.53 7.27
CA LEU A 79 -1.52 5.15 7.12
C LEU A 79 -0.08 5.15 6.62
N ASN A 80 0.74 4.29 7.23
CA ASN A 80 2.14 4.18 6.85
C ASN A 80 2.31 3.20 5.69
N VAL A 81 2.57 3.73 4.50
CA VAL A 81 2.77 2.90 3.32
C VAL A 81 4.24 2.85 2.92
N LYS A 82 4.66 1.70 2.41
CA LYS A 82 6.05 1.51 1.98
C LYS A 82 6.13 0.50 0.85
N TRP A 83 7.31 0.38 0.26
CA TRP A 83 7.53 -0.56 -0.83
C TRP A 83 7.80 -1.96 -0.31
N GLY A 84 6.94 -2.91 -0.68
CA GLY A 84 7.11 -4.28 -0.23
C GLY A 84 8.34 -4.94 -0.83
N ARG A 85 8.18 -6.16 -1.32
CA ARG A 85 9.29 -6.89 -1.92
C ARG A 85 9.18 -6.90 -3.44
N GLY A 1 14.44 15.06 -2.38
CA GLY A 1 14.18 14.52 -3.70
C GLY A 1 15.07 13.34 -4.03
N SER A 2 16.36 13.60 -4.20
CA SER A 2 17.31 12.54 -4.52
C SER A 2 18.03 12.05 -3.26
N SER A 3 17.58 10.93 -2.73
CA SER A 3 18.17 10.35 -1.53
C SER A 3 19.26 9.35 -1.89
N GLY A 4 20.50 9.83 -1.97
CA GLY A 4 21.61 8.97 -2.31
C GLY A 4 21.43 8.28 -3.64
N SER A 5 21.74 6.99 -3.70
CA SER A 5 21.62 6.22 -4.93
C SER A 5 21.73 4.73 -4.65
N SER A 6 20.60 4.03 -4.77
CA SER A 6 20.57 2.59 -4.52
C SER A 6 19.71 1.88 -5.57
N GLY A 7 19.87 0.57 -5.68
CA GLY A 7 19.11 -0.21 -6.63
C GLY A 7 18.08 -1.10 -5.96
N GLU A 8 16.80 -0.74 -6.10
CA GLU A 8 15.72 -1.52 -5.51
C GLU A 8 14.38 -1.16 -6.15
N ASP A 9 13.34 -1.90 -5.79
CA ASP A 9 12.01 -1.66 -6.33
C ASP A 9 12.05 -1.50 -7.84
N LYS A 10 12.63 -2.49 -8.53
CA LYS A 10 12.74 -2.45 -9.97
C LYS A 10 11.47 -2.98 -10.64
N THR A 11 10.99 -4.12 -10.15
CA THR A 11 9.78 -4.73 -10.69
C THR A 11 8.82 -5.13 -9.58
N ILE A 12 8.96 -4.49 -8.43
CA ILE A 12 8.11 -4.77 -7.28
C ILE A 12 6.74 -4.11 -7.43
N THR A 13 5.74 -4.91 -7.80
CA THR A 13 4.38 -4.41 -7.98
C THR A 13 3.55 -4.62 -6.72
N THR A 14 4.19 -4.50 -5.55
CA THR A 14 3.51 -4.68 -4.28
C THR A 14 3.85 -3.55 -3.31
N LEU A 15 2.85 -3.11 -2.55
CA LEU A 15 3.05 -2.04 -1.59
C LEU A 15 2.58 -2.47 -0.20
N TYR A 16 3.08 -1.79 0.82
CA TYR A 16 2.71 -2.10 2.21
C TYR A 16 1.87 -0.96 2.81
N VAL A 17 0.96 -1.33 3.70
CA VAL A 17 0.10 -0.35 4.36
C VAL A 17 -0.10 -0.70 5.83
N GLY A 18 0.28 0.22 6.71
CA GLY A 18 0.14 -0.01 8.13
C GLY A 18 -0.90 0.91 8.75
N GLY A 19 -1.09 0.77 10.06
CA GLY A 19 -2.05 1.60 10.76
C GLY A 19 -3.46 1.43 10.21
N LEU A 20 -3.89 0.17 10.09
CA LEU A 20 -5.22 -0.12 9.57
C LEU A 20 -6.26 -0.09 10.69
N GLY A 21 -6.04 -0.92 11.71
CA GLY A 21 -6.97 -0.96 12.83
C GLY A 21 -8.35 -1.45 12.43
N ASP A 22 -9.15 -1.84 13.41
CA ASP A 22 -10.51 -2.32 13.15
C ASP A 22 -11.29 -1.32 12.30
N THR A 23 -10.99 -0.04 12.49
CA THR A 23 -11.67 1.02 11.75
C THR A 23 -11.56 0.79 10.24
N ILE A 24 -10.35 0.45 9.79
CA ILE A 24 -10.11 0.19 8.38
C ILE A 24 -10.16 -1.30 8.06
N THR A 25 -10.71 -1.63 6.91
CA THR A 25 -10.81 -3.03 6.48
C THR A 25 -10.16 -3.24 5.12
N GLU A 26 -10.22 -4.47 4.62
CA GLU A 26 -9.64 -4.81 3.33
C GLU A 26 -10.36 -4.07 2.21
N THR A 27 -11.66 -4.33 2.08
CA THR A 27 -12.46 -3.69 1.04
C THR A 27 -12.11 -2.21 0.90
N ASP A 28 -12.20 -1.48 1.99
CA ASP A 28 -11.88 -0.05 1.98
C ASP A 28 -10.60 0.21 1.19
N LEU A 29 -9.59 -0.60 1.42
CA LEU A 29 -8.31 -0.44 0.73
C LEU A 29 -8.43 -0.88 -0.72
N ARG A 30 -9.04 -2.04 -0.95
CA ARG A 30 -9.22 -2.56 -2.30
C ARG A 30 -9.73 -1.48 -3.23
N ASN A 31 -10.73 -0.73 -2.77
CA ASN A 31 -11.32 0.35 -3.57
C ASN A 31 -10.40 1.56 -3.61
N HIS A 32 -9.76 1.85 -2.48
CA HIS A 32 -8.85 2.99 -2.37
C HIS A 32 -7.70 2.86 -3.36
N PHE A 33 -7.25 1.62 -3.57
CA PHE A 33 -6.16 1.35 -4.50
C PHE A 33 -6.68 1.00 -5.88
N TYR A 34 -7.73 0.19 -5.93
CA TYR A 34 -8.33 -0.23 -7.19
C TYR A 34 -8.38 0.93 -8.18
N GLN A 35 -8.61 2.13 -7.66
CA GLN A 35 -8.68 3.33 -8.49
C GLN A 35 -7.41 3.50 -9.31
N PHE A 36 -6.27 3.31 -8.66
CA PHE A 36 -4.98 3.44 -9.32
C PHE A 36 -4.90 2.54 -10.55
N GLY A 37 -5.23 1.26 -10.36
CA GLY A 37 -5.18 0.32 -11.47
C GLY A 37 -5.74 -1.04 -11.08
N GLU A 38 -5.12 -2.10 -11.59
CA GLU A 38 -5.55 -3.46 -11.29
C GLU A 38 -4.79 -4.02 -10.10
N ILE A 39 -5.54 -4.49 -9.10
CA ILE A 39 -4.94 -5.06 -7.90
C ILE A 39 -4.81 -6.58 -8.03
N ARG A 40 -3.58 -7.06 -7.91
CA ARG A 40 -3.32 -8.50 -8.01
C ARG A 40 -3.90 -9.24 -6.81
N THR A 41 -3.64 -8.72 -5.61
CA THR A 41 -4.13 -9.34 -4.39
C THR A 41 -3.88 -8.44 -3.18
N ILE A 42 -4.72 -8.57 -2.16
CA ILE A 42 -4.58 -7.78 -0.95
C ILE A 42 -4.56 -8.67 0.29
N THR A 43 -3.44 -8.66 1.00
CA THR A 43 -3.29 -9.45 2.22
C THR A 43 -3.28 -8.57 3.46
N VAL A 44 -4.42 -8.48 4.13
CA VAL A 44 -4.55 -7.68 5.34
C VAL A 44 -4.30 -8.52 6.58
N VAL A 45 -3.31 -8.13 7.37
CA VAL A 45 -2.98 -8.85 8.60
C VAL A 45 -3.36 -8.04 9.83
N GLN A 46 -4.50 -8.39 10.42
CA GLN A 46 -4.99 -7.69 11.61
C GLN A 46 -3.95 -7.74 12.73
N ARG A 47 -3.34 -8.90 12.90
CA ARG A 47 -2.33 -9.08 13.94
C ARG A 47 -1.28 -7.97 13.88
N GLN A 48 -0.92 -7.56 12.67
CA GLN A 48 0.07 -6.52 12.48
C GLN A 48 -0.60 -5.23 11.98
N GLN A 49 -1.92 -5.22 11.97
CA GLN A 49 -2.68 -4.05 11.52
C GLN A 49 -2.07 -3.47 10.25
N CYS A 50 -1.87 -4.32 9.25
CA CYS A 50 -1.29 -3.90 7.99
C CYS A 50 -1.94 -4.61 6.82
N ALA A 51 -1.54 -4.26 5.61
CA ALA A 51 -2.09 -4.88 4.40
C ALA A 51 -1.15 -4.68 3.21
N PHE A 52 -0.97 -5.73 2.42
CA PHE A 52 -0.10 -5.68 1.25
C PHE A 52 -0.92 -5.56 -0.03
N ILE A 53 -0.77 -4.44 -0.72
CA ILE A 53 -1.49 -4.20 -1.96
C ILE A 53 -0.65 -4.58 -3.17
N GLN A 54 -1.08 -5.61 -3.89
CA GLN A 54 -0.36 -6.07 -5.07
C GLN A 54 -1.04 -5.59 -6.35
N PHE A 55 -0.24 -5.34 -7.38
CA PHE A 55 -0.77 -4.87 -8.65
C PHE A 55 -0.23 -5.71 -9.80
N ALA A 56 -1.01 -5.80 -10.88
CA ALA A 56 -0.62 -6.56 -12.05
C ALA A 56 0.50 -5.86 -12.82
N THR A 57 0.37 -4.54 -12.95
CA THR A 57 1.37 -3.75 -13.66
C THR A 57 1.99 -2.70 -12.76
N ARG A 58 3.31 -2.73 -12.62
CA ARG A 58 4.02 -1.78 -11.79
C ARG A 58 3.41 -0.39 -11.89
N GLN A 59 3.01 -0.02 -13.11
CA GLN A 59 2.41 1.29 -13.35
C GLN A 59 1.51 1.69 -12.19
N ALA A 60 0.50 0.87 -11.92
CA ALA A 60 -0.44 1.14 -10.83
C ALA A 60 0.29 1.22 -9.50
N ALA A 61 1.23 0.30 -9.28
CA ALA A 61 2.00 0.26 -8.05
C ALA A 61 2.70 1.60 -7.79
N GLU A 62 3.46 2.06 -8.78
CA GLU A 62 4.18 3.33 -8.66
C GLU A 62 3.23 4.46 -8.27
N VAL A 63 2.21 4.67 -9.09
CA VAL A 63 1.22 5.73 -8.84
C VAL A 63 0.77 5.71 -7.38
N ALA A 64 0.14 4.62 -6.98
CA ALA A 64 -0.35 4.47 -5.60
C ALA A 64 0.77 4.74 -4.60
N ALA A 65 1.93 4.12 -4.84
CA ALA A 65 3.07 4.29 -3.95
C ALA A 65 3.28 5.76 -3.59
N GLU A 66 3.64 6.56 -4.57
CA GLU A 66 3.87 7.98 -4.36
C GLU A 66 2.63 8.65 -3.76
N LYS A 67 1.46 8.19 -4.18
CA LYS A 67 0.20 8.73 -3.69
C LYS A 67 -0.22 8.06 -2.39
N SER A 68 0.65 7.19 -1.87
CA SER A 68 0.37 6.47 -0.64
C SER A 68 1.40 6.81 0.43
N PHE A 69 2.59 7.19 -0.01
CA PHE A 69 3.67 7.53 0.91
C PHE A 69 3.24 8.64 1.86
N ASN A 70 3.07 8.29 3.14
CA ASN A 70 2.66 9.25 4.15
C ASN A 70 1.59 10.19 3.60
N LYS A 71 0.85 9.72 2.61
CA LYS A 71 -0.21 10.53 2.00
C LYS A 71 -1.54 9.79 2.04
N LEU A 72 -1.48 8.46 2.00
CA LEU A 72 -2.68 7.63 2.02
C LEU A 72 -3.38 7.74 3.38
N ILE A 73 -4.43 8.56 3.44
CA ILE A 73 -5.18 8.74 4.68
C ILE A 73 -6.62 8.26 4.53
N VAL A 74 -6.88 7.03 4.96
CA VAL A 74 -8.21 6.45 4.88
C VAL A 74 -8.97 6.62 6.19
N ASN A 75 -10.26 6.94 6.08
CA ASN A 75 -11.10 7.13 7.27
C ASN A 75 -10.46 8.13 8.22
N GLY A 76 -10.02 9.26 7.68
CA GLY A 76 -9.39 10.28 8.51
C GLY A 76 -8.33 9.71 9.43
N ARG A 77 -7.72 8.61 9.02
CA ARG A 77 -6.68 7.96 9.81
C ARG A 77 -5.42 7.74 8.98
N ARG A 78 -4.43 8.61 9.18
CA ARG A 78 -3.18 8.51 8.45
C ARG A 78 -2.70 7.06 8.40
N LEU A 79 -2.04 6.71 7.29
CA LEU A 79 -1.52 5.36 7.12
C LEU A 79 -0.09 5.38 6.58
N ASN A 80 0.76 4.56 7.17
CA ASN A 80 2.16 4.49 6.76
C ASN A 80 2.35 3.45 5.65
N VAL A 81 2.62 3.92 4.45
CA VAL A 81 2.81 3.04 3.30
C VAL A 81 4.29 2.97 2.90
N LYS A 82 4.73 1.79 2.50
CA LYS A 82 6.12 1.60 2.09
C LYS A 82 6.23 0.53 1.00
N TRP A 83 7.36 0.50 0.31
CA TRP A 83 7.58 -0.46 -0.75
C TRP A 83 7.77 -1.86 -0.18
N GLY A 84 6.96 -2.80 -0.64
CA GLY A 84 7.06 -4.17 -0.17
C GLY A 84 8.23 -4.91 -0.77
N ARG A 85 8.05 -6.22 -1.00
CA ARG A 85 9.10 -7.04 -1.58
C ARG A 85 8.61 -7.74 -2.84
N GLY A 1 15.75 8.57 12.61
CA GLY A 1 15.37 7.16 12.60
C GLY A 1 15.30 6.59 11.20
N SER A 2 14.14 6.73 10.56
CA SER A 2 13.93 6.22 9.21
C SER A 2 14.35 7.25 8.18
N SER A 3 15.66 7.33 7.92
CA SER A 3 16.19 8.27 6.94
C SER A 3 16.67 7.55 5.68
N GLY A 4 16.65 8.27 4.56
CA GLY A 4 17.09 7.68 3.31
C GLY A 4 16.12 6.63 2.80
N SER A 5 16.25 6.27 1.52
CA SER A 5 15.38 5.28 0.91
C SER A 5 15.87 3.87 1.22
N SER A 6 14.93 2.93 1.29
CA SER A 6 15.27 1.54 1.59
C SER A 6 15.02 0.65 0.37
N GLY A 7 16.02 -0.12 0.00
CA GLY A 7 15.90 -1.01 -1.15
C GLY A 7 15.75 -0.26 -2.45
N GLU A 8 16.05 -0.93 -3.56
CA GLU A 8 15.95 -0.32 -4.87
C GLU A 8 14.78 -0.90 -5.66
N ASP A 9 13.58 -0.37 -5.41
CA ASP A 9 12.38 -0.84 -6.09
C ASP A 9 12.53 -0.70 -7.60
N LYS A 10 12.50 -1.82 -8.31
CA LYS A 10 12.63 -1.82 -9.76
C LYS A 10 11.38 -2.39 -10.42
N THR A 11 11.00 -3.60 -10.00
CA THR A 11 9.82 -4.26 -10.55
C THR A 11 8.88 -4.71 -9.43
N ILE A 12 8.97 -4.06 -8.29
CA ILE A 12 8.12 -4.40 -7.14
C ILE A 12 6.69 -3.90 -7.35
N THR A 13 5.79 -4.83 -7.63
CA THR A 13 4.38 -4.50 -7.86
C THR A 13 3.57 -4.72 -6.60
N THR A 14 4.17 -4.43 -5.45
CA THR A 14 3.49 -4.60 -4.17
C THR A 14 3.69 -3.38 -3.27
N LEU A 15 2.72 -3.13 -2.40
CA LEU A 15 2.78 -1.99 -1.49
C LEU A 15 2.33 -2.39 -0.09
N TYR A 16 3.09 -1.96 0.91
CA TYR A 16 2.76 -2.27 2.30
C TYR A 16 2.01 -1.11 2.96
N VAL A 17 1.17 -1.44 3.93
CA VAL A 17 0.38 -0.43 4.63
C VAL A 17 0.25 -0.78 6.12
N GLY A 18 0.36 0.24 6.96
CA GLY A 18 0.25 0.01 8.39
C GLY A 18 -0.73 0.97 9.06
N GLY A 19 -1.14 0.65 10.28
CA GLY A 19 -2.07 1.50 11.00
C GLY A 19 -3.49 1.38 10.48
N LEU A 20 -3.92 0.15 10.22
CA LEU A 20 -5.26 -0.11 9.72
C LEU A 20 -6.31 0.09 10.81
N GLY A 21 -6.21 -0.72 11.86
CA GLY A 21 -7.14 -0.62 12.97
C GLY A 21 -8.54 -1.06 12.58
N ASP A 22 -9.29 -1.56 13.56
CA ASP A 22 -10.65 -2.02 13.31
C ASP A 22 -11.41 -1.04 12.41
N THR A 23 -11.10 0.25 12.57
CA THR A 23 -11.75 1.29 11.78
C THR A 23 -11.56 1.04 10.29
N ILE A 24 -10.34 0.66 9.91
CA ILE A 24 -10.03 0.40 8.51
C ILE A 24 -10.16 -1.09 8.19
N THR A 25 -10.64 -1.38 6.99
CA THR A 25 -10.81 -2.76 6.55
C THR A 25 -10.12 -3.02 5.22
N GLU A 26 -10.27 -4.23 4.70
CA GLU A 26 -9.66 -4.60 3.42
C GLU A 26 -10.27 -3.79 2.28
N THR A 27 -11.57 -3.94 2.09
CA THR A 27 -12.28 -3.22 1.02
C THR A 27 -11.82 -1.78 0.94
N ASP A 28 -11.83 -1.09 2.07
CA ASP A 28 -11.41 0.31 2.12
C ASP A 28 -10.19 0.54 1.26
N LEU A 29 -9.16 -0.28 1.46
CA LEU A 29 -7.93 -0.17 0.69
C LEU A 29 -8.12 -0.65 -0.74
N ARG A 30 -8.63 -1.88 -0.88
CA ARG A 30 -8.86 -2.47 -2.20
C ARG A 30 -9.45 -1.43 -3.15
N ASN A 31 -10.40 -0.64 -2.66
CA ASN A 31 -11.04 0.38 -3.47
C ASN A 31 -10.11 1.59 -3.66
N HIS A 32 -9.51 2.04 -2.56
CA HIS A 32 -8.60 3.17 -2.61
C HIS A 32 -7.49 2.94 -3.63
N PHE A 33 -7.04 1.70 -3.75
CA PHE A 33 -5.98 1.36 -4.68
C PHE A 33 -6.57 0.94 -6.03
N TYR A 34 -7.61 0.13 -6.00
CA TYR A 34 -8.26 -0.33 -7.21
C TYR A 34 -8.36 0.79 -8.24
N GLN A 35 -8.57 2.01 -7.76
CA GLN A 35 -8.70 3.17 -8.64
C GLN A 35 -7.47 3.29 -9.54
N PHE A 36 -6.28 3.15 -8.95
CA PHE A 36 -5.04 3.24 -9.71
C PHE A 36 -5.03 2.24 -10.86
N GLY A 37 -5.35 0.99 -10.57
CA GLY A 37 -5.37 -0.04 -11.59
C GLY A 37 -5.82 -1.38 -11.06
N GLU A 38 -5.40 -2.45 -11.73
CA GLU A 38 -5.77 -3.81 -11.31
C GLU A 38 -4.98 -4.23 -10.09
N ILE A 39 -5.63 -4.94 -9.18
CA ILE A 39 -4.99 -5.42 -7.96
C ILE A 39 -4.82 -6.94 -7.98
N ARG A 40 -3.58 -7.39 -8.06
CA ARG A 40 -3.28 -8.81 -8.09
C ARG A 40 -3.84 -9.51 -6.85
N THR A 41 -3.55 -8.95 -5.68
CA THR A 41 -4.02 -9.53 -4.42
C THR A 41 -3.89 -8.53 -3.28
N ILE A 42 -4.52 -8.84 -2.16
CA ILE A 42 -4.47 -7.96 -0.99
C ILE A 42 -4.44 -8.78 0.31
N THR A 43 -3.28 -8.82 0.94
CA THR A 43 -3.12 -9.56 2.19
C THR A 43 -3.23 -8.64 3.39
N VAL A 44 -4.42 -8.61 4.01
CA VAL A 44 -4.65 -7.76 5.17
C VAL A 44 -4.42 -8.54 6.47
N VAL A 45 -3.33 -8.19 7.17
CA VAL A 45 -3.00 -8.85 8.42
C VAL A 45 -3.48 -8.05 9.61
N GLN A 46 -4.63 -8.45 10.17
CA GLN A 46 -5.20 -7.76 11.32
C GLN A 46 -4.24 -7.80 12.51
N ARG A 47 -3.69 -8.97 12.79
CA ARG A 47 -2.76 -9.14 13.90
C ARG A 47 -1.59 -8.16 13.78
N GLN A 48 -1.38 -7.65 12.58
CA GLN A 48 -0.30 -6.71 12.33
C GLN A 48 -0.83 -5.39 11.79
N GLN A 49 -2.14 -5.18 11.93
CA GLN A 49 -2.77 -3.96 11.46
C GLN A 49 -2.07 -3.43 10.22
N CYS A 50 -1.88 -4.31 9.24
CA CYS A 50 -1.22 -3.93 7.98
C CYS A 50 -1.81 -4.69 6.81
N ALA A 51 -1.48 -4.25 5.60
CA ALA A 51 -1.98 -4.90 4.39
C ALA A 51 -0.98 -4.77 3.25
N PHE A 52 -1.06 -5.68 2.29
CA PHE A 52 -0.15 -5.67 1.15
C PHE A 52 -0.94 -5.68 -0.17
N ILE A 53 -0.93 -4.55 -0.86
CA ILE A 53 -1.63 -4.42 -2.13
C ILE A 53 -0.70 -4.72 -3.31
N GLN A 54 -1.07 -5.72 -4.09
CA GLN A 54 -0.28 -6.10 -5.26
C GLN A 54 -0.98 -5.70 -6.56
N PHE A 55 -0.18 -5.34 -7.55
CA PHE A 55 -0.70 -4.93 -8.85
C PHE A 55 -0.14 -5.78 -9.97
N ALA A 56 -0.93 -6.01 -11.01
CA ALA A 56 -0.51 -6.81 -12.15
C ALA A 56 0.56 -6.08 -12.95
N THR A 57 0.49 -4.75 -12.97
CA THR A 57 1.45 -3.95 -13.71
C THR A 57 2.03 -2.85 -12.82
N ARG A 58 3.35 -2.90 -12.61
CA ARG A 58 4.02 -1.91 -11.78
C ARG A 58 3.40 -0.53 -11.97
N GLN A 59 2.95 -0.25 -13.19
CA GLN A 59 2.34 1.04 -13.49
C GLN A 59 1.48 1.53 -12.33
N ALA A 60 0.38 0.83 -12.07
CA ALA A 60 -0.52 1.20 -10.98
C ALA A 60 0.22 1.25 -9.66
N ALA A 61 1.10 0.27 -9.43
CA ALA A 61 1.88 0.21 -8.20
C ALA A 61 2.59 1.53 -7.93
N GLU A 62 3.46 1.93 -8.85
CA GLU A 62 4.20 3.19 -8.71
C GLU A 62 3.27 4.32 -8.29
N VAL A 63 2.27 4.60 -9.13
CA VAL A 63 1.32 5.66 -8.85
C VAL A 63 0.82 5.59 -7.41
N ALA A 64 0.19 4.48 -7.05
CA ALA A 64 -0.33 4.29 -5.71
C ALA A 64 0.76 4.49 -4.67
N ALA A 65 2.00 4.13 -5.03
CA ALA A 65 3.13 4.28 -4.13
C ALA A 65 3.35 5.74 -3.74
N GLU A 66 3.31 6.62 -4.74
CA GLU A 66 3.51 8.04 -4.50
C GLU A 66 2.29 8.65 -3.82
N LYS A 67 1.12 8.08 -4.09
CA LYS A 67 -0.12 8.57 -3.50
C LYS A 67 -0.37 7.92 -2.14
N SER A 68 0.31 6.81 -1.89
CA SER A 68 0.17 6.09 -0.63
C SER A 68 1.21 6.55 0.38
N PHE A 69 2.40 6.85 -0.10
CA PHE A 69 3.49 7.31 0.76
C PHE A 69 3.05 8.50 1.60
N ASN A 70 2.90 8.29 2.90
CA ASN A 70 2.48 9.34 3.81
C ASN A 70 1.38 10.20 3.19
N LYS A 71 0.59 9.58 2.33
CA LYS A 71 -0.51 10.29 1.67
C LYS A 71 -1.83 9.55 1.85
N LEU A 72 -1.76 8.22 1.82
CA LEU A 72 -2.96 7.39 2.00
C LEU A 72 -3.57 7.59 3.38
N ILE A 73 -4.59 8.44 3.46
CA ILE A 73 -5.25 8.72 4.73
C ILE A 73 -6.73 8.36 4.66
N VAL A 74 -7.06 7.14 5.09
CA VAL A 74 -8.44 6.67 5.08
C VAL A 74 -9.05 6.74 6.48
N ASN A 75 -10.35 7.02 6.54
CA ASN A 75 -11.05 7.12 7.81
C ASN A 75 -10.36 8.10 8.74
N GLY A 76 -9.92 9.23 8.18
CA GLY A 76 -9.26 10.24 8.98
C GLY A 76 -8.17 9.65 9.86
N ARG A 77 -7.51 8.61 9.36
CA ARG A 77 -6.44 7.97 10.13
C ARG A 77 -5.23 7.70 9.24
N ARG A 78 -4.25 8.59 9.31
CA ARG A 78 -3.04 8.46 8.51
C ARG A 78 -2.53 7.02 8.52
N LEU A 79 -1.98 6.58 7.39
CA LEU A 79 -1.45 5.22 7.28
C LEU A 79 -0.02 5.24 6.74
N ASN A 80 0.84 4.43 7.35
CA ASN A 80 2.23 4.34 6.93
C ASN A 80 2.40 3.34 5.79
N VAL A 81 2.56 3.87 4.58
CA VAL A 81 2.73 3.02 3.40
C VAL A 81 4.20 2.96 2.97
N LYS A 82 4.65 1.77 2.58
CA LYS A 82 6.02 1.59 2.14
C LYS A 82 6.12 0.47 1.11
N TRP A 83 7.06 0.61 0.18
CA TRP A 83 7.26 -0.40 -0.86
C TRP A 83 7.44 -1.78 -0.26
N GLY A 84 7.00 -2.80 -0.98
CA GLY A 84 7.12 -4.17 -0.49
C GLY A 84 8.30 -4.89 -1.11
N ARG A 85 8.09 -6.15 -1.47
CA ARG A 85 9.15 -6.96 -2.07
C ARG A 85 8.76 -7.41 -3.48
N GLY A 1 17.00 9.26 11.44
CA GLY A 1 18.05 8.48 10.83
C GLY A 1 17.53 7.27 10.08
N SER A 2 16.86 7.52 8.96
CA SER A 2 16.29 6.44 8.16
C SER A 2 17.37 5.75 7.33
N SER A 3 17.30 4.43 7.26
CA SER A 3 18.28 3.65 6.51
C SER A 3 17.59 2.74 5.50
N GLY A 4 16.61 1.98 5.98
CA GLY A 4 15.88 1.07 5.10
C GLY A 4 14.96 1.81 4.15
N SER A 5 14.11 2.68 4.69
CA SER A 5 13.17 3.44 3.88
C SER A 5 13.89 4.14 2.73
N SER A 6 13.18 4.32 1.62
CA SER A 6 13.76 4.97 0.45
C SER A 6 14.94 4.18 -0.09
N GLY A 7 14.78 2.87 -0.18
CA GLY A 7 15.84 2.02 -0.67
C GLY A 7 15.69 1.70 -2.14
N GLU A 8 16.07 0.48 -2.53
CA GLU A 8 15.98 0.04 -3.92
C GLU A 8 14.64 -0.65 -4.17
N ASP A 9 14.27 -0.75 -5.45
CA ASP A 9 13.02 -1.39 -5.83
C ASP A 9 13.13 -2.01 -7.22
N LYS A 10 13.07 -3.34 -7.29
CA LYS A 10 13.16 -4.04 -8.56
C LYS A 10 11.77 -4.32 -9.13
N THR A 11 11.28 -3.41 -9.96
CA THR A 11 9.96 -3.57 -10.58
C THR A 11 8.97 -4.14 -9.58
N ILE A 12 9.07 -3.72 -8.33
CA ILE A 12 8.17 -4.19 -7.28
C ILE A 12 6.76 -3.64 -7.48
N THR A 13 5.81 -4.53 -7.77
CA THR A 13 4.43 -4.13 -7.98
C THR A 13 3.60 -4.34 -6.72
N THR A 14 4.25 -4.30 -5.56
CA THR A 14 3.57 -4.49 -4.29
C THR A 14 3.84 -3.32 -3.35
N LEU A 15 2.79 -2.90 -2.63
CA LEU A 15 2.91 -1.80 -1.69
C LEU A 15 2.31 -2.16 -0.33
N TYR A 16 3.12 -2.04 0.72
CA TYR A 16 2.67 -2.36 2.06
C TYR A 16 1.89 -1.19 2.67
N VAL A 17 1.02 -1.51 3.62
CA VAL A 17 0.21 -0.49 4.28
C VAL A 17 0.09 -0.77 5.78
N GLY A 18 0.26 0.27 6.58
CA GLY A 18 0.17 0.12 8.02
C GLY A 18 -0.87 1.04 8.63
N GLY A 19 -1.01 0.97 9.96
CA GLY A 19 -1.98 1.80 10.64
C GLY A 19 -3.39 1.58 10.13
N LEU A 20 -3.77 0.32 9.94
CA LEU A 20 -5.09 -0.02 9.45
C LEU A 20 -6.10 -0.06 10.59
N GLY A 21 -5.82 -0.90 11.58
CA GLY A 21 -6.71 -1.03 12.73
C GLY A 21 -8.10 -1.51 12.33
N ASP A 22 -8.86 -1.96 13.32
CA ASP A 22 -10.22 -2.44 13.07
C ASP A 22 -11.04 -1.40 12.33
N THR A 23 -10.75 -0.12 12.59
CA THR A 23 -11.47 0.97 11.95
C THR A 23 -11.40 0.86 10.44
N ILE A 24 -10.27 0.38 9.93
CA ILE A 24 -10.07 0.22 8.50
C ILE A 24 -10.20 -1.24 8.08
N THR A 25 -10.86 -1.48 6.95
CA THR A 25 -11.05 -2.83 6.44
C THR A 25 -10.25 -3.04 5.15
N GLU A 26 -10.36 -4.25 4.60
CA GLU A 26 -9.64 -4.57 3.36
C GLU A 26 -10.24 -3.83 2.18
N THR A 27 -11.56 -3.93 2.02
CA THR A 27 -12.25 -3.26 0.92
C THR A 27 -11.87 -1.79 0.84
N ASP A 28 -11.96 -1.10 1.97
CA ASP A 28 -11.63 0.32 2.03
C ASP A 28 -10.36 0.61 1.24
N LEU A 29 -9.36 -0.27 1.38
CA LEU A 29 -8.10 -0.11 0.67
C LEU A 29 -8.22 -0.58 -0.78
N ARG A 30 -8.74 -1.79 -0.96
CA ARG A 30 -8.91 -2.36 -2.28
C ARG A 30 -9.49 -1.33 -3.25
N ASN A 31 -10.47 -0.57 -2.77
CA ASN A 31 -11.11 0.45 -3.59
C ASN A 31 -10.22 1.69 -3.71
N HIS A 32 -9.63 2.10 -2.60
CA HIS A 32 -8.75 3.26 -2.58
C HIS A 32 -7.58 3.08 -3.55
N PHE A 33 -7.14 1.83 -3.69
CA PHE A 33 -6.03 1.52 -4.58
C PHE A 33 -6.53 1.11 -5.97
N TYR A 34 -7.63 0.36 -5.98
CA TYR A 34 -8.21 -0.10 -7.24
C TYR A 34 -8.31 1.04 -8.25
N GLN A 35 -8.68 2.22 -7.77
CA GLN A 35 -8.81 3.38 -8.63
C GLN A 35 -7.58 3.56 -9.50
N PHE A 36 -6.40 3.29 -8.93
CA PHE A 36 -5.15 3.41 -9.66
C PHE A 36 -5.08 2.39 -10.79
N GLY A 37 -5.49 1.16 -10.50
CA GLY A 37 -5.45 0.11 -11.50
C GLY A 37 -5.93 -1.23 -10.95
N GLU A 38 -5.46 -2.31 -11.56
CA GLU A 38 -5.83 -3.64 -11.13
C GLU A 38 -5.03 -4.08 -9.91
N ILE A 39 -5.69 -4.77 -8.99
CA ILE A 39 -5.02 -5.25 -7.77
C ILE A 39 -4.88 -6.77 -7.79
N ARG A 40 -3.64 -7.24 -7.91
CA ARG A 40 -3.38 -8.67 -7.93
C ARG A 40 -3.99 -9.36 -6.71
N THR A 41 -3.72 -8.81 -5.53
CA THR A 41 -4.24 -9.36 -4.29
C THR A 41 -4.06 -8.40 -3.12
N ILE A 42 -4.69 -8.69 -2.00
CA ILE A 42 -4.60 -7.85 -0.82
C ILE A 42 -4.61 -8.69 0.46
N THR A 43 -3.48 -8.72 1.14
CA THR A 43 -3.36 -9.48 2.38
C THR A 43 -3.36 -8.56 3.60
N VAL A 44 -4.52 -8.43 4.24
CA VAL A 44 -4.65 -7.59 5.42
C VAL A 44 -4.40 -8.38 6.70
N VAL A 45 -3.24 -8.13 7.32
CA VAL A 45 -2.89 -8.81 8.56
C VAL A 45 -3.32 -8.01 9.78
N GLN A 46 -4.45 -8.40 10.37
CA GLN A 46 -4.97 -7.72 11.54
C GLN A 46 -3.97 -7.77 12.69
N ARG A 47 -3.20 -8.86 12.76
CA ARG A 47 -2.21 -9.03 13.81
C ARG A 47 -1.18 -7.90 13.77
N GLN A 48 -0.81 -7.49 12.56
CA GLN A 48 0.17 -6.42 12.38
C GLN A 48 -0.49 -5.17 11.82
N GLN A 49 -1.81 -5.08 11.96
CA GLN A 49 -2.55 -3.93 11.47
C GLN A 49 -1.94 -3.40 10.17
N CYS A 50 -1.74 -4.28 9.20
CA CYS A 50 -1.16 -3.89 7.92
C CYS A 50 -1.81 -4.66 6.78
N ALA A 51 -1.58 -4.20 5.56
CA ALA A 51 -2.15 -4.84 4.37
C ALA A 51 -1.18 -4.73 3.19
N PHE A 52 -1.00 -5.84 2.49
CA PHE A 52 -0.11 -5.88 1.33
C PHE A 52 -0.90 -5.78 0.04
N ILE A 53 -0.79 -4.64 -0.63
CA ILE A 53 -1.50 -4.42 -1.89
C ILE A 53 -0.63 -4.78 -3.07
N GLN A 54 -1.05 -5.78 -3.83
CA GLN A 54 -0.30 -6.23 -5.00
C GLN A 54 -1.00 -5.80 -6.29
N PHE A 55 -0.23 -5.30 -7.24
CA PHE A 55 -0.78 -4.86 -8.52
C PHE A 55 -0.29 -5.74 -9.66
N ALA A 56 -1.09 -5.83 -10.72
CA ALA A 56 -0.73 -6.64 -11.89
C ALA A 56 0.31 -5.93 -12.75
N THR A 57 0.23 -4.61 -12.81
CA THR A 57 1.16 -3.81 -13.60
C THR A 57 1.77 -2.69 -12.77
N ARG A 58 3.09 -2.72 -12.63
CA ARG A 58 3.80 -1.71 -11.86
C ARG A 58 3.16 -0.34 -12.03
N GLN A 59 2.74 -0.05 -13.26
CA GLN A 59 2.11 1.23 -13.56
C GLN A 59 1.26 1.71 -12.40
N ALA A 60 0.24 0.94 -12.05
CA ALA A 60 -0.64 1.29 -10.95
C ALA A 60 0.13 1.38 -9.63
N ALA A 61 1.04 0.44 -9.41
CA ALA A 61 1.85 0.41 -8.20
C ALA A 61 2.58 1.74 -8.01
N GLU A 62 3.48 2.05 -8.94
CA GLU A 62 4.25 3.28 -8.87
C GLU A 62 3.35 4.47 -8.53
N VAL A 63 2.30 4.66 -9.32
CA VAL A 63 1.36 5.75 -9.10
C VAL A 63 0.88 5.78 -7.65
N ALA A 64 0.13 4.77 -7.26
CA ALA A 64 -0.39 4.69 -5.89
C ALA A 64 0.74 4.81 -4.87
N ALA A 65 1.93 4.37 -5.26
CA ALA A 65 3.10 4.43 -4.38
C ALA A 65 3.33 5.85 -3.88
N GLU A 66 3.41 6.80 -4.81
CA GLU A 66 3.63 8.19 -4.46
C GLU A 66 2.38 8.81 -3.84
N LYS A 67 1.23 8.26 -4.19
CA LYS A 67 -0.04 8.75 -3.67
C LYS A 67 -0.42 8.02 -2.38
N SER A 68 0.48 7.18 -1.90
CA SER A 68 0.24 6.41 -0.68
C SER A 68 1.26 6.79 0.40
N PHE A 69 2.50 6.99 -0.01
CA PHE A 69 3.57 7.35 0.92
C PHE A 69 3.10 8.45 1.88
N ASN A 70 2.86 8.08 3.12
CA ASN A 70 2.42 9.03 4.13
C ASN A 70 1.40 10.01 3.54
N LYS A 71 0.67 9.56 2.52
CA LYS A 71 -0.33 10.40 1.88
C LYS A 71 -1.70 9.72 1.91
N LEU A 72 -1.71 8.39 1.86
CA LEU A 72 -2.95 7.63 1.90
C LEU A 72 -3.60 7.71 3.27
N ILE A 73 -4.61 8.56 3.40
CA ILE A 73 -5.31 8.72 4.67
C ILE A 73 -6.79 8.39 4.52
N VAL A 74 -7.13 7.13 4.81
CA VAL A 74 -8.51 6.68 4.71
C VAL A 74 -9.21 6.73 6.07
N ASN A 75 -10.48 7.10 6.06
CA ASN A 75 -11.26 7.19 7.30
C ASN A 75 -10.51 8.02 8.34
N GLY A 76 -10.15 9.25 7.97
CA GLY A 76 -9.44 10.12 8.90
C GLY A 76 -8.40 9.37 9.71
N ARG A 77 -7.79 8.36 9.10
CA ARG A 77 -6.76 7.57 9.77
C ARG A 77 -5.54 7.39 8.88
N ARG A 78 -4.48 8.15 9.18
CA ARG A 78 -3.25 8.08 8.41
C ARG A 78 -2.74 6.65 8.33
N LEU A 79 -2.14 6.30 7.19
CA LEU A 79 -1.61 4.96 6.99
C LEU A 79 -0.18 5.02 6.47
N ASN A 80 0.70 4.23 7.08
CA ASN A 80 2.10 4.19 6.69
C ASN A 80 2.32 3.18 5.57
N VAL A 81 2.46 3.67 4.35
CA VAL A 81 2.67 2.81 3.20
C VAL A 81 4.15 2.78 2.80
N LYS A 82 4.66 1.59 2.50
CA LYS A 82 6.05 1.43 2.09
C LYS A 82 6.21 0.30 1.10
N TRP A 83 7.14 0.45 0.16
CA TRP A 83 7.39 -0.57 -0.85
C TRP A 83 7.62 -1.92 -0.21
N GLY A 84 6.96 -2.95 -0.76
CA GLY A 84 7.12 -4.29 -0.23
C GLY A 84 8.30 -5.03 -0.84
N ARG A 85 8.07 -6.29 -1.21
CA ARG A 85 9.12 -7.10 -1.82
C ARG A 85 9.48 -6.59 -3.20
N GLY A 1 24.29 -4.45 11.93
CA GLY A 1 24.04 -5.51 10.96
C GLY A 1 25.24 -5.76 10.07
N SER A 2 25.79 -6.96 10.16
CA SER A 2 26.96 -7.34 9.37
C SER A 2 26.56 -7.59 7.91
N SER A 3 25.57 -8.45 7.73
CA SER A 3 25.09 -8.78 6.38
C SER A 3 23.57 -8.89 6.36
N GLY A 4 22.96 -8.33 5.32
CA GLY A 4 21.51 -8.38 5.20
C GLY A 4 21.05 -9.21 4.01
N SER A 5 19.94 -8.81 3.41
CA SER A 5 19.39 -9.53 2.26
C SER A 5 19.38 -8.63 1.02
N SER A 6 19.72 -9.21 -0.13
CA SER A 6 19.76 -8.47 -1.38
C SER A 6 18.96 -9.19 -2.46
N GLY A 7 17.92 -8.52 -2.96
CA GLY A 7 17.09 -9.11 -4.00
C GLY A 7 16.62 -8.08 -5.01
N GLU A 8 15.87 -8.55 -6.00
CA GLU A 8 15.36 -7.67 -7.05
C GLU A 8 14.24 -6.79 -6.51
N ASP A 9 14.53 -5.51 -6.33
CA ASP A 9 13.54 -4.56 -5.83
C ASP A 9 13.36 -3.40 -6.80
N LYS A 10 13.07 -3.73 -8.05
CA LYS A 10 12.86 -2.72 -9.08
C LYS A 10 11.49 -2.87 -9.72
N THR A 11 11.02 -4.11 -9.83
CA THR A 11 9.72 -4.39 -10.42
C THR A 11 8.70 -4.77 -9.36
N ILE A 12 8.90 -4.26 -8.15
CA ILE A 12 7.99 -4.57 -7.04
C ILE A 12 6.61 -3.96 -7.27
N THR A 13 5.62 -4.82 -7.52
CA THR A 13 4.27 -4.37 -7.77
C THR A 13 3.41 -4.51 -6.51
N THR A 14 4.04 -4.40 -5.35
CA THR A 14 3.35 -4.51 -4.07
C THR A 14 3.59 -3.29 -3.21
N LEU A 15 2.63 -2.98 -2.34
CA LEU A 15 2.73 -1.84 -1.44
C LEU A 15 2.27 -2.19 -0.04
N TYR A 16 3.11 -1.93 0.95
CA TYR A 16 2.79 -2.22 2.34
C TYR A 16 2.07 -1.05 2.99
N VAL A 17 1.14 -1.35 3.89
CA VAL A 17 0.38 -0.32 4.58
C VAL A 17 0.19 -0.67 6.06
N GLY A 18 0.43 0.30 6.93
CA GLY A 18 0.29 0.08 8.35
C GLY A 18 -0.70 1.03 9.00
N GLY A 19 -1.08 0.74 10.24
CA GLY A 19 -2.02 1.59 10.94
C GLY A 19 -3.44 1.44 10.41
N LEU A 20 -3.85 0.20 10.15
CA LEU A 20 -5.18 -0.07 9.64
C LEU A 20 -6.22 0.00 10.76
N GLY A 21 -6.06 -0.84 11.77
CA GLY A 21 -6.98 -0.86 12.88
C GLY A 21 -8.37 -1.32 12.48
N ASP A 22 -9.14 -1.77 13.46
CA ASP A 22 -10.50 -2.25 13.20
C ASP A 22 -11.27 -1.24 12.33
N THR A 23 -10.97 0.04 12.52
CA THR A 23 -11.63 1.09 11.76
C THR A 23 -11.49 0.87 10.27
N ILE A 24 -10.28 0.55 9.82
CA ILE A 24 -10.01 0.32 8.41
C ILE A 24 -10.12 -1.18 8.08
N THR A 25 -10.49 -1.47 6.84
CA THR A 25 -10.64 -2.84 6.40
C THR A 25 -9.96 -3.06 5.05
N GLU A 26 -10.04 -4.29 4.55
CA GLU A 26 -9.42 -4.62 3.26
C GLU A 26 -10.12 -3.89 2.12
N THR A 27 -11.43 -4.11 2.00
CA THR A 27 -12.21 -3.47 0.94
C THR A 27 -11.86 -1.99 0.81
N ASP A 28 -11.88 -1.29 1.93
CA ASP A 28 -11.56 0.14 1.95
C ASP A 28 -10.32 0.42 1.11
N LEU A 29 -9.27 -0.36 1.32
CA LEU A 29 -8.03 -0.20 0.58
C LEU A 29 -8.17 -0.72 -0.85
N ARG A 30 -8.76 -1.90 -0.98
CA ARG A 30 -8.96 -2.50 -2.30
C ARG A 30 -9.57 -1.50 -3.27
N ASN A 31 -10.56 -0.74 -2.80
CA ASN A 31 -11.23 0.25 -3.63
C ASN A 31 -10.38 1.51 -3.75
N HIS A 32 -9.82 1.95 -2.63
CA HIS A 32 -8.99 3.15 -2.61
C HIS A 32 -7.81 3.01 -3.57
N PHE A 33 -7.31 1.79 -3.71
CA PHE A 33 -6.18 1.53 -4.60
C PHE A 33 -6.67 1.07 -5.98
N TYR A 34 -7.71 0.24 -5.99
CA TYR A 34 -8.27 -0.28 -7.23
C TYR A 34 -8.37 0.83 -8.27
N GLN A 35 -8.69 2.04 -7.82
CA GLN A 35 -8.81 3.18 -8.72
C GLN A 35 -7.57 3.33 -9.61
N PHE A 36 -6.40 3.12 -9.00
CA PHE A 36 -5.14 3.23 -9.72
C PHE A 36 -5.08 2.21 -10.86
N GLY A 37 -5.39 0.97 -10.55
CA GLY A 37 -5.37 -0.09 -11.56
C GLY A 37 -5.78 -1.44 -11.00
N GLU A 38 -5.47 -2.50 -11.74
CA GLU A 38 -5.82 -3.85 -11.32
C GLU A 38 -4.98 -4.27 -10.11
N ILE A 39 -5.65 -4.78 -9.09
CA ILE A 39 -4.98 -5.23 -7.87
C ILE A 39 -4.79 -6.73 -7.87
N ARG A 40 -3.55 -7.18 -8.01
CA ARG A 40 -3.24 -8.60 -8.03
C ARG A 40 -3.85 -9.30 -6.81
N THR A 41 -3.55 -8.77 -5.63
CA THR A 41 -4.07 -9.34 -4.39
C THR A 41 -3.92 -8.37 -3.22
N ILE A 42 -4.61 -8.64 -2.13
CA ILE A 42 -4.56 -7.79 -0.96
C ILE A 42 -4.52 -8.62 0.33
N THR A 43 -3.35 -8.68 0.95
CA THR A 43 -3.17 -9.44 2.18
C THR A 43 -3.26 -8.52 3.40
N VAL A 44 -4.42 -8.51 4.05
CA VAL A 44 -4.62 -7.68 5.23
C VAL A 44 -4.34 -8.47 6.51
N VAL A 45 -3.20 -8.17 7.14
CA VAL A 45 -2.81 -8.85 8.37
C VAL A 45 -3.31 -8.09 9.60
N GLN A 46 -4.43 -8.57 10.15
CA GLN A 46 -5.02 -7.95 11.33
C GLN A 46 -4.04 -7.97 12.51
N ARG A 47 -3.45 -9.13 12.75
CA ARG A 47 -2.50 -9.28 13.85
C ARG A 47 -1.37 -8.26 13.74
N GLN A 48 -1.18 -7.72 12.54
CA GLN A 48 -0.13 -6.74 12.29
C GLN A 48 -0.73 -5.43 11.78
N GLN A 49 -2.04 -5.27 11.94
CA GLN A 49 -2.73 -4.08 11.48
C GLN A 49 -2.06 -3.50 10.24
N CYS A 50 -1.84 -4.36 9.25
CA CYS A 50 -1.20 -3.94 8.00
C CYS A 50 -1.83 -4.66 6.81
N ALA A 51 -1.50 -4.18 5.61
CA ALA A 51 -2.02 -4.77 4.38
C ALA A 51 -1.02 -4.65 3.24
N PHE A 52 -1.10 -5.57 2.28
CA PHE A 52 -0.20 -5.57 1.14
C PHE A 52 -0.99 -5.56 -0.16
N ILE A 53 -0.95 -4.42 -0.86
CA ILE A 53 -1.65 -4.27 -2.13
C ILE A 53 -0.74 -4.57 -3.31
N GLN A 54 -1.13 -5.56 -4.11
CA GLN A 54 -0.33 -5.95 -5.27
C GLN A 54 -1.04 -5.55 -6.56
N PHE A 55 -0.26 -5.22 -7.59
CA PHE A 55 -0.82 -4.83 -8.88
C PHE A 55 -0.20 -5.65 -10.01
N ALA A 56 -1.04 -6.03 -10.96
CA ALA A 56 -0.58 -6.82 -12.10
C ALA A 56 0.50 -6.09 -12.89
N THR A 57 0.35 -4.77 -12.99
CA THR A 57 1.31 -3.95 -13.71
C THR A 57 1.89 -2.86 -12.81
N ARG A 58 3.21 -2.92 -12.59
CA ARG A 58 3.88 -1.95 -11.75
C ARG A 58 3.28 -0.56 -11.92
N GLN A 59 2.89 -0.24 -13.16
CA GLN A 59 2.29 1.05 -13.47
C GLN A 59 1.43 1.54 -12.31
N ALA A 60 0.36 0.80 -12.03
CA ALA A 60 -0.56 1.16 -10.95
C ALA A 60 0.19 1.23 -9.61
N ALA A 61 1.10 0.29 -9.39
CA ALA A 61 1.88 0.26 -8.16
C ALA A 61 2.60 1.58 -7.93
N GLU A 62 3.24 2.09 -8.98
CA GLU A 62 3.98 3.34 -8.88
C GLU A 62 3.03 4.50 -8.54
N VAL A 63 1.98 4.66 -9.34
CA VAL A 63 1.01 5.72 -9.13
C VAL A 63 0.53 5.74 -7.69
N ALA A 64 -0.05 4.63 -7.25
CA ALA A 64 -0.56 4.51 -5.89
C ALA A 64 0.54 4.77 -4.87
N ALA A 65 1.71 4.17 -5.10
CA ALA A 65 2.84 4.34 -4.19
C ALA A 65 2.97 5.79 -3.74
N GLU A 66 3.31 6.67 -4.68
CA GLU A 66 3.47 8.09 -4.37
C GLU A 66 2.21 8.65 -3.71
N LYS A 67 1.06 8.24 -4.21
CA LYS A 67 -0.22 8.69 -3.67
C LYS A 67 -0.54 7.98 -2.36
N SER A 68 0.36 7.11 -1.92
CA SER A 68 0.18 6.36 -0.69
C SER A 68 1.27 6.70 0.33
N PHE A 69 2.41 7.15 -0.17
CA PHE A 69 3.53 7.50 0.68
C PHE A 69 3.13 8.57 1.70
N ASN A 70 2.92 8.16 2.95
CA ASN A 70 2.53 9.08 4.00
C ASN A 70 1.48 10.07 3.50
N LYS A 71 0.66 9.63 2.54
CA LYS A 71 -0.38 10.48 1.98
C LYS A 71 -1.74 9.78 2.05
N LEU A 72 -1.72 8.46 1.93
CA LEU A 72 -2.96 7.68 1.97
C LEU A 72 -3.59 7.76 3.36
N ILE A 73 -4.56 8.67 3.51
CA ILE A 73 -5.25 8.83 4.79
C ILE A 73 -6.72 8.46 4.66
N VAL A 74 -7.04 7.21 5.03
CA VAL A 74 -8.41 6.73 4.96
C VAL A 74 -9.07 6.74 6.34
N ASN A 75 -10.34 7.09 6.38
CA ASN A 75 -11.09 7.14 7.63
C ASN A 75 -10.43 8.11 8.61
N GLY A 76 -9.98 9.25 8.10
CA GLY A 76 -9.34 10.24 8.94
C GLY A 76 -8.25 9.65 9.81
N ARG A 77 -7.57 8.62 9.28
CA ARG A 77 -6.49 7.96 10.02
C ARG A 77 -5.28 7.74 9.12
N ARG A 78 -4.25 8.55 9.32
CA ARG A 78 -3.03 8.45 8.53
C ARG A 78 -2.53 7.01 8.50
N LEU A 79 -1.95 6.62 7.37
CA LEU A 79 -1.42 5.27 7.21
C LEU A 79 0.01 5.29 6.69
N ASN A 80 0.88 4.51 7.32
CA ASN A 80 2.28 4.45 6.90
C ASN A 80 2.47 3.44 5.77
N VAL A 81 2.53 3.94 4.54
CA VAL A 81 2.71 3.09 3.38
C VAL A 81 4.18 3.03 2.96
N LYS A 82 4.61 1.87 2.47
CA LYS A 82 5.98 1.68 2.04
C LYS A 82 6.09 0.51 1.07
N TRP A 83 6.99 0.63 0.10
CA TRP A 83 7.19 -0.41 -0.89
C TRP A 83 7.42 -1.76 -0.22
N GLY A 84 7.00 -2.83 -0.89
CA GLY A 84 7.16 -4.17 -0.34
C GLY A 84 8.40 -4.87 -0.89
N ARG A 85 8.24 -6.14 -1.23
CA ARG A 85 9.34 -6.94 -1.77
C ARG A 85 9.27 -7.00 -3.29
N GLY A 1 27.29 13.28 7.52
CA GLY A 1 26.80 14.22 6.55
C GLY A 1 25.30 14.10 6.32
N SER A 2 24.83 14.64 5.20
CA SER A 2 23.40 14.60 4.88
C SER A 2 23.11 13.46 3.90
N SER A 3 22.79 12.29 4.45
CA SER A 3 22.48 11.12 3.63
C SER A 3 20.99 10.80 3.67
N GLY A 4 20.53 10.02 2.70
CA GLY A 4 19.13 9.66 2.65
C GLY A 4 18.63 9.47 1.23
N SER A 5 18.75 8.24 0.72
CA SER A 5 18.31 7.93 -0.64
C SER A 5 18.44 6.44 -0.92
N SER A 6 17.40 5.87 -1.52
CA SER A 6 17.40 4.44 -1.84
C SER A 6 16.45 4.15 -3.01
N GLY A 7 16.67 3.03 -3.67
CA GLY A 7 15.83 2.66 -4.80
C GLY A 7 15.92 1.18 -5.13
N GLU A 8 15.86 0.34 -4.09
CA GLU A 8 15.94 -1.11 -4.26
C GLU A 8 14.77 -1.61 -5.11
N ASP A 9 13.58 -1.08 -4.84
CA ASP A 9 12.38 -1.47 -5.57
C ASP A 9 12.56 -1.24 -7.07
N LYS A 10 12.67 -2.33 -7.81
CA LYS A 10 12.85 -2.24 -9.26
C LYS A 10 11.53 -2.55 -9.98
N THR A 11 11.12 -3.81 -9.93
CA THR A 11 9.89 -4.23 -10.57
C THR A 11 8.89 -4.79 -9.55
N ILE A 12 8.95 -4.27 -8.33
CA ILE A 12 8.06 -4.72 -7.27
C ILE A 12 6.68 -4.09 -7.42
N THR A 13 5.68 -4.93 -7.68
CA THR A 13 4.31 -4.45 -7.84
C THR A 13 3.51 -4.64 -6.56
N THR A 14 4.16 -4.42 -5.42
CA THR A 14 3.50 -4.56 -4.13
C THR A 14 3.80 -3.37 -3.22
N LEU A 15 2.80 -2.98 -2.44
CA LEU A 15 2.94 -1.85 -1.52
C LEU A 15 2.41 -2.19 -0.14
N TYR A 16 3.27 -2.09 0.87
CA TYR A 16 2.87 -2.38 2.24
C TYR A 16 2.12 -1.21 2.85
N VAL A 17 1.12 -1.53 3.68
CA VAL A 17 0.31 -0.51 4.34
C VAL A 17 0.14 -0.81 5.82
N GLY A 18 0.39 0.19 6.65
CA GLY A 18 0.26 0.00 8.09
C GLY A 18 -0.74 0.97 8.71
N GLY A 19 -0.97 0.82 10.01
CA GLY A 19 -1.91 1.69 10.69
C GLY A 19 -3.34 1.52 10.19
N LEU A 20 -3.75 0.26 10.01
CA LEU A 20 -5.09 -0.04 9.54
C LEU A 20 -6.08 -0.11 10.69
N GLY A 21 -5.80 -0.97 11.66
CA GLY A 21 -6.67 -1.12 12.81
C GLY A 21 -8.02 -1.70 12.44
N ASP A 22 -8.67 -2.33 13.42
CA ASP A 22 -9.97 -2.93 13.18
C ASP A 22 -10.89 -1.98 12.43
N THR A 23 -10.74 -0.69 12.70
CA THR A 23 -11.56 0.33 12.05
C THR A 23 -11.49 0.21 10.53
N ILE A 24 -10.28 0.26 9.99
CA ILE A 24 -10.07 0.15 8.55
C ILE A 24 -10.23 -1.29 8.09
N THR A 25 -10.85 -1.47 6.92
CA THR A 25 -11.06 -2.80 6.37
C THR A 25 -10.34 -2.96 5.03
N GLU A 26 -10.46 -4.14 4.44
CA GLU A 26 -9.81 -4.42 3.17
C GLU A 26 -10.45 -3.61 2.05
N THR A 27 -11.76 -3.76 1.89
CA THR A 27 -12.49 -3.05 0.85
C THR A 27 -12.07 -1.58 0.79
N ASP A 28 -12.03 -0.94 1.96
CA ASP A 28 -11.65 0.46 2.04
C ASP A 28 -10.36 0.72 1.27
N LEU A 29 -9.43 -0.23 1.34
CA LEU A 29 -8.15 -0.10 0.64
C LEU A 29 -8.27 -0.54 -0.81
N ARG A 30 -8.85 -1.72 -1.02
CA ARG A 30 -9.03 -2.26 -2.36
C ARG A 30 -9.60 -1.22 -3.30
N ASN A 31 -10.58 -0.45 -2.80
CA ASN A 31 -11.20 0.59 -3.59
C ASN A 31 -10.29 1.82 -3.71
N HIS A 32 -9.68 2.20 -2.60
CA HIS A 32 -8.79 3.35 -2.56
C HIS A 32 -7.65 3.17 -3.55
N PHE A 33 -7.20 1.93 -3.71
CA PHE A 33 -6.11 1.62 -4.63
C PHE A 33 -6.63 1.21 -6.00
N TYR A 34 -7.71 0.44 -6.00
CA TYR A 34 -8.31 -0.03 -7.25
C TYR A 34 -8.36 1.10 -8.28
N GLN A 35 -8.61 2.31 -7.81
CA GLN A 35 -8.68 3.47 -8.68
C GLN A 35 -7.44 3.56 -9.57
N PHE A 36 -6.28 3.30 -8.98
CA PHE A 36 -5.02 3.36 -9.71
C PHE A 36 -5.02 2.36 -10.88
N GLY A 37 -5.39 1.12 -10.58
CA GLY A 37 -5.43 0.09 -11.60
C GLY A 37 -5.98 -1.22 -11.09
N GLU A 38 -5.44 -2.32 -11.61
CA GLU A 38 -5.89 -3.65 -11.20
C GLU A 38 -5.09 -4.14 -9.98
N ILE A 39 -5.81 -4.58 -8.95
CA ILE A 39 -5.18 -5.08 -7.75
C ILE A 39 -5.05 -6.60 -7.77
N ARG A 40 -3.81 -7.08 -7.88
CA ARG A 40 -3.56 -8.51 -7.92
C ARG A 40 -4.16 -9.20 -6.69
N THR A 41 -3.80 -8.73 -5.51
CA THR A 41 -4.30 -9.29 -4.27
C THR A 41 -4.09 -8.33 -3.10
N ILE A 42 -4.75 -8.61 -1.99
CA ILE A 42 -4.65 -7.78 -0.80
C ILE A 42 -4.64 -8.61 0.47
N THR A 43 -3.50 -8.65 1.15
CA THR A 43 -3.36 -9.43 2.38
C THR A 43 -3.37 -8.51 3.60
N VAL A 44 -4.53 -8.41 4.25
CA VAL A 44 -4.67 -7.56 5.43
C VAL A 44 -4.35 -8.34 6.70
N VAL A 45 -3.24 -8.00 7.34
CA VAL A 45 -2.82 -8.67 8.57
C VAL A 45 -3.28 -7.89 9.80
N GLN A 46 -4.35 -8.36 10.42
CA GLN A 46 -4.88 -7.71 11.62
C GLN A 46 -3.86 -7.69 12.74
N ARG A 47 -3.23 -8.84 12.98
CA ARG A 47 -2.22 -8.95 14.02
C ARG A 47 -1.15 -7.88 13.86
N GLN A 48 -0.89 -7.48 12.62
CA GLN A 48 0.11 -6.47 12.33
C GLN A 48 -0.54 -5.19 11.80
N GLN A 49 -1.86 -5.10 11.95
CA GLN A 49 -2.61 -3.93 11.50
C GLN A 49 -2.00 -3.37 10.21
N CYS A 50 -1.84 -4.23 9.22
CA CYS A 50 -1.26 -3.82 7.93
C CYS A 50 -1.94 -4.56 6.78
N ALA A 51 -1.62 -4.15 5.56
CA ALA A 51 -2.19 -4.77 4.37
C ALA A 51 -1.26 -4.64 3.18
N PHE A 52 -1.04 -5.75 2.48
CA PHE A 52 -0.16 -5.77 1.32
C PHE A 52 -0.97 -5.68 0.02
N ILE A 53 -0.87 -4.53 -0.65
CA ILE A 53 -1.58 -4.33 -1.90
C ILE A 53 -0.72 -4.67 -3.10
N GLN A 54 -1.13 -5.69 -3.85
CA GLN A 54 -0.39 -6.11 -5.04
C GLN A 54 -1.10 -5.68 -6.32
N PHE A 55 -0.32 -5.29 -7.31
CA PHE A 55 -0.87 -4.84 -8.58
C PHE A 55 -0.37 -5.72 -9.73
N ALA A 56 -1.17 -5.82 -10.78
CA ALA A 56 -0.82 -6.64 -11.94
C ALA A 56 0.33 -6.01 -12.72
N THR A 57 0.31 -4.69 -12.83
CA THR A 57 1.35 -3.96 -13.54
C THR A 57 1.96 -2.86 -12.67
N ARG A 58 3.28 -2.89 -12.55
CA ARG A 58 3.98 -1.90 -11.74
C ARG A 58 3.39 -0.52 -11.94
N GLN A 59 2.87 -0.25 -13.14
CA GLN A 59 2.28 1.04 -13.45
C GLN A 59 1.43 1.53 -12.28
N ALA A 60 0.35 0.82 -12.00
CA ALA A 60 -0.54 1.19 -10.90
C ALA A 60 0.21 1.25 -9.58
N ALA A 61 1.11 0.31 -9.37
CA ALA A 61 1.90 0.26 -8.15
C ALA A 61 2.61 1.59 -7.90
N GLU A 62 3.43 2.01 -8.86
CA GLU A 62 4.16 3.26 -8.73
C GLU A 62 3.24 4.40 -8.31
N VAL A 63 2.20 4.63 -9.10
CA VAL A 63 1.23 5.68 -8.81
C VAL A 63 0.72 5.59 -7.38
N ALA A 64 0.21 4.41 -7.01
CA ALA A 64 -0.31 4.19 -5.67
C ALA A 64 0.76 4.47 -4.61
N ALA A 65 2.00 4.07 -4.91
CA ALA A 65 3.10 4.27 -3.99
C ALA A 65 3.21 5.74 -3.57
N GLU A 66 3.53 6.60 -4.52
CA GLU A 66 3.66 8.03 -4.25
C GLU A 66 2.40 8.57 -3.57
N LYS A 67 1.24 8.15 -4.07
CA LYS A 67 -0.04 8.59 -3.52
C LYS A 67 -0.33 7.89 -2.20
N SER A 68 0.61 7.06 -1.76
CA SER A 68 0.45 6.32 -0.50
C SER A 68 1.51 6.75 0.51
N PHE A 69 2.68 7.13 0.02
CA PHE A 69 3.77 7.56 0.88
C PHE A 69 3.31 8.65 1.85
N ASN A 70 2.95 8.23 3.06
CA ASN A 70 2.48 9.16 4.08
C ASN A 70 1.43 10.11 3.51
N LYS A 71 0.68 9.63 2.51
CA LYS A 71 -0.36 10.44 1.89
C LYS A 71 -1.69 9.70 1.90
N LEU A 72 -1.64 8.37 1.84
CA LEU A 72 -2.84 7.55 1.86
C LEU A 72 -3.52 7.60 3.22
N ILE A 73 -4.58 8.40 3.32
CA ILE A 73 -5.31 8.53 4.57
C ILE A 73 -6.77 8.08 4.39
N VAL A 74 -7.03 6.82 4.72
CA VAL A 74 -8.37 6.27 4.61
C VAL A 74 -9.13 6.38 5.93
N ASN A 75 -10.37 6.85 5.86
CA ASN A 75 -11.20 7.00 7.05
C ASN A 75 -10.52 7.92 8.07
N GLY A 76 -10.15 9.12 7.62
CA GLY A 76 -9.50 10.07 8.51
C GLY A 76 -8.46 9.41 9.40
N ARG A 77 -7.82 8.37 8.89
CA ARG A 77 -6.81 7.65 9.65
C ARG A 77 -5.54 7.47 8.82
N ARG A 78 -4.53 8.29 9.10
CA ARG A 78 -3.27 8.22 8.39
C ARG A 78 -2.75 6.78 8.33
N LEU A 79 -2.08 6.44 7.23
CA LEU A 79 -1.53 5.09 7.06
C LEU A 79 -0.09 5.15 6.56
N ASN A 80 0.78 4.37 7.17
CA ASN A 80 2.18 4.32 6.78
C ASN A 80 2.42 3.31 5.68
N VAL A 81 2.54 3.79 4.45
CA VAL A 81 2.77 2.92 3.30
C VAL A 81 4.25 2.85 2.95
N LYS A 82 4.69 1.68 2.48
CA LYS A 82 6.08 1.48 2.10
C LYS A 82 6.21 0.34 1.10
N TRP A 83 7.15 0.48 0.17
CA TRP A 83 7.38 -0.54 -0.85
C TRP A 83 7.60 -1.91 -0.21
N GLY A 84 7.13 -2.95 -0.88
CA GLY A 84 7.29 -4.30 -0.36
C GLY A 84 8.60 -4.94 -0.79
N ARG A 85 8.61 -6.26 -0.85
CA ARG A 85 9.80 -7.00 -1.24
C ARG A 85 9.45 -8.16 -2.18
N GLY A 1 19.57 13.16 9.77
CA GLY A 1 19.28 12.06 10.69
C GLY A 1 18.21 11.12 10.15
N SER A 2 18.33 10.77 8.88
CA SER A 2 17.37 9.87 8.24
C SER A 2 17.59 8.43 8.71
N SER A 3 16.51 7.66 8.74
CA SER A 3 16.58 6.26 9.18
C SER A 3 15.82 5.36 8.21
N GLY A 4 16.52 4.86 7.20
CA GLY A 4 15.91 3.99 6.22
C GLY A 4 16.06 4.52 4.80
N SER A 5 15.47 3.80 3.85
CA SER A 5 15.55 4.20 2.44
C SER A 5 14.29 3.77 1.69
N SER A 6 13.57 4.75 1.17
CA SER A 6 12.34 4.49 0.43
C SER A 6 12.47 4.93 -1.03
N GLY A 7 12.70 3.97 -1.91
CA GLY A 7 12.84 4.27 -3.33
C GLY A 7 13.22 3.06 -4.14
N GLU A 8 14.47 2.60 -4.00
CA GLU A 8 14.95 1.45 -4.73
C GLU A 8 13.91 0.33 -4.74
N ASP A 9 13.44 -0.02 -5.92
CA ASP A 9 12.44 -1.08 -6.07
C ASP A 9 12.60 -1.80 -7.40
N LYS A 10 12.91 -3.09 -7.33
CA LYS A 10 13.10 -3.89 -8.53
C LYS A 10 11.76 -4.36 -9.08
N THR A 11 11.18 -3.59 -10.00
CA THR A 11 9.90 -3.93 -10.60
C THR A 11 8.92 -4.42 -9.55
N ILE A 12 9.02 -3.87 -8.34
CA ILE A 12 8.13 -4.25 -7.25
C ILE A 12 6.72 -3.71 -7.47
N THR A 13 5.76 -4.62 -7.66
CA THR A 13 4.37 -4.24 -7.89
C THR A 13 3.54 -4.43 -6.62
N THR A 14 4.18 -4.29 -5.47
CA THR A 14 3.51 -4.46 -4.20
C THR A 14 3.77 -3.27 -3.27
N LEU A 15 2.75 -2.89 -2.51
CA LEU A 15 2.87 -1.77 -1.59
C LEU A 15 2.33 -2.13 -0.20
N TYR A 16 3.17 -1.96 0.81
CA TYR A 16 2.78 -2.27 2.19
C TYR A 16 1.98 -1.14 2.80
N VAL A 17 1.07 -1.47 3.71
CA VAL A 17 0.24 -0.47 4.38
C VAL A 17 0.07 -0.81 5.85
N GLY A 18 0.32 0.17 6.71
CA GLY A 18 0.19 -0.03 8.14
C GLY A 18 -0.86 0.86 8.76
N GLY A 19 -1.14 0.66 10.04
CA GLY A 19 -2.14 1.46 10.73
C GLY A 19 -3.54 1.24 10.17
N LEU A 20 -3.95 -0.02 10.09
CA LEU A 20 -5.27 -0.36 9.57
C LEU A 20 -6.34 -0.10 10.62
N GLY A 21 -6.24 -0.80 11.75
CA GLY A 21 -7.21 -0.64 12.81
C GLY A 21 -8.62 -1.04 12.40
N ASP A 22 -9.38 -1.60 13.33
CA ASP A 22 -10.74 -2.03 13.05
C ASP A 22 -11.45 -1.01 12.16
N THR A 23 -11.10 0.26 12.31
CA THR A 23 -11.71 1.32 11.52
C THR A 23 -11.56 1.05 10.03
N ILE A 24 -10.35 0.67 9.62
CA ILE A 24 -10.08 0.38 8.22
C ILE A 24 -10.16 -1.11 7.94
N THR A 25 -10.71 -1.47 6.78
CA THR A 25 -10.85 -2.86 6.39
C THR A 25 -10.18 -3.14 5.05
N GLU A 26 -10.29 -4.36 4.57
CA GLU A 26 -9.69 -4.75 3.30
C GLU A 26 -10.36 -4.02 2.14
N THR A 27 -11.68 -4.18 2.04
CA THR A 27 -12.44 -3.55 0.97
C THR A 27 -12.00 -2.10 0.77
N ASP A 28 -12.11 -1.29 1.82
CA ASP A 28 -11.73 0.11 1.75
C ASP A 28 -10.44 0.27 0.95
N LEU A 29 -9.37 -0.38 1.40
CA LEU A 29 -8.09 -0.30 0.72
C LEU A 29 -8.20 -0.75 -0.73
N ARG A 30 -8.77 -1.94 -0.92
CA ARG A 30 -8.94 -2.49 -2.27
C ARG A 30 -9.56 -1.46 -3.20
N ASN A 31 -10.52 -0.68 -2.67
CA ASN A 31 -11.19 0.34 -3.46
C ASN A 31 -10.31 1.57 -3.62
N HIS A 32 -9.62 1.94 -2.54
CA HIS A 32 -8.75 3.11 -2.56
C HIS A 32 -7.62 2.93 -3.57
N PHE A 33 -7.18 1.68 -3.75
CA PHE A 33 -6.11 1.37 -4.68
C PHE A 33 -6.68 0.96 -6.03
N TYR A 34 -7.74 0.17 -6.00
CA TYR A 34 -8.38 -0.30 -7.23
C TYR A 34 -8.47 0.82 -8.27
N GLN A 35 -8.68 2.04 -7.79
CA GLN A 35 -8.79 3.20 -8.68
C GLN A 35 -7.55 3.32 -9.55
N PHE A 36 -6.38 3.26 -8.94
CA PHE A 36 -5.12 3.36 -9.67
C PHE A 36 -5.07 2.35 -10.81
N GLY A 37 -5.36 1.09 -10.49
CA GLY A 37 -5.34 0.05 -11.50
C GLY A 37 -5.88 -1.27 -10.97
N GLU A 38 -5.45 -2.37 -11.59
CA GLU A 38 -5.90 -3.70 -11.18
C GLU A 38 -5.07 -4.21 -10.00
N ILE A 39 -5.76 -4.64 -8.95
CA ILE A 39 -5.08 -5.15 -7.76
C ILE A 39 -4.94 -6.67 -7.82
N ARG A 40 -3.70 -7.13 -7.91
CA ARG A 40 -3.44 -8.57 -7.98
C ARG A 40 -4.01 -9.29 -6.77
N THR A 41 -3.70 -8.77 -5.58
CA THR A 41 -4.19 -9.38 -4.34
C THR A 41 -4.00 -8.43 -3.16
N ILE A 42 -4.58 -8.78 -2.02
CA ILE A 42 -4.48 -7.96 -0.82
C ILE A 42 -4.42 -8.83 0.43
N THR A 43 -3.30 -8.76 1.14
CA THR A 43 -3.10 -9.54 2.36
C THR A 43 -3.17 -8.64 3.59
N VAL A 44 -4.33 -8.64 4.26
CA VAL A 44 -4.53 -7.83 5.46
C VAL A 44 -4.22 -8.64 6.72
N VAL A 45 -3.09 -8.33 7.35
CA VAL A 45 -2.68 -9.02 8.57
C VAL A 45 -3.17 -8.28 9.80
N GLN A 46 -4.27 -8.77 10.38
CA GLN A 46 -4.83 -8.15 11.58
C GLN A 46 -3.83 -8.15 12.72
N ARG A 47 -3.08 -9.24 12.84
CA ARG A 47 -2.08 -9.37 13.89
C ARG A 47 -0.98 -8.33 13.73
N GLN A 48 -0.98 -7.65 12.59
CA GLN A 48 0.03 -6.63 12.31
C GLN A 48 -0.63 -5.34 11.84
N GLN A 49 -1.97 -5.31 11.88
CA GLN A 49 -2.71 -4.14 11.44
C GLN A 49 -2.11 -3.54 10.18
N CYS A 50 -1.80 -4.41 9.21
CA CYS A 50 -1.21 -3.97 7.95
C CYS A 50 -1.85 -4.70 6.78
N ALA A 51 -1.61 -4.20 5.57
CA ALA A 51 -2.16 -4.81 4.36
C ALA A 51 -1.19 -4.67 3.19
N PHE A 52 -1.02 -5.75 2.45
CA PHE A 52 -0.12 -5.75 1.30
C PHE A 52 -0.90 -5.69 -0.02
N ILE A 53 -0.85 -4.55 -0.68
CA ILE A 53 -1.55 -4.36 -1.94
C ILE A 53 -0.66 -4.71 -3.13
N GLN A 54 -1.11 -5.70 -3.91
CA GLN A 54 -0.36 -6.13 -5.08
C GLN A 54 -1.03 -5.69 -6.37
N PHE A 55 -0.23 -5.30 -7.35
CA PHE A 55 -0.76 -4.84 -8.64
C PHE A 55 -0.23 -5.70 -9.78
N ALA A 56 -1.05 -5.86 -10.81
CA ALA A 56 -0.66 -6.66 -11.97
C ALA A 56 0.42 -5.96 -12.78
N THR A 57 0.32 -4.64 -12.88
CA THR A 57 1.29 -3.86 -13.63
C THR A 57 1.88 -2.74 -12.78
N ARG A 58 3.20 -2.75 -12.61
CA ARG A 58 3.88 -1.74 -11.81
C ARG A 58 3.23 -0.37 -11.99
N GLN A 59 2.83 -0.07 -13.22
CA GLN A 59 2.19 1.21 -13.52
C GLN A 59 1.32 1.67 -12.36
N ALA A 60 0.28 0.90 -12.06
CA ALA A 60 -0.62 1.22 -10.96
C ALA A 60 0.13 1.34 -9.64
N ALA A 61 1.01 0.39 -9.39
CA ALA A 61 1.81 0.39 -8.16
C ALA A 61 2.47 1.74 -7.94
N GLU A 62 3.27 2.17 -8.90
CA GLU A 62 3.96 3.45 -8.81
C GLU A 62 3.00 4.57 -8.42
N VAL A 63 2.06 4.85 -9.31
CA VAL A 63 1.07 5.90 -9.07
C VAL A 63 0.62 5.90 -7.61
N ALA A 64 0.06 4.78 -7.16
CA ALA A 64 -0.41 4.65 -5.79
C ALA A 64 0.73 4.88 -4.80
N ALA A 65 1.92 4.38 -5.15
CA ALA A 65 3.09 4.53 -4.29
C ALA A 65 3.26 5.98 -3.85
N GLU A 66 3.32 6.90 -4.81
CA GLU A 66 3.47 8.31 -4.51
C GLU A 66 2.23 8.88 -3.84
N LYS A 67 1.08 8.29 -4.15
CA LYS A 67 -0.19 8.73 -3.58
C LYS A 67 -0.50 7.98 -2.29
N SER A 68 0.46 7.16 -1.85
CA SER A 68 0.28 6.38 -0.62
C SER A 68 1.33 6.79 0.42
N PHE A 69 2.50 7.21 -0.05
CA PHE A 69 3.57 7.62 0.83
C PHE A 69 3.11 8.71 1.79
N ASN A 70 2.90 8.34 3.05
CA ASN A 70 2.46 9.29 4.06
C ASN A 70 1.40 10.23 3.49
N LYS A 71 0.64 9.74 2.53
CA LYS A 71 -0.42 10.53 1.90
C LYS A 71 -1.77 9.82 2.01
N LEU A 72 -1.75 8.51 1.90
CA LEU A 72 -2.97 7.71 1.98
C LEU A 72 -3.57 7.77 3.37
N ILE A 73 -4.49 8.71 3.57
CA ILE A 73 -5.15 8.88 4.85
C ILE A 73 -6.63 8.53 4.77
N VAL A 74 -6.96 7.26 5.03
CA VAL A 74 -8.33 6.80 4.98
C VAL A 74 -9.00 6.90 6.35
N ASN A 75 -10.29 7.18 6.35
CA ASN A 75 -11.05 7.30 7.60
C ASN A 75 -10.34 8.24 8.57
N GLY A 76 -9.91 9.40 8.07
CA GLY A 76 -9.23 10.37 8.91
C GLY A 76 -8.14 9.74 9.74
N ARG A 77 -7.52 8.68 9.22
CA ARG A 77 -6.45 7.99 9.94
C ARG A 77 -5.27 7.74 9.02
N ARG A 78 -4.21 8.53 9.21
CA ARG A 78 -3.01 8.40 8.39
C ARG A 78 -2.54 6.95 8.36
N LEU A 79 -1.92 6.55 7.25
CA LEU A 79 -1.43 5.19 7.09
C LEU A 79 0.02 5.19 6.57
N ASN A 80 0.86 4.40 7.21
CA ASN A 80 2.27 4.32 6.82
C ASN A 80 2.46 3.28 5.71
N VAL A 81 2.56 3.77 4.47
CA VAL A 81 2.74 2.88 3.33
C VAL A 81 4.20 2.88 2.87
N LYS A 82 4.69 1.71 2.49
CA LYS A 82 6.06 1.57 2.02
C LYS A 82 6.18 0.45 1.00
N TRP A 83 7.11 0.60 0.07
CA TRP A 83 7.33 -0.40 -0.98
C TRP A 83 7.52 -1.78 -0.36
N GLY A 84 6.89 -2.78 -0.95
CA GLY A 84 6.99 -4.14 -0.46
C GLY A 84 8.24 -4.84 -0.96
N ARG A 85 8.06 -5.99 -1.59
CA ARG A 85 9.18 -6.76 -2.12
C ARG A 85 9.26 -6.64 -3.64
N GLY A 1 19.23 15.60 7.68
CA GLY A 1 19.37 16.34 6.44
C GLY A 1 18.34 15.95 5.41
N SER A 2 18.79 15.29 4.35
CA SER A 2 17.89 14.85 3.28
C SER A 2 16.89 13.82 3.79
N SER A 3 15.72 13.78 3.17
CA SER A 3 14.68 12.84 3.56
C SER A 3 15.24 11.43 3.69
N GLY A 4 16.06 11.03 2.72
CA GLY A 4 16.65 9.71 2.74
C GLY A 4 16.11 8.82 1.63
N SER A 5 16.84 8.76 0.52
CA SER A 5 16.43 7.94 -0.61
C SER A 5 17.24 6.65 -0.69
N SER A 6 16.56 5.52 -0.53
CA SER A 6 17.22 4.22 -0.56
C SER A 6 16.20 3.10 -0.73
N GLY A 7 16.61 2.03 -1.39
CA GLY A 7 15.72 0.90 -1.59
C GLY A 7 15.95 0.21 -2.93
N GLU A 8 15.74 -1.10 -2.97
CA GLU A 8 15.93 -1.87 -4.19
C GLU A 8 14.60 -2.14 -4.88
N ASP A 9 13.99 -1.08 -5.41
CA ASP A 9 12.70 -1.21 -6.09
C ASP A 9 12.86 -1.00 -7.60
N LYS A 10 12.64 -2.07 -8.36
CA LYS A 10 12.75 -2.02 -9.81
C LYS A 10 11.46 -2.47 -10.49
N THR A 11 11.04 -3.68 -10.16
CA THR A 11 9.81 -4.24 -10.73
C THR A 11 8.86 -4.71 -9.64
N ILE A 12 8.97 -4.11 -8.46
CA ILE A 12 8.12 -4.48 -7.33
C ILE A 12 6.72 -3.91 -7.50
N THR A 13 5.76 -4.77 -7.79
CA THR A 13 4.37 -4.35 -7.97
C THR A 13 3.55 -4.60 -6.71
N THR A 14 4.18 -4.41 -5.55
CA THR A 14 3.51 -4.62 -4.27
C THR A 14 3.86 -3.51 -3.29
N LEU A 15 2.84 -3.06 -2.55
CA LEU A 15 3.04 -2.00 -1.56
C LEU A 15 2.55 -2.42 -0.19
N TYR A 16 3.08 -1.79 0.85
CA TYR A 16 2.69 -2.11 2.22
C TYR A 16 1.86 -0.98 2.83
N VAL A 17 0.95 -1.35 3.74
CA VAL A 17 0.10 -0.37 4.40
C VAL A 17 -0.12 -0.73 5.86
N GLY A 18 0.31 0.15 6.76
CA GLY A 18 0.15 -0.08 8.17
C GLY A 18 -0.88 0.83 8.81
N GLY A 19 -1.01 0.74 10.13
CA GLY A 19 -1.96 1.59 10.84
C GLY A 19 -3.37 1.43 10.30
N LEU A 20 -3.79 0.20 10.09
CA LEU A 20 -5.13 -0.08 9.57
C LEU A 20 -6.17 0.04 10.68
N GLY A 21 -6.02 -0.77 11.72
CA GLY A 21 -6.96 -0.73 12.82
C GLY A 21 -8.36 -1.12 12.41
N ASP A 22 -9.13 -1.64 13.36
CA ASP A 22 -10.50 -2.06 13.08
C ASP A 22 -11.22 -1.03 12.19
N THR A 23 -10.94 0.24 12.43
CA THR A 23 -11.55 1.32 11.65
C THR A 23 -11.43 1.05 10.16
N ILE A 24 -10.25 0.62 9.72
CA ILE A 24 -10.01 0.33 8.32
C ILE A 24 -10.16 -1.16 8.04
N THR A 25 -10.64 -1.49 6.84
CA THR A 25 -10.83 -2.87 6.45
C THR A 25 -10.13 -3.17 5.12
N GLU A 26 -10.26 -4.42 4.66
CA GLU A 26 -9.64 -4.82 3.40
C GLU A 26 -10.27 -4.09 2.21
N THR A 27 -11.58 -4.23 2.08
CA THR A 27 -12.31 -3.59 0.98
C THR A 27 -11.91 -2.12 0.85
N ASP A 28 -12.02 -1.38 1.94
CA ASP A 28 -11.68 0.03 1.95
C ASP A 28 -10.41 0.28 1.15
N LEU A 29 -9.40 -0.55 1.38
CA LEU A 29 -8.12 -0.42 0.67
C LEU A 29 -8.25 -0.89 -0.77
N ARG A 30 -8.89 -2.04 -0.96
CA ARG A 30 -9.08 -2.59 -2.30
C ARG A 30 -9.62 -1.53 -3.26
N ASN A 31 -10.63 -0.79 -2.80
CA ASN A 31 -11.24 0.26 -3.62
C ASN A 31 -10.34 1.49 -3.68
N HIS A 32 -9.72 1.81 -2.54
CA HIS A 32 -8.84 2.97 -2.46
C HIS A 32 -7.67 2.83 -3.42
N PHE A 33 -7.20 1.60 -3.60
CA PHE A 33 -6.08 1.34 -4.49
C PHE A 33 -6.57 0.95 -5.89
N TYR A 34 -7.64 0.16 -5.93
CA TYR A 34 -8.21 -0.28 -7.20
C TYR A 34 -8.28 0.87 -8.20
N GLN A 35 -8.61 2.05 -7.70
CA GLN A 35 -8.72 3.24 -8.56
C GLN A 35 -7.46 3.40 -9.41
N PHE A 36 -6.29 3.21 -8.79
CA PHE A 36 -5.03 3.33 -9.49
C PHE A 36 -4.94 2.33 -10.65
N GLY A 37 -5.27 1.08 -10.36
CA GLY A 37 -5.23 0.05 -11.38
C GLY A 37 -5.71 -1.30 -10.87
N GLU A 38 -5.45 -2.35 -11.64
CA GLU A 38 -5.85 -3.69 -11.26
C GLU A 38 -5.05 -4.19 -10.08
N ILE A 39 -5.75 -4.64 -9.04
CA ILE A 39 -5.10 -5.14 -7.83
C ILE A 39 -4.96 -6.66 -7.87
N ARG A 40 -3.72 -7.13 -8.01
CA ARG A 40 -3.45 -8.56 -8.06
C ARG A 40 -4.05 -9.27 -6.85
N THR A 41 -3.75 -8.77 -5.66
CA THR A 41 -4.26 -9.35 -4.43
C THR A 41 -4.09 -8.40 -3.26
N ILE A 42 -4.71 -8.73 -2.13
CA ILE A 42 -4.63 -7.91 -0.93
C ILE A 42 -4.64 -8.77 0.34
N THR A 43 -3.52 -8.75 1.05
CA THR A 43 -3.40 -9.53 2.29
C THR A 43 -3.39 -8.62 3.51
N VAL A 44 -4.54 -8.49 4.16
CA VAL A 44 -4.68 -7.65 5.34
C VAL A 44 -4.45 -8.46 6.61
N VAL A 45 -3.33 -8.19 7.30
CA VAL A 45 -3.00 -8.89 8.53
C VAL A 45 -3.47 -8.12 9.75
N GLN A 46 -4.59 -8.56 10.31
CA GLN A 46 -5.15 -7.90 11.49
C GLN A 46 -4.16 -7.91 12.65
N ARG A 47 -3.47 -9.03 12.82
CA ARG A 47 -2.50 -9.17 13.89
C ARG A 47 -1.36 -8.15 13.72
N GLN A 48 -1.18 -7.67 12.50
CA GLN A 48 -0.14 -6.69 12.22
C GLN A 48 -0.74 -5.37 11.74
N GLN A 49 -2.04 -5.21 11.96
CA GLN A 49 -2.74 -3.99 11.55
C GLN A 49 -2.14 -3.42 10.27
N CYS A 50 -1.88 -4.30 9.31
CA CYS A 50 -1.31 -3.89 8.03
C CYS A 50 -1.93 -4.67 6.88
N ALA A 51 -1.58 -4.28 5.65
CA ALA A 51 -2.10 -4.95 4.47
C ALA A 51 -1.19 -4.73 3.26
N PHE A 52 -1.01 -5.77 2.46
CA PHE A 52 -0.16 -5.69 1.28
C PHE A 52 -0.99 -5.62 0.01
N ILE A 53 -0.79 -4.56 -0.76
CA ILE A 53 -1.52 -4.38 -2.01
C ILE A 53 -0.67 -4.73 -3.21
N GLN A 54 -1.10 -5.75 -3.96
CA GLN A 54 -0.35 -6.19 -5.14
C GLN A 54 -1.07 -5.74 -6.41
N PHE A 55 -0.29 -5.32 -7.40
CA PHE A 55 -0.84 -4.87 -8.67
C PHE A 55 -0.31 -5.71 -9.83
N ALA A 56 -1.13 -5.88 -10.86
CA ALA A 56 -0.74 -6.66 -12.02
C ALA A 56 0.33 -5.94 -12.84
N THR A 57 0.24 -4.61 -12.87
CA THR A 57 1.20 -3.80 -13.61
C THR A 57 1.84 -2.75 -12.72
N ARG A 58 3.15 -2.84 -12.53
CA ARG A 58 3.88 -1.89 -11.70
C ARG A 58 3.30 -0.49 -11.84
N GLN A 59 2.93 -0.13 -13.07
CA GLN A 59 2.37 1.19 -13.34
C GLN A 59 1.54 1.68 -12.15
N ALA A 60 0.45 0.97 -11.86
CA ALA A 60 -0.41 1.34 -10.75
C ALA A 60 0.36 1.39 -9.44
N ALA A 61 1.16 0.37 -9.19
CA ALA A 61 1.96 0.29 -7.97
C ALA A 61 2.74 1.58 -7.75
N GLU A 62 3.50 1.99 -8.76
CA GLU A 62 4.30 3.21 -8.67
C GLU A 62 3.42 4.41 -8.31
N VAL A 63 2.31 4.56 -9.02
CA VAL A 63 1.38 5.66 -8.77
C VAL A 63 0.89 5.64 -7.32
N ALA A 64 0.23 4.56 -6.94
CA ALA A 64 -0.29 4.42 -5.59
C ALA A 64 0.81 4.58 -4.55
N ALA A 65 2.02 4.15 -4.90
CA ALA A 65 3.16 4.26 -3.99
C ALA A 65 3.34 5.69 -3.51
N GLU A 66 3.71 6.58 -4.43
CA GLU A 66 3.92 7.98 -4.09
C GLU A 66 2.66 8.58 -3.46
N LYS A 67 1.51 8.21 -4.00
CA LYS A 67 0.23 8.71 -3.48
C LYS A 67 -0.12 8.03 -2.16
N SER A 68 0.76 7.16 -1.69
CA SER A 68 0.53 6.45 -0.44
C SER A 68 1.58 6.84 0.60
N PHE A 69 2.79 7.12 0.13
CA PHE A 69 3.88 7.50 1.02
C PHE A 69 3.45 8.62 1.97
N ASN A 70 3.16 8.26 3.22
CA ASN A 70 2.72 9.24 4.21
C ASN A 70 1.70 10.20 3.63
N LYS A 71 0.90 9.70 2.69
CA LYS A 71 -0.13 10.52 2.05
C LYS A 71 -1.47 9.81 2.07
N LEU A 72 -1.44 8.48 2.02
CA LEU A 72 -2.67 7.68 2.03
C LEU A 72 -3.33 7.74 3.39
N ILE A 73 -4.41 8.52 3.48
CA ILE A 73 -5.14 8.66 4.73
C ILE A 73 -6.59 8.20 4.58
N VAL A 74 -6.86 6.96 4.96
CA VAL A 74 -8.20 6.40 4.85
C VAL A 74 -8.94 6.51 6.18
N ASN A 75 -10.22 6.87 6.10
CA ASN A 75 -11.04 7.02 7.30
C ASN A 75 -10.42 8.03 8.27
N GLY A 76 -10.00 9.17 7.75
CA GLY A 76 -9.40 10.20 8.58
C GLY A 76 -8.32 9.64 9.48
N ARG A 77 -7.66 8.58 9.04
CA ARG A 77 -6.60 7.95 9.81
C ARG A 77 -5.35 7.74 8.96
N ARG A 78 -4.35 8.59 9.17
CA ARG A 78 -3.10 8.50 8.43
C ARG A 78 -2.57 7.07 8.41
N LEU A 79 -2.09 6.63 7.25
CA LEU A 79 -1.57 5.28 7.10
C LEU A 79 -0.13 5.32 6.58
N ASN A 80 0.74 4.53 7.20
CA ASN A 80 2.13 4.47 6.79
C ASN A 80 2.33 3.42 5.70
N VAL A 81 2.56 3.89 4.47
CA VAL A 81 2.78 3.00 3.35
C VAL A 81 4.25 2.96 2.95
N LYS A 82 4.71 1.78 2.54
CA LYS A 82 6.09 1.60 2.12
C LYS A 82 6.20 0.58 1.00
N TRP A 83 7.35 0.55 0.34
CA TRP A 83 7.59 -0.39 -0.76
C TRP A 83 7.82 -1.79 -0.22
N GLY A 84 6.97 -2.73 -0.67
CA GLY A 84 7.10 -4.11 -0.23
C GLY A 84 8.36 -4.77 -0.75
N ARG A 85 8.30 -6.09 -0.92
CA ARG A 85 9.45 -6.85 -1.41
C ARG A 85 9.09 -7.64 -2.66
N GLY A 1 15.79 11.76 4.44
CA GLY A 1 17.15 12.11 4.10
C GLY A 1 18.14 11.02 4.45
N SER A 2 18.50 10.95 5.73
CA SER A 2 19.46 9.94 6.20
C SER A 2 19.00 8.55 5.81
N SER A 3 19.80 7.89 4.97
CA SER A 3 19.48 6.55 4.50
C SER A 3 19.31 5.60 5.68
N GLY A 4 18.18 4.90 5.72
CA GLY A 4 17.92 3.96 6.79
C GLY A 4 17.19 2.72 6.33
N SER A 5 16.21 2.91 5.44
CA SER A 5 15.43 1.79 4.92
C SER A 5 15.87 1.45 3.49
N SER A 6 16.87 0.59 3.37
CA SER A 6 17.38 0.19 2.07
C SER A 6 16.61 -1.02 1.53
N GLY A 7 16.13 -0.90 0.29
CA GLY A 7 15.38 -1.98 -0.31
C GLY A 7 15.31 -1.86 -1.82
N GLU A 8 16.27 -2.44 -2.51
CA GLU A 8 16.32 -2.39 -3.97
C GLU A 8 14.93 -2.63 -4.56
N ASP A 9 14.49 -1.72 -5.41
CA ASP A 9 13.18 -1.83 -6.06
C ASP A 9 13.29 -2.57 -7.38
N LYS A 10 12.89 -3.84 -7.36
CA LYS A 10 12.94 -4.67 -8.56
C LYS A 10 11.54 -5.09 -8.99
N THR A 11 11.00 -4.41 -10.01
CA THR A 11 9.67 -4.70 -10.51
C THR A 11 8.73 -5.10 -9.38
N ILE A 12 8.78 -4.33 -8.29
CA ILE A 12 7.93 -4.59 -7.14
C ILE A 12 6.56 -3.94 -7.30
N THR A 13 5.58 -4.72 -7.74
CA THR A 13 4.22 -4.21 -7.93
C THR A 13 3.39 -4.38 -6.66
N THR A 14 4.06 -4.47 -5.53
CA THR A 14 3.37 -4.63 -4.25
C THR A 14 3.71 -3.49 -3.30
N LEU A 15 2.72 -3.03 -2.54
CA LEU A 15 2.90 -1.95 -1.59
C LEU A 15 2.40 -2.34 -0.20
N TYR A 16 3.06 -1.84 0.83
CA TYR A 16 2.67 -2.13 2.20
C TYR A 16 1.91 -0.96 2.82
N VAL A 17 0.91 -1.27 3.65
CA VAL A 17 0.11 -0.26 4.30
C VAL A 17 -0.13 -0.60 5.76
N GLY A 18 0.43 0.20 6.67
CA GLY A 18 0.26 -0.02 8.08
C GLY A 18 -0.79 0.87 8.70
N GLY A 19 -1.02 0.71 10.00
CA GLY A 19 -2.01 1.52 10.69
C GLY A 19 -3.41 1.31 10.14
N LEU A 20 -3.83 0.05 10.06
CA LEU A 20 -5.16 -0.27 9.55
C LEU A 20 -6.22 -0.10 10.63
N GLY A 21 -6.06 -0.86 11.73
CA GLY A 21 -7.02 -0.77 12.82
C GLY A 21 -8.40 -1.21 12.41
N ASP A 22 -9.15 -1.75 13.36
CA ASP A 22 -10.51 -2.22 13.11
C ASP A 22 -11.27 -1.19 12.26
N THR A 23 -10.93 0.08 12.41
CA THR A 23 -11.58 1.14 11.66
C THR A 23 -11.46 0.91 10.16
N ILE A 24 -10.28 0.49 9.73
CA ILE A 24 -10.03 0.24 8.31
C ILE A 24 -10.14 -1.25 7.99
N THR A 25 -10.63 -1.56 6.79
CA THR A 25 -10.78 -2.95 6.37
C THR A 25 -10.10 -3.20 5.03
N GLU A 26 -10.25 -4.40 4.50
CA GLU A 26 -9.64 -4.77 3.23
C GLU A 26 -10.37 -4.07 2.07
N THR A 27 -11.67 -4.29 1.98
CA THR A 27 -12.48 -3.69 0.94
C THR A 27 -12.13 -2.22 0.75
N ASP A 28 -12.10 -1.48 1.84
CA ASP A 28 -11.77 -0.06 1.80
C ASP A 28 -10.51 0.19 0.99
N LEU A 29 -9.46 -0.54 1.31
CA LEU A 29 -8.18 -0.40 0.61
C LEU A 29 -8.30 -0.88 -0.83
N ARG A 30 -8.97 -2.01 -1.02
CA ARG A 30 -9.16 -2.58 -2.36
C ARG A 30 -9.72 -1.52 -3.31
N ASN A 31 -10.73 -0.79 -2.85
CA ASN A 31 -11.36 0.25 -3.67
C ASN A 31 -10.51 1.50 -3.69
N HIS A 32 -9.82 1.78 -2.59
CA HIS A 32 -8.97 2.95 -2.49
C HIS A 32 -7.80 2.86 -3.46
N PHE A 33 -7.29 1.64 -3.65
CA PHE A 33 -6.17 1.43 -4.56
C PHE A 33 -6.66 1.05 -5.95
N TYR A 34 -7.74 0.27 -6.01
CA TYR A 34 -8.30 -0.16 -7.29
C TYR A 34 -8.38 1.00 -8.27
N GLN A 35 -8.49 2.21 -7.73
CA GLN A 35 -8.58 3.41 -8.56
C GLN A 35 -7.29 3.61 -9.36
N PHE A 36 -6.15 3.38 -8.73
CA PHE A 36 -4.86 3.53 -9.38
C PHE A 36 -4.74 2.55 -10.55
N GLY A 37 -5.23 1.34 -10.36
CA GLY A 37 -5.15 0.34 -11.41
C GLY A 37 -5.66 -1.02 -10.95
N GLU A 38 -5.18 -2.08 -11.59
CA GLU A 38 -5.59 -3.43 -11.24
C GLU A 38 -4.87 -3.92 -9.99
N ILE A 39 -5.58 -4.65 -9.14
CA ILE A 39 -5.01 -5.18 -7.91
C ILE A 39 -4.90 -6.70 -7.96
N ARG A 40 -3.67 -7.20 -8.00
CA ARG A 40 -3.44 -8.63 -8.06
C ARG A 40 -4.02 -9.33 -6.82
N THR A 41 -3.71 -8.79 -5.65
CA THR A 41 -4.20 -9.35 -4.39
C THR A 41 -4.02 -8.36 -3.25
N ILE A 42 -4.60 -8.70 -2.09
CA ILE A 42 -4.50 -7.85 -0.92
C ILE A 42 -4.41 -8.68 0.36
N THR A 43 -3.22 -8.72 0.95
CA THR A 43 -3.00 -9.47 2.17
C THR A 43 -3.10 -8.58 3.41
N VAL A 44 -4.25 -8.63 4.07
CA VAL A 44 -4.48 -7.83 5.27
C VAL A 44 -4.15 -8.62 6.53
N VAL A 45 -3.06 -8.24 7.19
CA VAL A 45 -2.64 -8.90 8.42
C VAL A 45 -3.06 -8.11 9.65
N GLN A 46 -4.16 -8.55 10.27
CA GLN A 46 -4.67 -7.88 11.46
C GLN A 46 -3.64 -7.90 12.58
N ARG A 47 -2.96 -9.02 12.74
CA ARG A 47 -1.94 -9.16 13.77
C ARG A 47 -0.96 -7.99 13.74
N GLN A 48 -0.62 -7.55 12.53
CA GLN A 48 0.31 -6.43 12.36
C GLN A 48 -0.42 -5.19 11.87
N GLN A 49 -1.74 -5.25 11.88
CA GLN A 49 -2.56 -4.12 11.42
C GLN A 49 -1.98 -3.52 10.15
N CYS A 50 -1.75 -4.36 9.15
CA CYS A 50 -1.20 -3.91 7.89
C CYS A 50 -1.86 -4.63 6.72
N ALA A 51 -1.62 -4.14 5.51
CA ALA A 51 -2.19 -4.75 4.30
C ALA A 51 -1.26 -4.60 3.11
N PHE A 52 -1.00 -5.70 2.42
CA PHE A 52 -0.12 -5.68 1.25
C PHE A 52 -0.93 -5.66 -0.04
N ILE A 53 -0.89 -4.52 -0.73
CA ILE A 53 -1.62 -4.36 -1.98
C ILE A 53 -0.75 -4.70 -3.17
N GLN A 54 -1.20 -5.66 -3.98
CA GLN A 54 -0.45 -6.09 -5.16
C GLN A 54 -1.14 -5.60 -6.44
N PHE A 55 -0.34 -5.19 -7.42
CA PHE A 55 -0.86 -4.71 -8.69
C PHE A 55 -0.33 -5.54 -9.84
N ALA A 56 -1.17 -5.74 -10.85
CA ALA A 56 -0.78 -6.52 -12.03
C ALA A 56 0.27 -5.78 -12.85
N THR A 57 0.14 -4.46 -12.92
CA THR A 57 1.08 -3.65 -13.68
C THR A 57 1.75 -2.61 -12.79
N ARG A 58 3.07 -2.72 -12.66
CA ARG A 58 3.83 -1.80 -11.83
C ARG A 58 3.27 -0.38 -11.94
N GLN A 59 2.87 0.00 -13.15
CA GLN A 59 2.31 1.32 -13.38
C GLN A 59 1.45 1.77 -12.21
N ALA A 60 0.32 1.09 -12.01
CA ALA A 60 -0.59 1.43 -10.92
C ALA A 60 0.14 1.45 -9.58
N ALA A 61 1.01 0.47 -9.37
CA ALA A 61 1.78 0.38 -8.13
C ALA A 61 2.50 1.70 -7.84
N GLU A 62 3.34 2.13 -8.78
CA GLU A 62 4.09 3.36 -8.62
C GLU A 62 3.17 4.51 -8.23
N VAL A 63 2.24 4.84 -9.11
CA VAL A 63 1.30 5.93 -8.85
C VAL A 63 0.80 5.90 -7.41
N ALA A 64 0.05 4.86 -7.07
CA ALA A 64 -0.48 4.71 -5.71
C ALA A 64 0.62 4.88 -4.67
N ALA A 65 1.75 4.22 -4.90
CA ALA A 65 2.88 4.30 -3.99
C ALA A 65 3.18 5.74 -3.60
N GLU A 66 3.63 6.53 -4.56
CA GLU A 66 3.95 7.94 -4.32
C GLU A 66 2.75 8.67 -3.74
N LYS A 67 1.57 8.34 -4.24
CA LYS A 67 0.34 8.97 -3.76
C LYS A 67 -0.18 8.28 -2.51
N SER A 68 0.60 7.34 -1.98
CA SER A 68 0.22 6.61 -0.79
C SER A 68 1.23 6.84 0.34
N PHE A 69 2.38 7.42 -0.01
CA PHE A 69 3.42 7.69 0.96
C PHE A 69 3.01 8.84 1.89
N ASN A 70 2.83 8.53 3.16
CA ASN A 70 2.43 9.52 4.14
C ASN A 70 1.37 10.46 3.57
N LYS A 71 0.62 9.96 2.61
CA LYS A 71 -0.44 10.75 1.97
C LYS A 71 -1.77 10.01 2.03
N LEU A 72 -1.71 8.68 1.96
CA LEU A 72 -2.92 7.85 2.00
C LEU A 72 -3.53 7.87 3.40
N ILE A 73 -4.59 8.66 3.57
CA ILE A 73 -5.28 8.75 4.85
C ILE A 73 -6.70 8.23 4.74
N VAL A 74 -6.89 6.96 5.09
CA VAL A 74 -8.21 6.35 5.04
C VAL A 74 -8.95 6.51 6.37
N ASN A 75 -10.24 6.86 6.29
CA ASN A 75 -11.05 7.05 7.49
C ASN A 75 -10.39 8.05 8.43
N GLY A 76 -10.03 9.21 7.90
CA GLY A 76 -9.39 10.23 8.72
C GLY A 76 -8.31 9.66 9.62
N ARG A 77 -7.68 8.58 9.17
CA ARG A 77 -6.62 7.94 9.93
C ARG A 77 -5.38 7.72 9.07
N ARG A 78 -4.42 8.63 9.20
CA ARG A 78 -3.18 8.54 8.43
C ARG A 78 -2.66 7.10 8.38
N LEU A 79 -2.05 6.73 7.27
CA LEU A 79 -1.52 5.39 7.10
C LEU A 79 -0.08 5.44 6.59
N ASN A 80 0.77 4.61 7.18
CA ASN A 80 2.18 4.54 6.79
C ASN A 80 2.39 3.53 5.68
N VAL A 81 2.48 4.02 4.45
CA VAL A 81 2.68 3.15 3.29
C VAL A 81 4.16 3.08 2.92
N LYS A 82 4.59 1.89 2.51
CA LYS A 82 5.99 1.67 2.12
C LYS A 82 6.08 0.67 0.98
N TRP A 83 7.28 0.52 0.43
CA TRP A 83 7.51 -0.42 -0.66
C TRP A 83 7.78 -1.83 -0.13
N GLY A 84 6.95 -2.78 -0.55
CA GLY A 84 7.12 -4.15 -0.11
C GLY A 84 8.39 -4.78 -0.63
N ARG A 85 8.28 -6.01 -1.14
CA ARG A 85 9.43 -6.72 -1.68
C ARG A 85 9.14 -7.24 -3.08
N GLY A 1 13.78 13.65 10.57
CA GLY A 1 13.76 12.31 11.12
C GLY A 1 13.21 11.29 10.13
N SER A 2 14.11 10.65 9.38
CA SER A 2 13.70 9.65 8.40
C SER A 2 14.85 8.70 8.09
N SER A 3 14.51 7.50 7.66
CA SER A 3 15.51 6.48 7.33
C SER A 3 15.84 6.50 5.84
N GLY A 4 14.80 6.55 5.01
CA GLY A 4 15.00 6.57 3.57
C GLY A 4 13.94 5.77 2.83
N SER A 5 12.80 6.39 2.57
CA SER A 5 11.71 5.73 1.87
C SER A 5 12.18 5.18 0.52
N SER A 6 12.94 6.00 -0.20
CA SER A 6 13.46 5.61 -1.51
C SER A 6 14.34 4.36 -1.39
N GLY A 7 14.58 3.72 -2.53
CA GLY A 7 15.41 2.53 -2.54
C GLY A 7 15.38 1.80 -3.86
N GLU A 8 16.02 0.64 -3.91
CA GLU A 8 16.05 -0.16 -5.14
C GLU A 8 14.95 -1.21 -5.14
N ASP A 9 13.97 -1.05 -6.02
CA ASP A 9 12.86 -1.98 -6.13
C ASP A 9 12.86 -2.68 -7.48
N LYS A 10 12.98 -4.01 -7.45
CA LYS A 10 12.99 -4.80 -8.68
C LYS A 10 11.57 -5.08 -9.15
N THR A 11 11.12 -4.30 -10.13
CA THR A 11 9.78 -4.48 -10.68
C THR A 11 8.79 -4.88 -9.60
N ILE A 12 8.92 -4.27 -8.43
CA ILE A 12 8.03 -4.58 -7.31
C ILE A 12 6.67 -3.91 -7.48
N THR A 13 5.63 -4.73 -7.59
CA THR A 13 4.27 -4.20 -7.76
C THR A 13 3.45 -4.40 -6.49
N THR A 14 4.12 -4.44 -5.35
CA THR A 14 3.46 -4.62 -4.07
C THR A 14 3.68 -3.42 -3.16
N LEU A 15 2.63 -3.03 -2.43
CA LEU A 15 2.72 -1.89 -1.52
C LEU A 15 2.23 -2.28 -0.12
N TYR A 16 3.00 -1.89 0.89
CA TYR A 16 2.64 -2.20 2.27
C TYR A 16 1.96 -1.00 2.94
N VAL A 17 0.94 -1.28 3.74
CA VAL A 17 0.21 -0.23 4.44
C VAL A 17 -0.04 -0.60 5.89
N GLY A 18 0.34 0.30 6.80
CA GLY A 18 0.16 0.04 8.22
C GLY A 18 -0.87 0.97 8.85
N GLY A 19 -1.17 0.74 10.11
CA GLY A 19 -2.14 1.57 10.81
C GLY A 19 -3.56 1.33 10.31
N LEU A 20 -3.91 0.06 10.10
CA LEU A 20 -5.24 -0.29 9.62
C LEU A 20 -6.29 -0.05 10.71
N GLY A 21 -6.17 -0.79 11.81
CA GLY A 21 -7.10 -0.65 12.91
C GLY A 21 -8.49 -1.12 12.54
N ASP A 22 -9.29 -1.43 13.55
CA ASP A 22 -10.67 -1.89 13.33
C ASP A 22 -11.46 -0.87 12.52
N THR A 23 -10.93 0.33 12.43
CA THR A 23 -11.59 1.40 11.68
C THR A 23 -11.45 1.20 10.17
N ILE A 24 -10.34 0.61 9.77
CA ILE A 24 -10.07 0.35 8.36
C ILE A 24 -10.16 -1.14 8.05
N THR A 25 -10.65 -1.47 6.86
CA THR A 25 -10.78 -2.86 6.45
C THR A 25 -10.14 -3.08 5.08
N GLU A 26 -10.15 -4.33 4.63
CA GLU A 26 -9.57 -4.69 3.34
C GLU A 26 -10.26 -3.92 2.21
N THR A 27 -11.56 -4.14 2.05
CA THR A 27 -12.33 -3.47 1.02
C THR A 27 -11.89 -2.03 0.84
N ASP A 28 -11.93 -1.27 1.93
CA ASP A 28 -11.53 0.14 1.91
C ASP A 28 -10.29 0.33 1.04
N LEU A 29 -9.23 -0.39 1.36
CA LEU A 29 -7.98 -0.30 0.61
C LEU A 29 -8.17 -0.81 -0.81
N ARG A 30 -8.77 -1.98 -0.95
CA ARG A 30 -9.01 -2.58 -2.26
C ARG A 30 -9.57 -1.54 -3.23
N ASN A 31 -10.51 -0.74 -2.75
CA ASN A 31 -11.14 0.29 -3.58
C ASN A 31 -10.24 1.52 -3.68
N HIS A 32 -9.63 1.89 -2.56
CA HIS A 32 -8.74 3.05 -2.53
C HIS A 32 -7.60 2.89 -3.53
N PHE A 33 -7.15 1.65 -3.73
CA PHE A 33 -6.07 1.36 -4.66
C PHE A 33 -6.62 0.98 -6.03
N TYR A 34 -7.66 0.16 -6.03
CA TYR A 34 -8.27 -0.29 -7.28
C TYR A 34 -8.40 0.86 -8.27
N GLN A 35 -8.69 2.05 -7.75
CA GLN A 35 -8.83 3.24 -8.58
C GLN A 35 -7.60 3.44 -9.47
N PHE A 36 -6.42 3.23 -8.89
CA PHE A 36 -5.17 3.39 -9.62
C PHE A 36 -5.07 2.36 -10.75
N GLY A 37 -5.45 1.12 -10.45
CA GLY A 37 -5.39 0.08 -11.45
C GLY A 37 -5.78 -1.28 -10.89
N GLU A 38 -5.59 -2.32 -11.70
CA GLU A 38 -5.94 -3.68 -11.28
C GLU A 38 -5.11 -4.10 -10.06
N ILE A 39 -5.74 -4.82 -9.15
CA ILE A 39 -5.06 -5.29 -7.94
C ILE A 39 -4.88 -6.80 -7.96
N ARG A 40 -3.63 -7.25 -8.08
CA ARG A 40 -3.33 -8.67 -8.11
C ARG A 40 -3.89 -9.37 -6.87
N THR A 41 -3.61 -8.82 -5.70
CA THR A 41 -4.09 -9.39 -4.44
C THR A 41 -3.86 -8.43 -3.28
N ILE A 42 -4.57 -8.67 -2.18
CA ILE A 42 -4.44 -7.82 -1.00
C ILE A 42 -4.42 -8.67 0.27
N THR A 43 -3.26 -8.75 0.91
CA THR A 43 -3.11 -9.53 2.13
C THR A 43 -3.14 -8.62 3.36
N VAL A 44 -4.30 -8.58 4.02
CA VAL A 44 -4.47 -7.74 5.21
C VAL A 44 -4.16 -8.54 6.47
N VAL A 45 -2.99 -8.32 7.05
CA VAL A 45 -2.58 -9.01 8.26
C VAL A 45 -3.09 -8.28 9.51
N GLN A 46 -4.18 -8.77 10.07
CA GLN A 46 -4.77 -8.18 11.26
C GLN A 46 -3.78 -8.19 12.42
N ARG A 47 -2.93 -9.22 12.45
CA ARG A 47 -1.94 -9.35 13.51
C ARG A 47 -1.01 -8.14 13.54
N GLN A 48 -0.66 -7.62 12.36
CA GLN A 48 0.22 -6.47 12.26
C GLN A 48 -0.54 -5.26 11.71
N GLN A 49 -1.86 -5.28 11.85
CA GLN A 49 -2.71 -4.19 11.37
C GLN A 49 -2.12 -3.57 10.10
N CYS A 50 -1.80 -4.41 9.13
CA CYS A 50 -1.23 -3.94 7.86
C CYS A 50 -1.80 -4.72 6.69
N ALA A 51 -1.55 -4.23 5.49
CA ALA A 51 -2.05 -4.87 4.27
C ALA A 51 -1.06 -4.72 3.12
N PHE A 52 -0.99 -5.72 2.26
CA PHE A 52 -0.09 -5.69 1.11
C PHE A 52 -0.87 -5.67 -0.19
N ILE A 53 -0.87 -4.52 -0.86
CA ILE A 53 -1.58 -4.37 -2.12
C ILE A 53 -0.67 -4.70 -3.31
N GLN A 54 -1.07 -5.70 -4.10
CA GLN A 54 -0.30 -6.10 -5.27
C GLN A 54 -0.97 -5.65 -6.56
N PHE A 55 -0.16 -5.26 -7.53
CA PHE A 55 -0.68 -4.80 -8.82
C PHE A 55 -0.10 -5.63 -9.96
N ALA A 56 -0.94 -5.90 -10.96
CA ALA A 56 -0.52 -6.69 -12.11
C ALA A 56 0.60 -5.98 -12.88
N THR A 57 0.56 -4.66 -12.89
CA THR A 57 1.57 -3.87 -13.58
C THR A 57 2.10 -2.74 -12.70
N ARG A 58 3.41 -2.72 -12.50
CA ARG A 58 4.04 -1.70 -11.67
C ARG A 58 3.38 -0.33 -11.88
N GLN A 59 2.92 -0.10 -13.10
CA GLN A 59 2.26 1.16 -13.43
C GLN A 59 1.40 1.65 -12.29
N ALA A 60 0.34 0.89 -11.99
CA ALA A 60 -0.58 1.25 -10.91
C ALA A 60 0.17 1.35 -9.58
N ALA A 61 0.89 0.30 -9.23
CA ALA A 61 1.65 0.26 -7.97
C ALA A 61 2.34 1.60 -7.73
N GLU A 62 3.26 1.95 -8.61
CA GLU A 62 4.01 3.21 -8.48
C GLU A 62 3.06 4.37 -8.17
N VAL A 63 2.17 4.66 -9.10
CA VAL A 63 1.21 5.75 -8.93
C VAL A 63 0.67 5.77 -7.51
N ALA A 64 -0.02 4.71 -7.12
CA ALA A 64 -0.59 4.60 -5.78
C ALA A 64 0.49 4.76 -4.72
N ALA A 65 1.70 4.27 -5.02
CA ALA A 65 2.81 4.36 -4.08
C ALA A 65 3.03 5.80 -3.63
N GLU A 66 3.33 6.68 -4.57
CA GLU A 66 3.57 8.09 -4.27
C GLU A 66 2.31 8.74 -3.71
N LYS A 67 1.15 8.33 -4.23
CA LYS A 67 -0.13 8.88 -3.78
C LYS A 67 -0.52 8.30 -2.43
N SER A 68 0.23 7.30 -1.98
CA SER A 68 -0.04 6.65 -0.70
C SER A 68 1.09 6.91 0.29
N PHE A 69 2.19 7.47 -0.20
CA PHE A 69 3.35 7.76 0.63
C PHE A 69 3.01 8.83 1.67
N ASN A 70 2.85 8.40 2.92
CA ASN A 70 2.52 9.31 4.01
C ASN A 70 1.45 10.30 3.58
N LYS A 71 0.60 9.88 2.65
CA LYS A 71 -0.47 10.72 2.14
C LYS A 71 -1.81 9.99 2.21
N LEU A 72 -1.76 8.67 2.10
CA LEU A 72 -2.97 7.85 2.16
C LEU A 72 -3.60 7.90 3.54
N ILE A 73 -4.60 8.75 3.71
CA ILE A 73 -5.29 8.89 4.99
C ILE A 73 -6.75 8.48 4.87
N VAL A 74 -7.04 7.22 5.19
CA VAL A 74 -8.40 6.70 5.12
C VAL A 74 -9.08 6.77 6.49
N ASN A 75 -10.38 7.03 6.47
CA ASN A 75 -11.14 7.12 7.72
C ASN A 75 -10.48 8.06 8.70
N GLY A 76 -10.13 9.26 8.24
CA GLY A 76 -9.48 10.23 9.10
C GLY A 76 -8.36 9.63 9.92
N ARG A 77 -7.66 8.66 9.34
CA ARG A 77 -6.56 8.00 10.03
C ARG A 77 -5.38 7.80 9.09
N ARG A 78 -4.31 8.57 9.33
CA ARG A 78 -3.11 8.48 8.50
C ARG A 78 -2.56 7.05 8.49
N LEU A 79 -2.03 6.64 7.34
CA LEU A 79 -1.47 5.31 7.19
C LEU A 79 -0.05 5.37 6.65
N ASN A 80 0.83 4.54 7.22
CA ASN A 80 2.22 4.50 6.79
C ASN A 80 2.41 3.51 5.65
N VAL A 81 2.46 4.02 4.42
CA VAL A 81 2.63 3.18 3.25
C VAL A 81 4.11 3.08 2.86
N LYS A 82 4.53 1.88 2.48
CA LYS A 82 5.92 1.64 2.10
C LYS A 82 6.01 0.50 1.10
N TRP A 83 6.90 0.64 0.12
CA TRP A 83 7.09 -0.39 -0.89
C TRP A 83 7.30 -1.76 -0.25
N GLY A 84 6.62 -2.76 -0.80
CA GLY A 84 6.75 -4.11 -0.26
C GLY A 84 8.09 -4.74 -0.59
N ARG A 85 8.05 -5.86 -1.31
CA ARG A 85 9.28 -6.56 -1.67
C ARG A 85 9.27 -6.90 -3.16
N GLY A 1 26.69 1.37 6.93
CA GLY A 1 25.36 1.97 6.77
C GLY A 1 25.26 2.80 5.51
N SER A 2 25.79 2.28 4.40
CA SER A 2 25.75 2.99 3.14
C SER A 2 24.34 3.48 2.82
N SER A 3 24.22 4.75 2.45
CA SER A 3 22.94 5.34 2.13
C SER A 3 22.12 4.42 1.22
N GLY A 4 22.82 3.54 0.51
CA GLY A 4 22.16 2.61 -0.38
C GLY A 4 22.11 1.20 0.17
N SER A 5 21.74 1.08 1.43
CA SER A 5 21.65 -0.22 2.09
C SER A 5 20.20 -0.62 2.32
N SER A 6 19.55 -1.13 1.28
CA SER A 6 18.16 -1.54 1.37
C SER A 6 17.74 -2.32 0.13
N GLY A 7 16.67 -3.11 0.25
CA GLY A 7 16.20 -3.88 -0.87
C GLY A 7 16.33 -3.15 -2.19
N GLU A 8 16.53 -3.90 -3.27
CA GLU A 8 16.68 -3.30 -4.59
C GLU A 8 15.36 -3.35 -5.36
N ASP A 9 14.47 -2.41 -5.07
CA ASP A 9 13.18 -2.34 -5.73
C ASP A 9 13.33 -2.04 -7.21
N LYS A 10 13.06 -3.03 -8.05
CA LYS A 10 13.17 -2.87 -9.49
C LYS A 10 11.80 -3.01 -10.17
N THR A 11 11.21 -4.19 -10.04
CA THR A 11 9.91 -4.46 -10.63
C THR A 11 8.90 -4.89 -9.57
N ILE A 12 9.01 -4.31 -8.39
CA ILE A 12 8.10 -4.63 -7.29
C ILE A 12 6.73 -3.98 -7.50
N THR A 13 5.74 -4.81 -7.78
CA THR A 13 4.38 -4.33 -8.00
C THR A 13 3.52 -4.50 -6.75
N THR A 14 4.16 -4.39 -5.58
CA THR A 14 3.46 -4.54 -4.32
C THR A 14 3.78 -3.38 -3.38
N LEU A 15 2.82 -3.03 -2.53
CA LEU A 15 3.00 -1.94 -1.57
C LEU A 15 2.55 -2.37 -0.17
N TYR A 16 3.08 -1.69 0.85
CA TYR A 16 2.74 -1.99 2.22
C TYR A 16 1.87 -0.90 2.83
N VAL A 17 0.96 -1.29 3.71
CA VAL A 17 0.06 -0.34 4.36
C VAL A 17 -0.15 -0.70 5.82
N GLY A 18 0.34 0.17 6.71
CA GLY A 18 0.19 -0.07 8.14
C GLY A 18 -0.84 0.84 8.78
N GLY A 19 -0.99 0.72 10.09
CA GLY A 19 -1.95 1.55 10.80
C GLY A 19 -3.36 1.38 10.27
N LEU A 20 -3.78 0.14 10.08
CA LEU A 20 -5.12 -0.15 9.58
C LEU A 20 -6.15 -0.12 10.70
N GLY A 21 -5.94 -0.95 11.71
CA GLY A 21 -6.85 -1.01 12.84
C GLY A 21 -8.26 -1.41 12.43
N ASP A 22 -9.03 -1.92 13.38
CA ASP A 22 -10.39 -2.35 13.11
C ASP A 22 -11.15 -1.29 12.30
N THR A 23 -10.83 -0.02 12.56
CA THR A 23 -11.48 1.08 11.86
C THR A 23 -11.40 0.90 10.35
N ILE A 24 -10.22 0.50 9.86
CA ILE A 24 -10.02 0.29 8.44
C ILE A 24 -10.14 -1.19 8.08
N THR A 25 -10.70 -1.46 6.91
CA THR A 25 -10.88 -2.83 6.45
C THR A 25 -10.18 -3.06 5.12
N GLU A 26 -10.34 -4.26 4.56
CA GLU A 26 -9.73 -4.60 3.29
C GLU A 26 -10.40 -3.85 2.15
N THR A 27 -11.70 -4.03 2.01
CA THR A 27 -12.47 -3.37 0.95
C THR A 27 -12.08 -1.91 0.83
N ASP A 28 -12.07 -1.21 1.96
CA ASP A 28 -11.72 0.21 1.97
C ASP A 28 -10.43 0.46 1.16
N LEU A 29 -9.46 -0.42 1.33
CA LEU A 29 -8.19 -0.30 0.61
C LEU A 29 -8.33 -0.76 -0.83
N ARG A 30 -8.92 -1.94 -1.01
CA ARG A 30 -9.12 -2.50 -2.35
C ARG A 30 -9.68 -1.43 -3.30
N ASN A 31 -10.67 -0.69 -2.82
CA ASN A 31 -11.29 0.36 -3.63
C ASN A 31 -10.39 1.59 -3.71
N HIS A 32 -9.76 1.94 -2.60
CA HIS A 32 -8.87 3.09 -2.54
C HIS A 32 -7.71 2.93 -3.53
N PHE A 33 -7.26 1.69 -3.71
CA PHE A 33 -6.16 1.40 -4.62
C PHE A 33 -6.68 1.00 -6.00
N TYR A 34 -7.75 0.21 -6.01
CA TYR A 34 -8.34 -0.25 -7.27
C TYR A 34 -8.41 0.90 -8.28
N GLN A 35 -8.63 2.11 -7.79
CA GLN A 35 -8.72 3.28 -8.66
C GLN A 35 -7.47 3.40 -9.53
N PHE A 36 -6.30 3.18 -8.92
CA PHE A 36 -5.04 3.26 -9.65
C PHE A 36 -5.03 2.31 -10.84
N GLY A 37 -5.36 1.05 -10.57
CA GLY A 37 -5.38 0.05 -11.62
C GLY A 37 -5.93 -1.28 -11.16
N GLU A 38 -5.46 -2.36 -11.77
CA GLU A 38 -5.92 -3.70 -11.41
C GLU A 38 -5.13 -4.24 -10.22
N ILE A 39 -5.83 -4.59 -9.15
CA ILE A 39 -5.20 -5.13 -7.96
C ILE A 39 -5.10 -6.66 -8.02
N ARG A 40 -3.87 -7.16 -8.02
CA ARG A 40 -3.64 -8.60 -8.07
C ARG A 40 -4.20 -9.29 -6.83
N THR A 41 -3.83 -8.78 -5.66
CA THR A 41 -4.29 -9.35 -4.41
C THR A 41 -4.04 -8.40 -3.24
N ILE A 42 -4.74 -8.62 -2.13
CA ILE A 42 -4.58 -7.78 -0.95
C ILE A 42 -4.55 -8.62 0.31
N THR A 43 -3.38 -8.70 0.94
CA THR A 43 -3.22 -9.48 2.16
C THR A 43 -3.24 -8.57 3.39
N VAL A 44 -4.38 -8.50 4.06
CA VAL A 44 -4.53 -7.68 5.25
C VAL A 44 -4.20 -8.47 6.51
N VAL A 45 -3.14 -8.07 7.20
CA VAL A 45 -2.72 -8.74 8.43
C VAL A 45 -3.25 -8.01 9.65
N GLN A 46 -4.30 -8.55 10.24
CA GLN A 46 -4.90 -7.94 11.44
C GLN A 46 -3.90 -7.88 12.58
N ARG A 47 -3.24 -9.00 12.85
CA ARG A 47 -2.25 -9.07 13.91
C ARG A 47 -1.19 -7.99 13.75
N GLN A 48 -0.92 -7.62 12.51
CA GLN A 48 0.06 -6.59 12.21
C GLN A 48 -0.60 -5.30 11.75
N GLN A 49 -1.91 -5.21 11.95
CA GLN A 49 -2.67 -4.03 11.57
C GLN A 49 -2.11 -3.42 10.28
N CYS A 50 -1.86 -4.27 9.29
CA CYS A 50 -1.32 -3.82 8.01
C CYS A 50 -1.94 -4.59 6.85
N ALA A 51 -1.55 -4.23 5.63
CA ALA A 51 -2.08 -4.89 4.44
C ALA A 51 -1.15 -4.66 3.25
N PHE A 52 -0.98 -5.71 2.44
CA PHE A 52 -0.11 -5.62 1.26
C PHE A 52 -0.95 -5.59 -0.01
N ILE A 53 -0.81 -4.51 -0.77
CA ILE A 53 -1.54 -4.37 -2.03
C ILE A 53 -0.68 -4.75 -3.23
N GLN A 54 -1.12 -5.77 -3.96
CA GLN A 54 -0.39 -6.23 -5.13
C GLN A 54 -1.07 -5.78 -6.41
N PHE A 55 -0.28 -5.39 -7.41
CA PHE A 55 -0.80 -4.94 -8.69
C PHE A 55 -0.26 -5.78 -9.83
N ALA A 56 -1.04 -5.92 -10.90
CA ALA A 56 -0.64 -6.69 -12.06
C ALA A 56 0.47 -5.98 -12.83
N THR A 57 0.33 -4.66 -12.99
CA THR A 57 1.32 -3.87 -13.71
C THR A 57 1.93 -2.82 -12.80
N ARG A 58 3.26 -2.85 -12.68
CA ARG A 58 3.98 -1.90 -11.85
C ARG A 58 3.35 -0.51 -11.96
N GLN A 59 2.88 -0.17 -13.15
CA GLN A 59 2.27 1.13 -13.39
C GLN A 59 1.41 1.55 -12.21
N ALA A 60 0.33 0.82 -11.98
CA ALA A 60 -0.58 1.11 -10.88
C ALA A 60 0.18 1.20 -9.55
N ALA A 61 1.01 0.20 -9.28
CA ALA A 61 1.79 0.17 -8.05
C ALA A 61 2.47 1.51 -7.79
N GLU A 62 3.37 1.89 -8.69
CA GLU A 62 4.09 3.16 -8.56
C GLU A 62 3.14 4.28 -8.14
N VAL A 63 2.18 4.59 -9.01
CA VAL A 63 1.22 5.65 -8.74
C VAL A 63 0.73 5.58 -7.30
N ALA A 64 0.14 4.44 -6.93
CA ALA A 64 -0.36 4.24 -5.58
C ALA A 64 0.72 4.51 -4.54
N ALA A 65 1.94 4.08 -4.84
CA ALA A 65 3.06 4.27 -3.93
C ALA A 65 3.18 5.74 -3.52
N GLU A 66 3.50 6.60 -4.48
CA GLU A 66 3.65 8.02 -4.22
C GLU A 66 2.39 8.58 -3.55
N LYS A 67 1.23 8.12 -4.01
CA LYS A 67 -0.04 8.58 -3.45
C LYS A 67 -0.36 7.86 -2.14
N SER A 68 0.56 7.00 -1.71
CA SER A 68 0.37 6.24 -0.48
C SER A 68 1.44 6.61 0.56
N PHE A 69 2.60 7.05 0.06
CA PHE A 69 3.70 7.43 0.93
C PHE A 69 3.28 8.53 1.89
N ASN A 70 3.02 8.15 3.14
CA ASN A 70 2.61 9.11 4.17
C ASN A 70 1.57 10.08 3.60
N LYS A 71 0.75 9.60 2.68
CA LYS A 71 -0.29 10.42 2.07
C LYS A 71 -1.64 9.70 2.11
N LEU A 72 -1.61 8.38 2.06
CA LEU A 72 -2.83 7.59 2.09
C LEU A 72 -3.49 7.66 3.47
N ILE A 73 -4.50 8.52 3.58
CA ILE A 73 -5.22 8.69 4.84
C ILE A 73 -6.66 8.21 4.72
N VAL A 74 -6.90 6.96 5.09
CA VAL A 74 -8.24 6.39 5.03
C VAL A 74 -8.98 6.58 6.34
N ASN A 75 -10.27 6.91 6.25
CA ASN A 75 -11.09 7.11 7.44
C ASN A 75 -10.45 8.13 8.37
N GLY A 76 -10.01 9.26 7.81
CA GLY A 76 -9.38 10.29 8.61
C GLY A 76 -8.31 9.74 9.54
N ARG A 77 -7.72 8.62 9.15
CA ARG A 77 -6.67 8.00 9.95
C ARG A 77 -5.42 7.76 9.12
N ARG A 78 -4.45 8.66 9.23
CA ARG A 78 -3.21 8.55 8.49
C ARG A 78 -2.69 7.12 8.50
N LEU A 79 -2.17 6.67 7.37
CA LEU A 79 -1.64 5.32 7.25
C LEU A 79 -0.22 5.33 6.72
N ASN A 80 0.65 4.50 7.30
CA ASN A 80 2.04 4.41 6.89
C ASN A 80 2.20 3.41 5.75
N VAL A 81 2.57 3.91 4.57
CA VAL A 81 2.77 3.05 3.41
C VAL A 81 4.22 3.04 2.98
N LYS A 82 4.70 1.89 2.52
CA LYS A 82 6.08 1.74 2.08
C LYS A 82 6.19 0.63 1.02
N TRP A 83 7.29 0.66 0.27
CA TRP A 83 7.52 -0.34 -0.76
C TRP A 83 7.76 -1.72 -0.15
N GLY A 84 6.95 -2.69 -0.56
CA GLY A 84 7.09 -4.04 -0.04
C GLY A 84 8.32 -4.74 -0.58
N ARG A 85 8.30 -6.07 -0.55
CA ARG A 85 9.42 -6.86 -1.04
C ARG A 85 9.18 -7.31 -2.47
N GLY A 1 17.37 0.70 11.90
CA GLY A 1 16.87 1.77 11.06
C GLY A 1 17.11 1.52 9.58
N SER A 2 16.12 0.94 8.91
CA SER A 2 16.24 0.64 7.48
C SER A 2 15.80 1.83 6.65
N SER A 3 16.20 3.03 7.05
CA SER A 3 15.84 4.25 6.34
C SER A 3 17.01 4.75 5.51
N GLY A 4 16.74 5.05 4.24
CA GLY A 4 17.80 5.55 3.36
C GLY A 4 17.29 5.81 1.95
N SER A 5 18.22 5.98 1.02
CA SER A 5 17.85 6.25 -0.37
C SER A 5 18.07 5.01 -1.24
N SER A 6 19.21 4.37 -1.06
CA SER A 6 19.54 3.18 -1.84
C SER A 6 18.83 1.95 -1.27
N GLY A 7 17.75 1.55 -1.92
CA GLY A 7 17.00 0.39 -1.46
C GLY A 7 16.98 -0.72 -2.48
N GLU A 8 15.91 -1.52 -2.46
CA GLU A 8 15.77 -2.64 -3.39
C GLU A 8 14.37 -2.67 -3.99
N ASP A 9 14.02 -1.62 -4.74
CA ASP A 9 12.72 -1.53 -5.37
C ASP A 9 12.84 -1.10 -6.83
N LYS A 10 12.66 -2.05 -7.74
CA LYS A 10 12.75 -1.76 -9.17
C LYS A 10 11.42 -2.04 -9.87
N THR A 11 11.01 -3.30 -9.85
CA THR A 11 9.77 -3.70 -10.49
C THR A 11 8.82 -4.34 -9.48
N ILE A 12 8.82 -3.81 -8.26
CA ILE A 12 7.95 -4.34 -7.20
C ILE A 12 6.50 -3.91 -7.42
N THR A 13 5.63 -4.90 -7.59
CA THR A 13 4.21 -4.63 -7.80
C THR A 13 3.41 -4.87 -6.53
N THR A 14 4.01 -4.56 -5.39
CA THR A 14 3.35 -4.75 -4.10
C THR A 14 3.62 -3.57 -3.18
N LEU A 15 2.62 -3.20 -2.39
CA LEU A 15 2.75 -2.09 -1.45
C LEU A 15 2.30 -2.50 -0.05
N TYR A 16 3.01 -2.01 0.96
CA TYR A 16 2.69 -2.33 2.34
C TYR A 16 2.01 -1.15 3.03
N VAL A 17 0.97 -1.44 3.80
CA VAL A 17 0.23 -0.40 4.52
C VAL A 17 0.10 -0.74 5.99
N GLY A 18 0.41 0.23 6.85
CA GLY A 18 0.32 0.01 8.28
C GLY A 18 -0.66 0.96 8.96
N GLY A 19 -1.14 0.57 10.13
CA GLY A 19 -2.08 1.41 10.84
C GLY A 19 -3.51 1.23 10.36
N LEU A 20 -3.87 -0.01 10.03
CA LEU A 20 -5.21 -0.32 9.55
C LEU A 20 -6.25 -0.03 10.62
N GLY A 21 -6.20 -0.80 11.71
CA GLY A 21 -7.15 -0.61 12.79
C GLY A 21 -8.57 -0.94 12.38
N ASP A 22 -9.36 -1.44 13.34
CA ASP A 22 -10.75 -1.79 13.07
C ASP A 22 -11.41 -0.76 12.15
N THR A 23 -11.07 0.50 12.35
CA THR A 23 -11.63 1.57 11.54
C THR A 23 -11.45 1.29 10.05
N ILE A 24 -10.23 0.89 9.68
CA ILE A 24 -9.93 0.59 8.28
C ILE A 24 -10.11 -0.90 7.99
N THR A 25 -10.60 -1.21 6.79
CA THR A 25 -10.81 -2.59 6.39
C THR A 25 -10.17 -2.87 5.03
N GLU A 26 -10.26 -4.13 4.59
CA GLU A 26 -9.69 -4.52 3.31
C GLU A 26 -10.33 -3.74 2.17
N THR A 27 -11.64 -3.89 2.01
CA THR A 27 -12.36 -3.21 0.95
C THR A 27 -11.90 -1.77 0.81
N ASP A 28 -11.89 -1.04 1.91
CA ASP A 28 -11.45 0.36 1.91
C ASP A 28 -10.20 0.53 1.06
N LEU A 29 -9.18 -0.29 1.31
CA LEU A 29 -7.94 -0.22 0.57
C LEU A 29 -8.12 -0.71 -0.86
N ARG A 30 -8.83 -1.83 -1.01
CA ARG A 30 -9.08 -2.40 -2.33
C ARG A 30 -9.60 -1.34 -3.29
N ASN A 31 -10.58 -0.55 -2.83
CA ASN A 31 -11.16 0.50 -3.65
C ASN A 31 -10.24 1.71 -3.72
N HIS A 32 -9.60 2.02 -2.60
CA HIS A 32 -8.68 3.16 -2.53
C HIS A 32 -7.53 2.98 -3.52
N PHE A 33 -7.11 1.74 -3.71
CA PHE A 33 -6.01 1.43 -4.62
C PHE A 33 -6.54 1.05 -6.00
N TYR A 34 -7.61 0.27 -6.02
CA TYR A 34 -8.21 -0.18 -7.27
C TYR A 34 -8.27 0.97 -8.29
N GLN A 35 -8.55 2.17 -7.78
CA GLN A 35 -8.63 3.35 -8.65
C GLN A 35 -7.37 3.48 -9.50
N PHE A 36 -6.22 3.25 -8.88
CA PHE A 36 -4.94 3.35 -9.59
C PHE A 36 -4.86 2.32 -10.72
N GLY A 37 -5.20 1.07 -10.40
CA GLY A 37 -5.16 0.02 -11.40
C GLY A 37 -5.51 -1.33 -10.83
N GLU A 38 -5.62 -2.34 -11.70
CA GLU A 38 -5.96 -3.69 -11.26
C GLU A 38 -5.14 -4.10 -10.03
N ILE A 39 -5.75 -4.92 -9.18
CA ILE A 39 -5.07 -5.38 -7.96
C ILE A 39 -4.89 -6.88 -7.98
N ARG A 40 -3.63 -7.31 -8.07
CA ARG A 40 -3.31 -8.73 -8.09
C ARG A 40 -3.90 -9.45 -6.88
N THR A 41 -3.63 -8.90 -5.70
CA THR A 41 -4.13 -9.49 -4.46
C THR A 41 -3.97 -8.52 -3.29
N ILE A 42 -4.75 -8.73 -2.24
CA ILE A 42 -4.69 -7.88 -1.06
C ILE A 42 -4.72 -8.71 0.22
N THR A 43 -3.59 -8.75 0.92
CA THR A 43 -3.49 -9.50 2.16
C THR A 43 -3.49 -8.58 3.38
N VAL A 44 -4.40 -8.85 4.31
CA VAL A 44 -4.52 -8.03 5.51
C VAL A 44 -4.05 -8.81 6.75
N VAL A 45 -3.08 -8.25 7.45
CA VAL A 45 -2.54 -8.88 8.65
C VAL A 45 -3.01 -8.17 9.91
N GLN A 46 -4.02 -8.73 10.56
CA GLN A 46 -4.57 -8.14 11.78
C GLN A 46 -3.50 -8.05 12.86
N ARG A 47 -2.81 -9.17 13.09
CA ARG A 47 -1.76 -9.21 14.11
C ARG A 47 -0.73 -8.11 13.89
N GLN A 48 -0.63 -7.65 12.65
CA GLN A 48 0.32 -6.60 12.29
C GLN A 48 -0.41 -5.35 11.80
N GLN A 49 -1.73 -5.33 11.97
CA GLN A 49 -2.55 -4.21 11.55
C GLN A 49 -1.98 -3.57 10.28
N CYS A 50 -1.76 -4.40 9.26
CA CYS A 50 -1.22 -3.91 7.99
C CYS A 50 -1.87 -4.63 6.81
N ALA A 51 -1.57 -4.16 5.61
CA ALA A 51 -2.12 -4.76 4.39
C ALA A 51 -1.12 -4.69 3.24
N PHE A 52 -1.22 -5.66 2.33
CA PHE A 52 -0.31 -5.71 1.18
C PHE A 52 -1.11 -5.66 -0.13
N ILE A 53 -1.03 -4.53 -0.82
CA ILE A 53 -1.73 -4.36 -2.08
C ILE A 53 -0.83 -4.71 -3.27
N GLN A 54 -1.23 -5.71 -4.03
CA GLN A 54 -0.47 -6.14 -5.20
C GLN A 54 -1.14 -5.70 -6.49
N PHE A 55 -0.33 -5.31 -7.47
CA PHE A 55 -0.86 -4.87 -8.75
C PHE A 55 -0.31 -5.73 -9.89
N ALA A 56 -1.10 -5.87 -10.95
CA ALA A 56 -0.69 -6.67 -12.11
C ALA A 56 0.50 -6.03 -12.81
N THR A 57 0.47 -4.71 -12.95
CA THR A 57 1.54 -3.99 -13.61
C THR A 57 2.09 -2.88 -12.71
N ARG A 58 3.40 -2.90 -12.49
CA ARG A 58 4.05 -1.90 -11.65
C ARG A 58 3.39 -0.53 -11.83
N GLN A 59 3.04 -0.21 -13.07
CA GLN A 59 2.40 1.07 -13.37
C GLN A 59 1.53 1.53 -12.21
N ALA A 60 0.47 0.78 -11.94
CA ALA A 60 -0.44 1.12 -10.86
C ALA A 60 0.29 1.22 -9.53
N ALA A 61 1.19 0.27 -9.28
CA ALA A 61 1.96 0.25 -8.04
C ALA A 61 2.71 1.57 -7.84
N GLU A 62 3.59 1.90 -8.78
CA GLU A 62 4.36 3.13 -8.71
C GLU A 62 3.46 4.32 -8.38
N VAL A 63 2.40 4.49 -9.18
CA VAL A 63 1.46 5.58 -8.97
C VAL A 63 0.94 5.60 -7.54
N ALA A 64 0.39 4.48 -7.10
CA ALA A 64 -0.14 4.37 -5.75
C ALA A 64 0.94 4.60 -4.70
N ALA A 65 2.17 4.21 -5.04
CA ALA A 65 3.29 4.38 -4.13
C ALA A 65 3.47 5.83 -3.73
N GLU A 66 3.50 6.72 -4.72
CA GLU A 66 3.66 8.14 -4.47
C GLU A 66 2.39 8.73 -3.85
N LYS A 67 1.26 8.10 -4.12
CA LYS A 67 -0.02 8.55 -3.59
C LYS A 67 -0.35 7.84 -2.28
N SER A 68 0.53 6.94 -1.87
CA SER A 68 0.34 6.18 -0.64
C SER A 68 1.37 6.58 0.41
N PHE A 69 2.56 6.93 -0.05
CA PHE A 69 3.65 7.33 0.85
C PHE A 69 3.19 8.45 1.78
N ASN A 70 2.97 8.10 3.04
CA ASN A 70 2.54 9.09 4.03
C ASN A 70 1.50 10.03 3.45
N LYS A 71 0.67 9.50 2.56
CA LYS A 71 -0.38 10.28 1.93
C LYS A 71 -1.72 9.56 1.98
N LEU A 72 -1.68 8.24 1.91
CA LEU A 72 -2.89 7.43 1.97
C LEU A 72 -3.55 7.52 3.33
N ILE A 73 -4.56 8.37 3.44
CA ILE A 73 -5.28 8.56 4.69
C ILE A 73 -6.72 8.08 4.58
N VAL A 74 -6.96 6.84 5.00
CA VAL A 74 -8.29 6.25 4.95
C VAL A 74 -9.01 6.42 6.28
N ASN A 75 -10.32 6.68 6.22
CA ASN A 75 -11.12 6.86 7.42
C ASN A 75 -10.52 7.91 8.33
N GLY A 76 -10.08 9.02 7.73
CA GLY A 76 -9.49 10.10 8.51
C GLY A 76 -8.39 9.60 9.44
N ARG A 77 -7.67 8.58 9.00
CA ARG A 77 -6.59 8.01 9.80
C ARG A 77 -5.36 7.76 8.94
N ARG A 78 -4.32 8.57 9.14
CA ARG A 78 -3.09 8.44 8.38
C ARG A 78 -2.57 7.00 8.43
N LEU A 79 -1.95 6.58 7.34
CA LEU A 79 -1.41 5.22 7.26
C LEU A 79 0.02 5.24 6.72
N ASN A 80 0.89 4.46 7.36
CA ASN A 80 2.29 4.39 6.95
C ASN A 80 2.47 3.38 5.81
N VAL A 81 2.51 3.88 4.58
CA VAL A 81 2.68 3.02 3.42
C VAL A 81 4.15 2.93 3.01
N LYS A 82 4.58 1.74 2.59
CA LYS A 82 5.95 1.53 2.17
C LYS A 82 6.03 0.38 1.17
N TRP A 83 6.96 0.50 0.21
CA TRP A 83 7.14 -0.53 -0.80
C TRP A 83 7.29 -1.90 -0.17
N GLY A 84 6.74 -2.92 -0.83
CA GLY A 84 6.83 -4.28 -0.31
C GLY A 84 8.03 -5.03 -0.86
N ARG A 85 7.78 -6.26 -1.32
CA ARG A 85 8.86 -7.09 -1.86
C ARG A 85 8.63 -7.32 -3.35
N GLY A 1 12.87 4.51 15.48
CA GLY A 1 11.52 4.35 14.99
C GLY A 1 11.47 3.75 13.59
N SER A 2 10.32 3.89 12.94
CA SER A 2 10.15 3.35 11.59
C SER A 2 11.20 3.92 10.64
N SER A 3 12.15 3.07 10.25
CA SER A 3 13.22 3.49 9.34
C SER A 3 12.76 3.41 7.89
N GLY A 4 12.38 4.55 7.34
CA GLY A 4 11.92 4.58 5.95
C GLY A 4 12.91 3.94 5.00
N SER A 5 12.57 2.75 4.52
CA SER A 5 13.44 2.03 3.60
C SER A 5 13.70 2.86 2.34
N SER A 6 14.97 3.05 2.03
CA SER A 6 15.36 3.83 0.86
C SER A 6 16.34 3.04 -0.02
N GLY A 7 15.81 2.40 -1.05
CA GLY A 7 16.65 1.62 -1.95
C GLY A 7 15.97 1.35 -3.28
N GLU A 8 16.46 0.34 -4.00
CA GLU A 8 15.90 -0.02 -5.29
C GLU A 8 14.74 -0.99 -5.14
N ASP A 9 13.85 -1.01 -6.12
CA ASP A 9 12.69 -1.89 -6.09
C ASP A 9 12.57 -2.67 -7.39
N LYS A 10 13.14 -3.87 -7.41
CA LYS A 10 13.09 -4.72 -8.59
C LYS A 10 11.65 -4.94 -9.05
N THR A 11 11.20 -4.11 -9.99
CA THR A 11 9.85 -4.22 -10.50
C THR A 11 8.88 -4.73 -9.44
N ILE A 12 8.97 -4.16 -8.25
CA ILE A 12 8.11 -4.55 -7.14
C ILE A 12 6.72 -3.93 -7.28
N THR A 13 5.77 -4.71 -7.80
CA THR A 13 4.41 -4.24 -7.99
C THR A 13 3.58 -4.45 -6.73
N THR A 14 4.24 -4.40 -5.57
CA THR A 14 3.56 -4.58 -4.30
C THR A 14 3.85 -3.41 -3.36
N LEU A 15 2.82 -2.99 -2.62
CA LEU A 15 2.96 -1.89 -1.68
C LEU A 15 2.43 -2.26 -0.30
N TYR A 16 3.21 -2.00 0.73
CA TYR A 16 2.82 -2.32 2.10
C TYR A 16 2.02 -1.17 2.72
N VAL A 17 1.06 -1.52 3.56
CA VAL A 17 0.22 -0.53 4.23
C VAL A 17 0.03 -0.86 5.69
N GLY A 18 0.25 0.11 6.56
CA GLY A 18 0.09 -0.10 7.98
C GLY A 18 -0.91 0.85 8.61
N GLY A 19 -1.15 0.70 9.90
CA GLY A 19 -2.11 1.56 10.59
C GLY A 19 -3.53 1.35 10.12
N LEU A 20 -3.93 0.09 10.01
CA LEU A 20 -5.28 -0.25 9.56
C LEU A 20 -6.30 -0.03 10.68
N GLY A 21 -6.11 -0.75 11.78
CA GLY A 21 -7.01 -0.62 12.92
C GLY A 21 -8.43 -1.00 12.57
N ASP A 22 -9.15 -1.54 13.54
CA ASP A 22 -10.53 -1.96 13.33
C ASP A 22 -11.30 -0.93 12.50
N THR A 23 -10.84 0.32 12.57
CA THR A 23 -11.47 1.41 11.83
C THR A 23 -11.41 1.16 10.32
N ILE A 24 -10.24 0.76 9.84
CA ILE A 24 -10.05 0.48 8.42
C ILE A 24 -10.17 -1.00 8.13
N THR A 25 -10.65 -1.33 6.93
CA THR A 25 -10.82 -2.72 6.52
C THR A 25 -10.15 -2.98 5.18
N GLU A 26 -10.31 -4.20 4.68
CA GLU A 26 -9.73 -4.58 3.39
C GLU A 26 -10.40 -3.82 2.25
N THR A 27 -11.70 -3.99 2.12
CA THR A 27 -12.46 -3.32 1.07
C THR A 27 -12.02 -1.87 0.91
N ASP A 28 -12.08 -1.13 2.00
CA ASP A 28 -11.68 0.28 1.99
C ASP A 28 -10.41 0.48 1.17
N LEU A 29 -9.41 -0.37 1.40
CA LEU A 29 -8.15 -0.28 0.68
C LEU A 29 -8.31 -0.76 -0.76
N ARG A 30 -8.85 -1.96 -0.93
CA ARG A 30 -9.06 -2.52 -2.26
C ARG A 30 -9.60 -1.47 -3.21
N ASN A 31 -10.59 -0.71 -2.76
CA ASN A 31 -11.21 0.33 -3.57
C ASN A 31 -10.31 1.56 -3.66
N HIS A 32 -9.72 1.94 -2.52
CA HIS A 32 -8.83 3.09 -2.47
C HIS A 32 -7.68 2.93 -3.46
N PHE A 33 -7.23 1.69 -3.65
CA PHE A 33 -6.14 1.42 -4.57
C PHE A 33 -6.67 1.05 -5.96
N TYR A 34 -7.69 0.20 -5.98
CA TYR A 34 -8.29 -0.23 -7.24
C TYR A 34 -8.38 0.92 -8.23
N GLN A 35 -8.66 2.12 -7.71
CA GLN A 35 -8.78 3.30 -8.56
C GLN A 35 -7.56 3.46 -9.44
N PHE A 36 -6.38 3.32 -8.85
CA PHE A 36 -5.13 3.44 -9.60
C PHE A 36 -5.08 2.44 -10.75
N GLY A 37 -5.44 1.20 -10.46
CA GLY A 37 -5.43 0.16 -11.47
C GLY A 37 -5.96 -1.16 -10.96
N GLU A 38 -5.58 -2.25 -11.62
CA GLU A 38 -6.02 -3.58 -11.24
C GLU A 38 -5.20 -4.11 -10.07
N ILE A 39 -5.87 -4.62 -9.05
CA ILE A 39 -5.21 -5.15 -7.88
C ILE A 39 -5.08 -6.67 -7.95
N ARG A 40 -3.85 -7.16 -8.09
CA ARG A 40 -3.60 -8.58 -8.19
C ARG A 40 -4.14 -9.31 -6.96
N THR A 41 -3.78 -8.81 -5.78
CA THR A 41 -4.23 -9.41 -4.52
C THR A 41 -4.04 -8.45 -3.35
N ILE A 42 -4.62 -8.80 -2.22
CA ILE A 42 -4.51 -7.97 -1.02
C ILE A 42 -4.47 -8.82 0.24
N THR A 43 -3.32 -8.83 0.90
CA THR A 43 -3.14 -9.61 2.13
C THR A 43 -3.22 -8.72 3.36
N VAL A 44 -4.36 -8.74 4.03
CA VAL A 44 -4.56 -7.93 5.23
C VAL A 44 -4.16 -8.71 6.48
N VAL A 45 -3.12 -8.24 7.17
CA VAL A 45 -2.66 -8.89 8.38
C VAL A 45 -3.11 -8.13 9.62
N GLN A 46 -4.17 -8.63 10.25
CA GLN A 46 -4.72 -8.00 11.44
C GLN A 46 -3.67 -7.95 12.56
N ARG A 47 -2.97 -9.06 12.74
CA ARG A 47 -1.94 -9.16 13.78
C ARG A 47 -0.94 -8.01 13.65
N GLN A 48 -0.70 -7.57 12.41
CA GLN A 48 0.24 -6.48 12.16
C GLN A 48 -0.50 -5.25 11.65
N GLN A 49 -1.82 -5.25 11.80
CA GLN A 49 -2.64 -4.12 11.34
C GLN A 49 -2.06 -3.52 10.07
N CYS A 50 -1.84 -4.37 9.07
CA CYS A 50 -1.29 -3.92 7.79
C CYS A 50 -1.93 -4.67 6.63
N ALA A 51 -1.61 -4.26 5.41
CA ALA A 51 -2.14 -4.90 4.21
C ALA A 51 -1.18 -4.75 3.04
N PHE A 52 -1.00 -5.85 2.31
CA PHE A 52 -0.11 -5.85 1.15
C PHE A 52 -0.90 -5.77 -0.15
N ILE A 53 -0.82 -4.61 -0.82
CA ILE A 53 -1.52 -4.40 -2.08
C ILE A 53 -0.64 -4.74 -3.26
N GLN A 54 -1.08 -5.68 -4.08
CA GLN A 54 -0.33 -6.10 -5.26
C GLN A 54 -1.03 -5.64 -6.54
N PHE A 55 -0.24 -5.17 -7.50
CA PHE A 55 -0.79 -4.71 -8.77
C PHE A 55 -0.27 -5.55 -9.93
N ALA A 56 -1.13 -5.76 -10.93
CA ALA A 56 -0.75 -6.55 -12.10
C ALA A 56 0.31 -5.84 -12.93
N THR A 57 0.22 -4.51 -12.98
CA THR A 57 1.17 -3.72 -13.75
C THR A 57 1.82 -2.65 -12.87
N ARG A 58 3.13 -2.73 -12.74
CA ARG A 58 3.87 -1.77 -11.93
C ARG A 58 3.30 -0.37 -12.08
N GLN A 59 2.78 -0.07 -13.27
CA GLN A 59 2.19 1.24 -13.54
C GLN A 59 1.38 1.73 -12.35
N ALA A 60 0.28 1.06 -12.07
CA ALA A 60 -0.59 1.44 -10.96
C ALA A 60 0.19 1.45 -9.64
N ALA A 61 1.07 0.47 -9.48
CA ALA A 61 1.88 0.37 -8.27
C ALA A 61 2.61 1.68 -7.99
N GLU A 62 3.49 2.07 -8.91
CA GLU A 62 4.26 3.31 -8.76
C GLU A 62 3.34 4.47 -8.41
N VAL A 63 2.27 4.63 -9.17
CA VAL A 63 1.31 5.71 -8.94
C VAL A 63 0.83 5.71 -7.48
N ALA A 64 0.15 4.65 -7.10
CA ALA A 64 -0.37 4.52 -5.74
C ALA A 64 0.74 4.74 -4.71
N ALA A 65 1.91 4.17 -4.99
CA ALA A 65 3.04 4.29 -4.09
C ALA A 65 3.31 5.75 -3.73
N GLU A 66 3.48 6.58 -4.76
CA GLU A 66 3.73 8.01 -4.55
C GLU A 66 2.51 8.69 -3.95
N LYS A 67 1.34 8.14 -4.22
CA LYS A 67 0.09 8.70 -3.70
C LYS A 67 -0.32 8.02 -2.40
N SER A 68 0.54 7.13 -1.91
CA SER A 68 0.27 6.41 -0.67
C SER A 68 1.30 6.75 0.40
N PHE A 69 2.50 7.14 -0.04
CA PHE A 69 3.56 7.49 0.88
C PHE A 69 3.15 8.66 1.78
N ASN A 70 2.85 8.33 3.04
CA ASN A 70 2.43 9.35 4.01
C ASN A 70 1.35 10.25 3.42
N LYS A 71 0.56 9.69 2.50
CA LYS A 71 -0.51 10.44 1.86
C LYS A 71 -1.84 9.70 1.95
N LEU A 72 -1.77 8.37 1.88
CA LEU A 72 -2.96 7.53 1.95
C LEU A 72 -3.57 7.60 3.35
N ILE A 73 -4.59 8.45 3.50
CA ILE A 73 -5.26 8.60 4.79
C ILE A 73 -6.71 8.14 4.70
N VAL A 74 -6.96 6.92 5.14
CA VAL A 74 -8.31 6.35 5.12
C VAL A 74 -9.03 6.59 6.44
N ASN A 75 -10.34 6.77 6.38
CA ASN A 75 -11.15 7.01 7.56
C ASN A 75 -10.48 8.04 8.48
N GLY A 76 -10.03 9.14 7.89
CA GLY A 76 -9.39 10.19 8.67
C GLY A 76 -8.31 9.64 9.58
N ARG A 77 -7.64 8.58 9.13
CA ARG A 77 -6.57 7.97 9.93
C ARG A 77 -5.35 7.70 9.06
N ARG A 78 -4.34 8.55 9.19
CA ARG A 78 -3.11 8.41 8.42
C ARG A 78 -2.65 6.96 8.40
N LEU A 79 -2.05 6.54 7.29
CA LEU A 79 -1.57 5.18 7.15
C LEU A 79 -0.13 5.16 6.66
N ASN A 80 0.70 4.33 7.30
CA ASN A 80 2.10 4.22 6.92
C ASN A 80 2.28 3.26 5.76
N VAL A 81 2.45 3.81 4.56
CA VAL A 81 2.65 3.00 3.36
C VAL A 81 4.10 2.99 2.93
N LYS A 82 4.62 1.80 2.62
CA LYS A 82 6.01 1.66 2.19
C LYS A 82 6.14 0.54 1.16
N TRP A 83 7.14 0.65 0.30
CA TRP A 83 7.38 -0.35 -0.73
C TRP A 83 7.54 -1.75 -0.11
N GLY A 84 6.81 -2.71 -0.65
CA GLY A 84 6.88 -4.07 -0.14
C GLY A 84 8.29 -4.64 -0.22
N ARG A 85 8.46 -5.71 -0.98
CA ARG A 85 9.76 -6.35 -1.13
C ARG A 85 10.86 -5.31 -1.24
N GLY A 1 33.71 -4.14 -15.32
CA GLY A 1 34.07 -4.74 -14.05
C GLY A 1 32.95 -4.69 -13.03
N SER A 2 31.84 -5.36 -13.33
CA SER A 2 30.69 -5.38 -12.44
C SER A 2 30.65 -6.68 -11.64
N SER A 3 30.06 -6.62 -10.46
CA SER A 3 29.95 -7.79 -9.59
C SER A 3 28.87 -7.58 -8.53
N GLY A 4 28.21 -8.67 -8.14
CA GLY A 4 27.18 -8.58 -7.13
C GLY A 4 25.86 -8.06 -7.68
N SER A 5 24.95 -8.97 -7.98
CA SER A 5 23.65 -8.61 -8.53
C SER A 5 22.59 -8.57 -7.44
N SER A 6 22.42 -7.40 -6.82
CA SER A 6 21.44 -7.23 -5.76
C SER A 6 20.03 -7.17 -6.32
N GLY A 7 19.83 -6.28 -7.29
CA GLY A 7 18.53 -6.12 -7.91
C GLY A 7 17.48 -5.61 -6.93
N GLU A 8 17.40 -4.29 -6.78
CA GLU A 8 16.44 -3.68 -5.86
C GLU A 8 15.21 -3.19 -6.62
N ASP A 9 14.14 -2.94 -5.87
CA ASP A 9 12.89 -2.47 -6.47
C ASP A 9 12.68 -3.08 -7.86
N LYS A 10 12.90 -4.38 -7.96
CA LYS A 10 12.73 -5.09 -9.22
C LYS A 10 11.26 -5.25 -9.57
N THR A 11 10.78 -4.40 -10.48
CA THR A 11 9.38 -4.43 -10.90
C THR A 11 8.47 -4.84 -9.74
N ILE A 12 8.78 -4.34 -8.55
CA ILE A 12 7.98 -4.64 -7.37
C ILE A 12 6.56 -4.08 -7.49
N THR A 13 5.61 -4.96 -7.74
CA THR A 13 4.22 -4.55 -7.88
C THR A 13 3.45 -4.78 -6.59
N THR A 14 4.08 -4.48 -5.46
CA THR A 14 3.46 -4.66 -4.16
C THR A 14 3.79 -3.49 -3.24
N LEU A 15 2.80 -3.05 -2.46
CA LEU A 15 2.99 -1.94 -1.53
C LEU A 15 2.55 -2.33 -0.13
N TYR A 16 3.14 -1.68 0.87
CA TYR A 16 2.81 -1.95 2.27
C TYR A 16 1.95 -0.85 2.86
N VAL A 17 1.05 -1.22 3.76
CA VAL A 17 0.16 -0.25 4.40
C VAL A 17 -0.07 -0.61 5.86
N GLY A 18 0.27 0.32 6.75
CA GLY A 18 0.09 0.09 8.17
C GLY A 18 -0.93 1.02 8.79
N GLY A 19 -1.26 0.78 10.05
CA GLY A 19 -2.24 1.62 10.74
C GLY A 19 -3.65 1.36 10.26
N LEU A 20 -3.96 0.09 10.00
CA LEU A 20 -5.30 -0.28 9.53
C LEU A 20 -6.32 -0.14 10.65
N GLY A 21 -6.14 -0.91 11.72
CA GLY A 21 -7.05 -0.86 12.84
C GLY A 21 -8.46 -1.25 12.45
N ASP A 22 -9.24 -1.70 13.43
CA ASP A 22 -10.62 -2.10 13.19
C ASP A 22 -11.35 -1.06 12.36
N THR A 23 -10.96 0.19 12.53
CA THR A 23 -11.59 1.29 11.80
C THR A 23 -11.49 1.08 10.29
N ILE A 24 -10.31 0.65 9.84
CA ILE A 24 -10.09 0.41 8.42
C ILE A 24 -10.14 -1.08 8.10
N THR A 25 -10.69 -1.41 6.94
CA THR A 25 -10.81 -2.80 6.51
C THR A 25 -10.07 -3.03 5.19
N GLU A 26 -10.16 -4.26 4.68
CA GLU A 26 -9.51 -4.61 3.42
C GLU A 26 -10.20 -3.93 2.24
N THR A 27 -11.52 -4.11 2.16
CA THR A 27 -12.30 -3.51 1.08
C THR A 27 -11.95 -2.04 0.91
N ASP A 28 -12.09 -1.27 1.99
CA ASP A 28 -11.80 0.16 1.97
C ASP A 28 -10.55 0.44 1.12
N LEU A 29 -9.52 -0.36 1.33
CA LEU A 29 -8.27 -0.19 0.58
C LEU A 29 -8.41 -0.70 -0.85
N ARG A 30 -8.75 -1.98 -0.99
CA ARG A 30 -8.92 -2.59 -2.30
C ARG A 30 -9.54 -1.60 -3.28
N ASN A 31 -10.54 -0.86 -2.81
CA ASN A 31 -11.22 0.13 -3.65
C ASN A 31 -10.40 1.39 -3.78
N HIS A 32 -9.77 1.81 -2.69
CA HIS A 32 -8.94 3.01 -2.68
C HIS A 32 -7.79 2.88 -3.68
N PHE A 33 -7.24 1.68 -3.79
CA PHE A 33 -6.14 1.43 -4.71
C PHE A 33 -6.65 0.99 -6.07
N TYR A 34 -7.71 0.17 -6.07
CA TYR A 34 -8.30 -0.31 -7.31
C TYR A 34 -8.46 0.81 -8.33
N GLN A 35 -8.47 2.05 -7.83
CA GLN A 35 -8.60 3.21 -8.69
C GLN A 35 -7.35 3.41 -9.55
N PHE A 36 -6.19 3.26 -8.92
CA PHE A 36 -4.92 3.43 -9.62
C PHE A 36 -4.79 2.42 -10.76
N GLY A 37 -5.18 1.17 -10.48
CA GLY A 37 -5.10 0.12 -11.47
C GLY A 37 -5.59 -1.22 -10.96
N GLU A 38 -5.31 -2.28 -11.71
CA GLU A 38 -5.73 -3.61 -11.32
C GLU A 38 -4.93 -4.12 -10.13
N ILE A 39 -5.62 -4.62 -9.12
CA ILE A 39 -4.97 -5.12 -7.92
C ILE A 39 -4.84 -6.64 -7.97
N ARG A 40 -3.61 -7.13 -8.08
CA ARG A 40 -3.35 -8.57 -8.13
C ARG A 40 -3.93 -9.27 -6.91
N THR A 41 -3.62 -8.73 -5.73
CA THR A 41 -4.10 -9.31 -4.48
C THR A 41 -3.91 -8.34 -3.33
N ILE A 42 -4.52 -8.67 -2.19
CA ILE A 42 -4.41 -7.83 -1.00
C ILE A 42 -4.36 -8.67 0.27
N THR A 43 -3.20 -8.66 0.93
CA THR A 43 -3.02 -9.42 2.16
C THR A 43 -3.11 -8.53 3.38
N VAL A 44 -4.25 -8.57 4.05
CA VAL A 44 -4.48 -7.75 5.24
C VAL A 44 -4.19 -8.56 6.52
N VAL A 45 -3.04 -8.27 7.13
CA VAL A 45 -2.65 -8.96 8.35
C VAL A 45 -3.11 -8.20 9.59
N GLN A 46 -4.22 -8.64 10.18
CA GLN A 46 -4.76 -8.00 11.37
C GLN A 46 -3.75 -8.03 12.52
N ARG A 47 -3.02 -9.14 12.62
CA ARG A 47 -2.02 -9.28 13.67
C ARG A 47 -1.01 -8.14 13.64
N GLN A 48 -0.69 -7.69 12.43
CA GLN A 48 0.27 -6.60 12.26
C GLN A 48 -0.45 -5.30 11.86
N GLN A 49 -1.78 -5.36 11.83
CA GLN A 49 -2.58 -4.19 11.47
C GLN A 49 -2.03 -3.52 10.21
N CYS A 50 -1.77 -4.33 9.19
CA CYS A 50 -1.24 -3.82 7.93
C CYS A 50 -1.88 -4.52 6.74
N ALA A 51 -1.50 -4.12 5.53
CA ALA A 51 -2.05 -4.71 4.32
C ALA A 51 -1.08 -4.55 3.16
N PHE A 52 -0.97 -5.60 2.34
CA PHE A 52 -0.08 -5.58 1.19
C PHE A 52 -0.87 -5.58 -0.12
N ILE A 53 -0.84 -4.44 -0.82
CA ILE A 53 -1.56 -4.32 -2.08
C ILE A 53 -0.67 -4.68 -3.26
N GLN A 54 -1.14 -5.58 -4.10
CA GLN A 54 -0.38 -6.02 -5.27
C GLN A 54 -1.08 -5.60 -6.56
N PHE A 55 -0.29 -5.19 -7.55
CA PHE A 55 -0.84 -4.76 -8.83
C PHE A 55 -0.28 -5.62 -9.97
N ALA A 56 -1.09 -5.77 -11.02
CA ALA A 56 -0.68 -6.57 -12.17
C ALA A 56 0.42 -5.87 -12.96
N THR A 57 0.38 -4.54 -12.97
CA THR A 57 1.37 -3.76 -13.69
C THR A 57 2.00 -2.71 -12.78
N ARG A 58 3.31 -2.83 -12.57
CA ARG A 58 4.04 -1.89 -11.72
C ARG A 58 3.50 -0.47 -11.90
N GLN A 59 3.05 -0.15 -13.10
CA GLN A 59 2.52 1.17 -13.40
C GLN A 59 1.69 1.68 -12.23
N ALA A 60 0.54 1.06 -12.00
CA ALA A 60 -0.35 1.45 -10.91
C ALA A 60 0.39 1.45 -9.57
N ALA A 61 1.12 0.38 -9.31
CA ALA A 61 1.88 0.26 -8.06
C ALA A 61 2.60 1.56 -7.73
N GLU A 62 3.39 2.05 -8.68
CA GLU A 62 4.14 3.28 -8.50
C GLU A 62 3.21 4.44 -8.14
N VAL A 63 2.28 4.75 -9.04
CA VAL A 63 1.32 5.82 -8.82
C VAL A 63 0.75 5.77 -7.42
N ALA A 64 0.16 4.63 -7.07
CA ALA A 64 -0.44 4.45 -5.75
C ALA A 64 0.60 4.66 -4.65
N ALA A 65 1.82 4.21 -4.90
CA ALA A 65 2.91 4.35 -3.93
C ALA A 65 3.03 5.80 -3.47
N GLU A 66 3.39 6.69 -4.39
CA GLU A 66 3.55 8.10 -4.05
C GLU A 66 2.28 8.67 -3.45
N LYS A 67 1.13 8.24 -3.98
CA LYS A 67 -0.16 8.71 -3.49
C LYS A 67 -0.52 8.01 -2.18
N SER A 68 0.36 7.14 -1.71
CA SER A 68 0.14 6.41 -0.47
C SER A 68 1.19 6.75 0.57
N PHE A 69 2.38 7.12 0.10
CA PHE A 69 3.48 7.48 1.00
C PHE A 69 3.06 8.57 1.97
N ASN A 70 2.84 8.18 3.23
CA ASN A 70 2.44 9.14 4.26
C ASN A 70 1.38 10.09 3.72
N LYS A 71 0.63 9.64 2.71
CA LYS A 71 -0.42 10.46 2.11
C LYS A 71 -1.76 9.74 2.17
N LEU A 72 -1.72 8.42 2.18
CA LEU A 72 -2.93 7.61 2.22
C LEU A 72 -3.60 7.71 3.58
N ILE A 73 -4.65 8.53 3.65
CA ILE A 73 -5.38 8.73 4.90
C ILE A 73 -6.84 8.33 4.74
N VAL A 74 -7.19 7.13 5.19
CA VAL A 74 -8.55 6.64 5.11
C VAL A 74 -9.25 6.67 6.46
N ASN A 75 -10.50 7.08 6.47
CA ASN A 75 -11.28 7.16 7.71
C ASN A 75 -10.63 8.13 8.69
N GLY A 76 -10.24 9.30 8.18
CA GLY A 76 -9.62 10.30 9.03
C GLY A 76 -8.52 9.72 9.89
N ARG A 77 -7.80 8.74 9.36
CA ARG A 77 -6.71 8.10 10.08
C ARG A 77 -5.51 7.88 9.18
N ARG A 78 -4.46 8.69 9.37
CA ARG A 78 -3.25 8.58 8.58
C ARG A 78 -2.75 7.14 8.53
N LEU A 79 -2.09 6.78 7.44
CA LEU A 79 -1.56 5.43 7.28
C LEU A 79 -0.14 5.46 6.73
N ASN A 80 0.73 4.63 7.28
CA ASN A 80 2.12 4.56 6.84
C ASN A 80 2.29 3.53 5.72
N VAL A 81 2.62 4.02 4.53
CA VAL A 81 2.81 3.15 3.38
C VAL A 81 4.28 3.13 2.94
N LYS A 82 4.74 1.97 2.50
CA LYS A 82 6.12 1.81 2.05
C LYS A 82 6.23 0.73 0.98
N TRP A 83 7.31 0.76 0.22
CA TRP A 83 7.54 -0.22 -0.84
C TRP A 83 7.79 -1.60 -0.25
N GLY A 84 7.05 -2.59 -0.74
CA GLY A 84 7.21 -3.96 -0.25
C GLY A 84 8.43 -4.64 -0.85
N ARG A 85 8.41 -5.97 -0.83
CA ARG A 85 9.52 -6.75 -1.36
C ARG A 85 9.28 -7.12 -2.83
N GLY A 1 19.47 -1.19 8.03
CA GLY A 1 19.29 -2.28 8.98
C GLY A 1 19.87 -3.59 8.46
N SER A 2 20.43 -4.38 9.38
CA SER A 2 21.02 -5.66 9.01
C SER A 2 20.22 -6.34 7.91
N SER A 3 18.90 -6.36 8.07
CA SER A 3 18.02 -6.98 7.10
C SER A 3 16.70 -6.20 6.98
N GLY A 4 16.12 -6.22 5.79
CA GLY A 4 14.87 -5.51 5.56
C GLY A 4 14.21 -5.89 4.25
N SER A 5 12.98 -5.43 4.05
CA SER A 5 12.25 -5.73 2.83
C SER A 5 12.70 -4.83 1.68
N SER A 6 12.85 -3.54 1.98
CA SER A 6 13.28 -2.57 0.98
C SER A 6 14.66 -2.91 0.45
N GLY A 7 14.84 -2.76 -0.86
CA GLY A 7 16.12 -3.04 -1.48
C GLY A 7 16.17 -2.65 -2.94
N GLU A 8 16.08 -3.63 -3.83
CA GLU A 8 16.12 -3.37 -5.26
C GLU A 8 14.70 -3.20 -5.82
N ASP A 9 14.18 -1.99 -5.71
CA ASP A 9 12.84 -1.69 -6.21
C ASP A 9 12.87 -1.31 -7.68
N LYS A 10 12.60 -2.30 -8.54
CA LYS A 10 12.60 -2.07 -9.98
C LYS A 10 11.35 -2.66 -10.62
N THR A 11 10.91 -3.80 -10.10
CA THR A 11 9.72 -4.47 -10.63
C THR A 11 8.80 -4.92 -9.50
N ILE A 12 8.85 -4.21 -8.37
CA ILE A 12 8.03 -4.53 -7.22
C ILE A 12 6.62 -3.96 -7.38
N THR A 13 5.65 -4.85 -7.63
CA THR A 13 4.27 -4.43 -7.80
C THR A 13 3.47 -4.63 -6.51
N THR A 14 4.16 -4.53 -5.38
CA THR A 14 3.51 -4.69 -4.07
C THR A 14 3.83 -3.53 -3.15
N LEU A 15 2.81 -3.04 -2.46
CA LEU A 15 2.98 -1.92 -1.53
C LEU A 15 2.44 -2.27 -0.15
N TYR A 16 3.28 -2.10 0.86
CA TYR A 16 2.89 -2.40 2.24
C TYR A 16 2.12 -1.24 2.85
N VAL A 17 1.09 -1.56 3.63
CA VAL A 17 0.27 -0.55 4.28
C VAL A 17 0.06 -0.87 5.75
N GLY A 18 0.27 0.11 6.61
CA GLY A 18 0.09 -0.08 8.03
C GLY A 18 -0.98 0.82 8.62
N GLY A 19 -1.13 0.78 9.94
CA GLY A 19 -2.12 1.60 10.60
C GLY A 19 -3.52 1.37 10.06
N LEU A 20 -3.96 0.12 10.05
CA LEU A 20 -5.29 -0.23 9.56
C LEU A 20 -6.34 -0.11 10.66
N GLY A 21 -6.12 -0.83 11.75
CA GLY A 21 -7.07 -0.78 12.86
C GLY A 21 -8.46 -1.19 12.45
N ASP A 22 -9.26 -1.63 13.43
CA ASP A 22 -10.63 -2.05 13.16
C ASP A 22 -11.38 -0.98 12.37
N THR A 23 -10.93 0.26 12.49
CA THR A 23 -11.56 1.38 11.78
C THR A 23 -11.47 1.19 10.28
N ILE A 24 -10.37 0.62 9.81
CA ILE A 24 -10.17 0.37 8.39
C ILE A 24 -10.31 -1.10 8.05
N THR A 25 -10.90 -1.39 6.91
CA THR A 25 -11.10 -2.77 6.46
C THR A 25 -10.35 -3.04 5.16
N GLU A 26 -10.46 -4.27 4.67
CA GLU A 26 -9.79 -4.66 3.44
C GLU A 26 -10.39 -3.91 2.24
N THR A 27 -11.70 -4.01 2.08
CA THR A 27 -12.40 -3.36 0.98
C THR A 27 -11.98 -1.90 0.86
N ASP A 28 -12.11 -1.16 1.96
CA ASP A 28 -11.75 0.25 1.97
C ASP A 28 -10.47 0.50 1.18
N LEU A 29 -9.47 -0.35 1.40
CA LEU A 29 -8.19 -0.23 0.71
C LEU A 29 -8.31 -0.72 -0.73
N ARG A 30 -8.87 -1.92 -0.89
CA ARG A 30 -9.04 -2.51 -2.21
C ARG A 30 -9.59 -1.48 -3.20
N ASN A 31 -10.59 -0.72 -2.77
CA ASN A 31 -11.20 0.29 -3.62
C ASN A 31 -10.30 1.53 -3.71
N HIS A 32 -9.76 1.96 -2.57
CA HIS A 32 -8.89 3.13 -2.54
C HIS A 32 -7.71 2.95 -3.49
N PHE A 33 -7.25 1.71 -3.63
CA PHE A 33 -6.12 1.41 -4.51
C PHE A 33 -6.61 0.98 -5.90
N TYR A 34 -7.64 0.16 -5.92
CA TYR A 34 -8.20 -0.33 -7.18
C TYR A 34 -8.27 0.79 -8.21
N GLN A 35 -8.74 1.96 -7.77
CA GLN A 35 -8.85 3.11 -8.66
C GLN A 35 -7.60 3.27 -9.52
N PHE A 36 -6.44 3.06 -8.92
CA PHE A 36 -5.18 3.17 -9.63
C PHE A 36 -5.11 2.17 -10.79
N GLY A 37 -5.41 0.91 -10.48
CA GLY A 37 -5.38 -0.13 -11.51
C GLY A 37 -5.87 -1.46 -10.99
N GLU A 38 -5.51 -2.53 -11.70
CA GLU A 38 -5.92 -3.87 -11.31
C GLU A 38 -5.10 -4.36 -10.12
N ILE A 39 -5.78 -4.71 -9.03
CA ILE A 39 -5.12 -5.20 -7.84
C ILE A 39 -4.96 -6.71 -7.87
N ARG A 40 -3.72 -7.17 -8.04
CA ARG A 40 -3.44 -8.60 -8.09
C ARG A 40 -4.02 -9.31 -6.87
N THR A 41 -3.69 -8.81 -5.69
CA THR A 41 -4.17 -9.40 -4.46
C THR A 41 -4.03 -8.42 -3.29
N ILE A 42 -4.61 -8.78 -2.14
CA ILE A 42 -4.55 -7.94 -0.96
C ILE A 42 -4.49 -8.77 0.31
N THR A 43 -3.35 -8.77 0.97
CA THR A 43 -3.16 -9.52 2.21
C THR A 43 -3.23 -8.62 3.42
N VAL A 44 -4.39 -8.58 4.08
CA VAL A 44 -4.58 -7.76 5.26
C VAL A 44 -4.27 -8.54 6.53
N VAL A 45 -3.14 -8.23 7.16
CA VAL A 45 -2.73 -8.91 8.38
C VAL A 45 -3.24 -8.17 9.61
N GLN A 46 -4.33 -8.66 10.19
CA GLN A 46 -4.91 -8.05 11.38
C GLN A 46 -3.92 -8.03 12.53
N ARG A 47 -3.23 -9.15 12.75
CA ARG A 47 -2.26 -9.25 13.82
C ARG A 47 -1.17 -8.19 13.67
N GLN A 48 -1.05 -7.64 12.46
CA GLN A 48 -0.06 -6.61 12.20
C GLN A 48 -0.72 -5.32 11.69
N GLN A 49 -2.05 -5.27 11.83
CA GLN A 49 -2.79 -4.09 11.39
C GLN A 49 -2.20 -3.50 10.12
N CYS A 50 -1.87 -4.38 9.17
CA CYS A 50 -1.30 -3.95 7.90
C CYS A 50 -1.98 -4.64 6.72
N ALA A 51 -1.60 -4.25 5.51
CA ALA A 51 -2.19 -4.83 4.31
C ALA A 51 -1.25 -4.67 3.12
N PHE A 52 -1.03 -5.76 2.39
CA PHE A 52 -0.16 -5.74 1.22
C PHE A 52 -0.97 -5.66 -0.07
N ILE A 53 -0.86 -4.53 -0.76
CA ILE A 53 -1.59 -4.33 -2.00
C ILE A 53 -0.71 -4.67 -3.21
N GLN A 54 -1.12 -5.71 -3.94
CA GLN A 54 -0.37 -6.15 -5.12
C GLN A 54 -1.05 -5.69 -6.39
N PHE A 55 -0.26 -5.35 -7.41
CA PHE A 55 -0.79 -4.89 -8.68
C PHE A 55 -0.24 -5.72 -9.83
N ALA A 56 -1.05 -5.89 -10.87
CA ALA A 56 -0.64 -6.67 -12.04
C ALA A 56 0.45 -5.96 -12.81
N THR A 57 0.34 -4.63 -12.90
CA THR A 57 1.33 -3.83 -13.62
C THR A 57 1.91 -2.73 -12.73
N ARG A 58 3.21 -2.78 -12.52
CA ARG A 58 3.88 -1.78 -11.68
C ARG A 58 3.24 -0.41 -11.86
N GLN A 59 2.83 -0.11 -13.08
CA GLN A 59 2.20 1.17 -13.39
C GLN A 59 1.33 1.64 -12.23
N ALA A 60 0.29 0.86 -11.95
CA ALA A 60 -0.64 1.20 -10.87
C ALA A 60 0.08 1.24 -9.53
N ALA A 61 1.06 0.35 -9.35
CA ALA A 61 1.82 0.29 -8.11
C ALA A 61 2.51 1.63 -7.83
N GLU A 62 3.40 2.03 -8.72
CA GLU A 62 4.12 3.28 -8.58
C GLU A 62 3.18 4.42 -8.22
N VAL A 63 2.17 4.63 -9.06
CA VAL A 63 1.19 5.69 -8.83
C VAL A 63 0.69 5.67 -7.40
N ALA A 64 0.04 4.57 -7.01
CA ALA A 64 -0.48 4.43 -5.66
C ALA A 64 0.60 4.66 -4.62
N ALA A 65 1.80 4.16 -4.90
CA ALA A 65 2.93 4.32 -3.98
C ALA A 65 3.10 5.78 -3.58
N GLU A 66 3.43 6.62 -4.55
CA GLU A 66 3.63 8.05 -4.30
C GLU A 66 2.41 8.65 -3.63
N LYS A 67 1.23 8.25 -4.08
CA LYS A 67 -0.03 8.76 -3.52
C LYS A 67 -0.33 8.09 -2.18
N SER A 68 0.58 7.24 -1.73
CA SER A 68 0.41 6.53 -0.47
C SER A 68 1.49 6.92 0.54
N PHE A 69 2.68 7.24 0.02
CA PHE A 69 3.80 7.63 0.85
C PHE A 69 3.37 8.69 1.87
N ASN A 70 3.09 8.25 3.10
CA ASN A 70 2.66 9.17 4.15
C ASN A 70 1.64 10.17 3.63
N LYS A 71 0.85 9.74 2.66
CA LYS A 71 -0.18 10.59 2.07
C LYS A 71 -1.55 9.92 2.12
N LEU A 72 -1.56 8.61 1.95
CA LEU A 72 -2.80 7.84 1.98
C LEU A 72 -3.42 7.86 3.37
N ILE A 73 -4.38 8.75 3.58
CA ILE A 73 -5.06 8.86 4.86
C ILE A 73 -6.52 8.47 4.75
N VAL A 74 -6.81 7.21 5.00
CA VAL A 74 -8.18 6.70 4.92
C VAL A 74 -8.92 6.92 6.25
N ASN A 75 -10.22 7.14 6.16
CA ASN A 75 -11.03 7.36 7.35
C ASN A 75 -10.34 8.30 8.32
N GLY A 76 -9.84 9.42 7.81
CA GLY A 76 -9.16 10.38 8.65
C GLY A 76 -8.14 9.74 9.57
N ARG A 77 -7.51 8.67 9.09
CA ARG A 77 -6.52 7.94 9.88
C ARG A 77 -5.27 7.66 9.05
N ARG A 78 -4.24 8.49 9.24
CA ARG A 78 -2.99 8.32 8.51
C ARG A 78 -2.58 6.86 8.46
N LEU A 79 -2.08 6.43 7.30
CA LEU A 79 -1.64 5.04 7.12
C LEU A 79 -0.18 4.99 6.70
N ASN A 80 0.58 4.11 7.35
CA ASN A 80 2.00 3.96 7.05
C ASN A 80 2.20 3.04 5.85
N VAL A 81 2.46 3.64 4.68
CA VAL A 81 2.67 2.88 3.46
C VAL A 81 4.16 2.82 3.10
N LYS A 82 4.57 1.71 2.51
CA LYS A 82 5.96 1.53 2.11
C LYS A 82 6.07 0.50 0.99
N TRP A 83 7.26 0.40 0.40
CA TRP A 83 7.51 -0.55 -0.67
C TRP A 83 7.77 -1.94 -0.12
N GLY A 84 6.99 -2.92 -0.59
CA GLY A 84 7.17 -4.28 -0.13
C GLY A 84 8.56 -4.82 -0.40
N ARG A 85 8.64 -5.91 -1.17
CA ARG A 85 9.91 -6.52 -1.51
C ARG A 85 11.00 -5.45 -1.64
N GLY A 1 25.56 15.71 0.85
CA GLY A 1 25.61 14.41 1.48
C GLY A 1 24.73 13.39 0.78
N SER A 2 25.18 12.91 -0.36
CA SER A 2 24.42 11.93 -1.14
C SER A 2 24.98 10.53 -0.95
N SER A 3 24.33 9.76 -0.07
CA SER A 3 24.76 8.39 0.21
C SER A 3 24.37 7.45 -0.92
N GLY A 4 23.10 7.50 -1.32
CA GLY A 4 22.63 6.66 -2.39
C GLY A 4 21.65 5.60 -1.90
N SER A 5 21.58 4.48 -2.63
CA SER A 5 20.67 3.41 -2.27
C SER A 5 21.12 2.09 -2.91
N SER A 6 21.48 1.13 -2.07
CA SER A 6 21.93 -0.18 -2.55
C SER A 6 20.79 -0.92 -3.25
N GLY A 7 21.08 -1.50 -4.41
CA GLY A 7 20.07 -2.23 -5.15
C GLY A 7 18.96 -1.33 -5.65
N GLU A 8 17.99 -1.93 -6.35
CA GLU A 8 16.86 -1.17 -6.88
C GLU A 8 15.58 -1.99 -6.80
N ASP A 9 14.45 -1.34 -7.07
CA ASP A 9 13.15 -2.00 -7.03
C ASP A 9 12.96 -2.90 -8.25
N LYS A 10 13.03 -4.21 -8.02
CA LYS A 10 12.86 -5.17 -9.10
C LYS A 10 11.38 -5.36 -9.45
N THR A 11 10.88 -4.55 -10.37
CA THR A 11 9.50 -4.62 -10.79
C THR A 11 8.59 -4.93 -9.60
N ILE A 12 8.87 -4.31 -8.46
CA ILE A 12 8.07 -4.52 -7.26
C ILE A 12 6.69 -3.89 -7.39
N THR A 13 5.71 -4.69 -7.78
CA THR A 13 4.35 -4.20 -7.95
C THR A 13 3.53 -4.42 -6.68
N THR A 14 4.16 -4.23 -5.53
CA THR A 14 3.50 -4.40 -4.24
C THR A 14 3.74 -3.20 -3.33
N LEU A 15 2.74 -2.85 -2.54
CA LEU A 15 2.85 -1.72 -1.62
C LEU A 15 2.29 -2.08 -0.25
N TYR A 16 3.08 -1.85 0.79
CA TYR A 16 2.67 -2.16 2.16
C TYR A 16 1.87 -1.01 2.76
N VAL A 17 0.87 -1.35 3.56
CA VAL A 17 0.02 -0.34 4.19
C VAL A 17 -0.32 -0.73 5.63
N GLY A 18 0.31 -0.04 6.58
CA GLY A 18 0.06 -0.33 7.99
C GLY A 18 -0.87 0.67 8.63
N GLY A 19 -1.18 0.46 9.91
CA GLY A 19 -2.07 1.37 10.61
C GLY A 19 -3.50 1.24 10.16
N LEU A 20 -3.96 0.00 9.96
CA LEU A 20 -5.33 -0.24 9.52
C LEU A 20 -6.32 0.06 10.64
N GLY A 21 -6.22 -0.68 11.73
CA GLY A 21 -7.11 -0.47 12.86
C GLY A 21 -8.53 -0.94 12.57
N ASP A 22 -9.18 -1.49 13.59
CA ASP A 22 -10.54 -1.99 13.44
C ASP A 22 -11.37 -1.04 12.57
N THR A 23 -11.02 0.24 12.61
CA THR A 23 -11.73 1.24 11.82
C THR A 23 -11.64 0.96 10.33
N ILE A 24 -10.41 0.79 9.85
CA ILE A 24 -10.19 0.50 8.43
C ILE A 24 -10.32 -1.00 8.15
N THR A 25 -10.67 -1.32 6.91
CA THR A 25 -10.82 -2.71 6.50
C THR A 25 -10.15 -2.98 5.16
N GLU A 26 -10.21 -4.23 4.71
CA GLU A 26 -9.61 -4.61 3.44
C GLU A 26 -10.26 -3.88 2.28
N THR A 27 -11.57 -4.08 2.13
CA THR A 27 -12.33 -3.44 1.05
C THR A 27 -11.94 -1.97 0.91
N ASP A 28 -12.05 -1.23 2.02
CA ASP A 28 -11.71 0.18 2.01
C ASP A 28 -10.46 0.45 1.17
N LEU A 29 -9.43 -0.36 1.39
CA LEU A 29 -8.18 -0.22 0.66
C LEU A 29 -8.32 -0.75 -0.76
N ARG A 30 -8.79 -1.99 -0.88
CA ARG A 30 -8.96 -2.61 -2.19
C ARG A 30 -9.56 -1.63 -3.19
N ASN A 31 -10.58 -0.88 -2.74
CA ASN A 31 -11.24 0.09 -3.60
C ASN A 31 -10.36 1.34 -3.78
N HIS A 32 -9.83 1.84 -2.67
CA HIS A 32 -8.97 3.02 -2.72
C HIS A 32 -7.85 2.85 -3.73
N PHE A 33 -7.29 1.64 -3.79
CA PHE A 33 -6.20 1.35 -4.72
C PHE A 33 -6.76 0.89 -6.07
N TYR A 34 -7.75 0.01 -6.04
CA TYR A 34 -8.35 -0.51 -7.25
C TYR A 34 -8.52 0.61 -8.30
N GLN A 35 -8.65 1.84 -7.81
CA GLN A 35 -8.80 2.98 -8.69
C GLN A 35 -7.58 3.16 -9.59
N PHE A 36 -6.40 3.08 -8.99
CA PHE A 36 -5.16 3.23 -9.72
C PHE A 36 -5.10 2.26 -10.90
N GLY A 37 -5.37 0.99 -10.62
CA GLY A 37 -5.34 -0.02 -11.66
C GLY A 37 -5.85 -1.37 -11.18
N GLU A 38 -5.29 -2.43 -11.73
CA GLU A 38 -5.68 -3.78 -11.36
C GLU A 38 -4.85 -4.30 -10.19
N ILE A 39 -5.52 -4.68 -9.11
CA ILE A 39 -4.84 -5.19 -7.93
C ILE A 39 -4.69 -6.71 -7.99
N ARG A 40 -3.45 -7.17 -8.09
CA ARG A 40 -3.17 -8.60 -8.16
C ARG A 40 -3.75 -9.32 -6.94
N THR A 41 -3.48 -8.79 -5.75
CA THR A 41 -3.96 -9.39 -4.52
C THR A 41 -3.84 -8.41 -3.35
N ILE A 42 -4.43 -8.77 -2.22
CA ILE A 42 -4.38 -7.92 -1.03
C ILE A 42 -4.31 -8.76 0.23
N THR A 43 -3.16 -8.73 0.91
CA THR A 43 -2.97 -9.50 2.13
C THR A 43 -3.07 -8.60 3.35
N VAL A 44 -4.23 -8.59 3.99
CA VAL A 44 -4.45 -7.78 5.19
C VAL A 44 -4.10 -8.54 6.45
N VAL A 45 -3.00 -8.14 7.10
CA VAL A 45 -2.55 -8.79 8.33
C VAL A 45 -3.07 -8.05 9.55
N GLN A 46 -4.14 -8.56 10.15
CA GLN A 46 -4.72 -7.95 11.34
C GLN A 46 -3.72 -7.90 12.47
N ARG A 47 -3.20 -9.06 12.86
CA ARG A 47 -2.23 -9.15 13.95
C ARG A 47 -1.15 -8.06 13.80
N GLN A 48 -0.98 -7.58 12.58
CA GLN A 48 0.01 -6.54 12.31
C GLN A 48 -0.67 -5.21 11.99
N GLN A 49 -1.95 -5.27 11.70
CA GLN A 49 -2.72 -4.06 11.37
C GLN A 49 -2.20 -3.40 10.10
N CYS A 50 -1.96 -4.22 9.09
CA CYS A 50 -1.46 -3.72 7.81
C CYS A 50 -2.03 -4.53 6.65
N ALA A 51 -1.68 -4.12 5.43
CA ALA A 51 -2.15 -4.81 4.23
C ALA A 51 -1.17 -4.64 3.07
N PHE A 52 -1.00 -5.69 2.29
CA PHE A 52 -0.10 -5.65 1.14
C PHE A 52 -0.88 -5.59 -0.17
N ILE A 53 -0.86 -4.43 -0.80
CA ILE A 53 -1.57 -4.24 -2.06
C ILE A 53 -0.66 -4.56 -3.25
N GLN A 54 -1.05 -5.57 -4.03
CA GLN A 54 -0.29 -5.99 -5.19
C GLN A 54 -0.96 -5.55 -6.48
N PHE A 55 -0.17 -5.29 -7.51
CA PHE A 55 -0.70 -4.87 -8.81
C PHE A 55 -0.10 -5.70 -9.94
N ALA A 56 -0.87 -5.84 -11.02
CA ALA A 56 -0.41 -6.60 -12.17
C ALA A 56 0.64 -5.84 -12.96
N THR A 57 0.51 -4.51 -12.98
CA THR A 57 1.46 -3.67 -13.71
C THR A 57 2.02 -2.58 -12.80
N ARG A 58 3.33 -2.60 -12.60
CA ARG A 58 4.00 -1.62 -11.76
C ARG A 58 3.33 -0.25 -11.91
N GLN A 59 2.93 0.08 -13.13
CA GLN A 59 2.29 1.36 -13.39
C GLN A 59 1.40 1.79 -12.22
N ALA A 60 0.35 1.01 -11.98
CA ALA A 60 -0.57 1.31 -10.89
C ALA A 60 0.16 1.36 -9.55
N ALA A 61 1.02 0.38 -9.31
CA ALA A 61 1.79 0.33 -8.07
C ALA A 61 2.50 1.65 -7.80
N GLU A 62 3.47 1.98 -8.66
CA GLU A 62 4.23 3.22 -8.52
C GLU A 62 3.31 4.38 -8.17
N VAL A 63 2.26 4.57 -8.97
CA VAL A 63 1.30 5.64 -8.76
C VAL A 63 0.77 5.62 -7.33
N ALA A 64 0.06 4.55 -6.99
CA ALA A 64 -0.51 4.41 -5.65
C ALA A 64 0.53 4.69 -4.58
N ALA A 65 1.74 4.17 -4.78
CA ALA A 65 2.83 4.37 -3.82
C ALA A 65 2.93 5.84 -3.41
N GLU A 66 3.30 6.69 -4.35
CA GLU A 66 3.44 8.11 -4.07
C GLU A 66 2.16 8.68 -3.45
N LYS A 67 1.02 8.30 -4.02
CA LYS A 67 -0.27 8.74 -3.53
C LYS A 67 -0.59 8.11 -2.17
N SER A 68 0.30 7.26 -1.70
CA SER A 68 0.11 6.58 -0.42
C SER A 68 1.23 6.95 0.57
N PHE A 69 2.37 7.35 0.02
CA PHE A 69 3.52 7.72 0.84
C PHE A 69 3.12 8.79 1.86
N ASN A 70 2.95 8.38 3.12
CA ASN A 70 2.57 9.30 4.18
C ASN A 70 1.49 10.25 3.71
N LYS A 71 0.70 9.81 2.73
CA LYS A 71 -0.39 10.63 2.20
C LYS A 71 -1.72 9.89 2.27
N LEU A 72 -1.65 8.56 2.26
CA LEU A 72 -2.85 7.74 2.32
C LEU A 72 -3.52 7.85 3.69
N ILE A 73 -4.54 8.69 3.77
CA ILE A 73 -5.26 8.89 5.02
C ILE A 73 -6.74 8.54 4.87
N VAL A 74 -7.09 7.31 5.25
CA VAL A 74 -8.47 6.85 5.16
C VAL A 74 -9.15 6.85 6.52
N ASN A 75 -10.44 7.16 6.54
CA ASN A 75 -11.20 7.20 7.78
C ASN A 75 -10.56 8.15 8.79
N GLY A 76 -10.08 9.28 8.29
CA GLY A 76 -9.44 10.25 9.17
C GLY A 76 -8.36 9.63 10.04
N ARG A 77 -7.69 8.62 9.50
CA ARG A 77 -6.63 7.94 10.22
C ARG A 77 -5.39 7.75 9.34
N ARG A 78 -4.36 8.55 9.59
CA ARG A 78 -3.13 8.46 8.81
C ARG A 78 -2.64 7.02 8.73
N LEU A 79 -2.01 6.68 7.61
CA LEU A 79 -1.49 5.34 7.41
C LEU A 79 -0.05 5.37 6.88
N ASN A 80 0.75 4.40 7.30
CA ASN A 80 2.14 4.33 6.87
C ASN A 80 2.30 3.35 5.71
N VAL A 81 2.53 3.90 4.51
CA VAL A 81 2.70 3.08 3.31
C VAL A 81 4.16 3.04 2.89
N LYS A 82 4.62 1.85 2.51
CA LYS A 82 6.00 1.67 2.08
C LYS A 82 6.12 0.52 1.07
N TRP A 83 7.08 0.64 0.16
CA TRP A 83 7.28 -0.39 -0.86
C TRP A 83 7.53 -1.75 -0.21
N GLY A 84 6.98 -2.80 -0.81
CA GLY A 84 7.14 -4.14 -0.28
C GLY A 84 8.48 -4.74 -0.66
N ARG A 85 8.44 -5.92 -1.28
CA ARG A 85 9.66 -6.61 -1.69
C ARG A 85 9.62 -6.92 -3.19
#